data_7LIG
#
_entry.id   7LIG
#
_cell.length_a   1.00
_cell.length_b   1.00
_cell.length_c   1.00
_cell.angle_alpha   90.00
_cell.angle_beta   90.00
_cell.angle_gamma   90.00
#
_symmetry.space_group_name_H-M   'P 1'
#
loop_
_entity.id
_entity.type
_entity.pdbx_description
1 polymer MhOR5
2 non-polymer N,N-diethyl-3-methylbenzamide
#
_entity_poly.entity_id   1
_entity_poly.type   'polypeptide(L)'
_entity_poly.pdbx_seq_one_letter_code
;GPGRAKIDVDSVDHTDDYIHLRKWIKRIGIILRISGHWPFRLPHEKRNQHKSKFRQVYSCLVITLGFITCSCYCIGLCLS
ESIAQALNNITVTSYFLQSCVCYVSFIINSRKLETLFNYLFENEVVGCPRGYKMSSIKTTLFRCKFVAFSLGILSFFGWL
MWTLLPLAVLVVDSGATGGGNQTSLRFVEAWYPFDTTTSPMNEVIAIYEAVAMIFLITAPMSSDIMFCVLMIFIVEHLKC
LGMAIECTLKGISTNQHQNIGFDDSVSDVNVQRRIVIGKESPIQSIHVPIKECSRQSSDAVFREKRHGTHHQIIRSHNYT
DATSLCNIVDSHVKIYRTMEIVQSVYSSYFATLFFTSCLAVCALAYFLAATSTSFTRVPGMVLYLMYIFLRIFLLCLLAT
EVAEQGLNLCHAGYSSKLVLASDHVRSTIQAIATRAQIPLSITGARFFTVNLSFLASMAGVMLTYFIVLLQVNAKPKP
;
_entity_poly.pdbx_strand_id   A,B,C,D
#
loop_
_chem_comp.id
_chem_comp.type
_chem_comp.name
_chem_comp.formula
DE3 non-polymer N,N-diethyl-3-methylbenzamide 'C12 H17 N O'
#
# COMPACT_ATOMS: atom_id res chain seq x y z
N ASP A 16 -46.64 -5.15 -15.59
CA ASP A 16 -45.78 -4.48 -14.61
C ASP A 16 -44.32 -4.86 -14.82
N ASP A 17 -43.43 -3.93 -14.53
CA ASP A 17 -42.00 -4.20 -14.63
C ASP A 17 -41.53 -5.05 -13.45
N TYR A 18 -42.10 -4.82 -12.27
CA TYR A 18 -41.58 -5.38 -11.03
C TYR A 18 -41.71 -6.89 -11.00
N ILE A 19 -42.85 -7.41 -11.47
CA ILE A 19 -43.05 -8.87 -11.57
C ILE A 19 -42.04 -9.48 -12.53
N HIS A 20 -41.62 -8.71 -13.56
CA HIS A 20 -40.54 -9.11 -14.45
C HIS A 20 -39.28 -9.46 -13.66
N LEU A 21 -38.93 -8.62 -12.68
CA LEU A 21 -37.79 -8.87 -11.82
C LEU A 21 -37.93 -10.19 -11.09
N ARG A 22 -39.15 -10.48 -10.61
CA ARG A 22 -39.47 -11.77 -10.00
C ARG A 22 -39.06 -12.92 -10.89
N LYS A 23 -39.46 -12.86 -12.17
CA LYS A 23 -39.13 -13.87 -13.16
C LYS A 23 -37.64 -14.13 -13.18
N TRP A 24 -36.85 -13.07 -13.22
CA TRP A 24 -35.42 -13.22 -13.41
C TRP A 24 -34.77 -13.90 -12.21
N ILE A 25 -35.21 -13.54 -11.00
CA ILE A 25 -34.54 -14.14 -9.85
C ILE A 25 -34.93 -15.59 -9.73
N LYS A 26 -36.15 -15.93 -10.18
CA LYS A 26 -36.56 -17.32 -10.20
C LYS A 26 -35.69 -18.10 -11.17
N ARG A 27 -35.40 -17.49 -12.32
CA ARG A 27 -34.53 -18.11 -13.31
C ARG A 27 -33.15 -18.37 -12.73
N ILE A 28 -32.65 -17.42 -11.92
CA ILE A 28 -31.33 -17.59 -11.33
C ILE A 28 -31.34 -18.77 -10.38
N GLY A 29 -32.41 -18.88 -9.58
CA GLY A 29 -32.55 -20.02 -8.70
C GLY A 29 -32.63 -21.31 -9.49
N ILE A 30 -33.34 -21.29 -10.63
CA ILE A 30 -33.46 -22.47 -11.47
C ILE A 30 -32.10 -22.88 -11.99
N ILE A 31 -31.27 -21.89 -12.39
CA ILE A 31 -29.98 -22.27 -12.95
C ILE A 31 -29.06 -22.78 -11.85
N LEU A 32 -29.28 -22.32 -10.62
CA LEU A 32 -28.45 -22.78 -9.51
C LEU A 32 -28.84 -24.19 -9.11
N ARG A 33 -30.01 -24.66 -9.56
CA ARG A 33 -30.37 -26.04 -9.30
C ARG A 33 -30.18 -26.90 -10.55
N ILE A 34 -29.87 -26.28 -11.68
CA ILE A 34 -29.55 -27.08 -12.86
C ILE A 34 -28.14 -27.61 -12.77
N SER A 35 -27.20 -26.78 -12.35
CA SER A 35 -25.80 -27.17 -12.35
C SER A 35 -25.40 -28.02 -11.15
N GLY A 36 -26.36 -28.37 -10.31
CA GLY A 36 -26.11 -29.37 -9.29
C GLY A 36 -25.68 -28.84 -7.94
N HIS A 37 -25.91 -27.58 -7.63
CA HIS A 37 -25.69 -27.09 -6.28
C HIS A 37 -26.72 -27.67 -5.33
N TRP A 38 -26.44 -27.55 -4.04
CA TRP A 38 -27.34 -28.11 -3.04
C TRP A 38 -28.64 -27.29 -2.99
N PRO A 39 -29.79 -27.95 -3.06
CA PRO A 39 -31.05 -27.22 -3.21
C PRO A 39 -31.49 -26.61 -1.89
N PHE A 40 -31.70 -25.31 -1.88
CA PHE A 40 -32.22 -24.57 -0.74
C PHE A 40 -33.56 -23.96 -1.10
N ARG A 41 -34.22 -23.38 -0.09
CA ARG A 41 -35.56 -22.82 -0.27
C ARG A 41 -35.46 -21.52 -1.06
N LEU A 42 -36.13 -21.47 -2.20
CA LEU A 42 -36.29 -20.23 -2.93
C LEU A 42 -37.43 -19.42 -2.32
N PRO A 43 -37.46 -18.10 -2.56
CA PRO A 43 -38.58 -17.31 -2.02
C PRO A 43 -39.92 -17.65 -2.62
N HIS A 44 -39.99 -17.94 -3.92
CA HIS A 44 -41.27 -18.21 -4.55
C HIS A 44 -41.79 -19.59 -4.21
N GLU A 45 -40.91 -20.49 -3.76
CA GLU A 45 -41.34 -21.83 -3.41
C GLU A 45 -41.93 -21.83 -2.00
N LYS A 46 -43.14 -22.38 -1.86
CA LYS A 46 -43.82 -22.44 -0.57
C LYS A 46 -44.55 -23.77 -0.37
N ARG A 47 -44.02 -24.86 -0.91
CA ARG A 47 -44.56 -26.18 -0.67
C ARG A 47 -43.51 -27.13 -0.12
N ASN A 48 -42.44 -26.56 0.47
CA ASN A 48 -41.27 -27.29 0.96
C ASN A 48 -40.67 -28.18 -0.13
N GLN A 49 -40.54 -27.61 -1.32
CA GLN A 49 -40.14 -28.39 -2.49
C GLN A 49 -38.63 -28.69 -2.47
N HIS A 50 -37.85 -27.87 -1.77
CA HIS A 50 -36.40 -28.00 -1.83
C HIS A 50 -35.90 -29.21 -1.05
N LYS A 51 -36.71 -29.75 -0.14
CA LYS A 51 -36.35 -30.95 0.61
C LYS A 51 -36.68 -32.25 -0.13
N SER A 52 -37.03 -32.17 -1.41
CA SER A 52 -37.31 -33.38 -2.18
C SER A 52 -36.03 -34.16 -2.43
N LYS A 53 -36.16 -35.48 -2.49
CA LYS A 53 -34.99 -36.32 -2.78
C LYS A 53 -34.69 -36.34 -4.27
N PHE A 54 -35.70 -36.05 -5.09
CA PHE A 54 -35.53 -36.06 -6.54
C PHE A 54 -34.57 -34.97 -7.00
N ARG A 55 -34.51 -33.86 -6.27
CA ARG A 55 -33.53 -32.81 -6.54
C ARG A 55 -32.25 -32.98 -5.72
N GLN A 56 -32.27 -33.86 -4.72
CA GLN A 56 -31.08 -34.04 -3.89
C GLN A 56 -30.13 -35.06 -4.49
N VAL A 57 -30.67 -36.14 -5.05
CA VAL A 57 -29.82 -37.15 -5.67
C VAL A 57 -29.17 -36.61 -6.93
N TYR A 58 -29.83 -35.63 -7.57
CA TYR A 58 -29.26 -34.91 -8.70
C TYR A 58 -27.98 -34.20 -8.28
N SER A 59 -28.06 -33.39 -7.22
CA SER A 59 -26.91 -32.62 -6.79
C SER A 59 -25.81 -33.52 -6.25
N CYS A 60 -26.18 -34.60 -5.57
CA CYS A 60 -25.15 -35.53 -5.07
C CYS A 60 -24.44 -36.25 -6.20
N LEU A 61 -25.19 -36.68 -7.23
CA LEU A 61 -24.58 -37.36 -8.37
C LEU A 61 -23.65 -36.43 -9.14
N VAL A 62 -24.08 -35.20 -9.38
CA VAL A 62 -23.26 -34.25 -10.15
C VAL A 62 -22.03 -33.84 -9.35
N ILE A 63 -22.16 -33.68 -8.03
CA ILE A 63 -21.03 -33.30 -7.21
C ILE A 63 -20.00 -34.42 -7.13
N THR A 64 -20.46 -35.67 -7.02
CA THR A 64 -19.53 -36.80 -6.99
C THR A 64 -18.83 -36.98 -8.33
N LEU A 65 -19.57 -36.79 -9.43
CA LEU A 65 -18.97 -36.89 -10.76
C LEU A 65 -17.91 -35.81 -10.98
N GLY A 66 -18.22 -34.57 -10.55
CA GLY A 66 -17.25 -33.50 -10.66
C GLY A 66 -16.03 -33.73 -9.79
N PHE A 67 -16.24 -34.32 -8.61
CA PHE A 67 -15.12 -34.64 -7.71
C PHE A 67 -14.20 -35.67 -8.32
N ILE A 68 -14.75 -36.76 -8.88
CA ILE A 68 -13.88 -37.80 -9.40
C ILE A 68 -13.20 -37.35 -10.70
N THR A 69 -13.88 -36.49 -11.48
CA THR A 69 -13.23 -35.96 -12.68
C THR A 69 -12.09 -35.01 -12.32
N CYS A 70 -12.31 -34.13 -11.33
CA CYS A 70 -11.25 -33.25 -10.86
C CYS A 70 -10.11 -34.02 -10.22
N SER A 71 -10.40 -35.15 -9.58
CA SER A 71 -9.34 -35.92 -8.95
C SER A 71 -8.50 -36.66 -9.99
N CYS A 72 -9.14 -37.20 -11.03
CA CYS A 72 -8.39 -37.82 -12.12
C CYS A 72 -7.54 -36.79 -12.84
N TYR A 73 -8.06 -35.57 -13.02
CA TYR A 73 -7.24 -34.53 -13.65
C TYR A 73 -6.11 -34.07 -12.74
N CYS A 74 -6.34 -34.02 -11.44
CA CYS A 74 -5.32 -33.52 -10.52
C CYS A 74 -4.18 -34.52 -10.37
N ILE A 75 -4.48 -35.81 -10.25
CA ILE A 75 -3.40 -36.77 -10.21
C ILE A 75 -2.85 -37.04 -11.60
N GLY A 76 -3.56 -36.62 -12.65
CA GLY A 76 -2.97 -36.63 -13.98
C GLY A 76 -1.91 -35.57 -14.15
N LEU A 77 -1.95 -34.54 -13.31
CA LEU A 77 -0.95 -33.48 -13.39
C LEU A 77 0.39 -33.95 -12.84
N CYS A 78 0.37 -34.67 -11.72
CA CYS A 78 1.62 -35.08 -11.07
C CYS A 78 2.33 -36.17 -11.85
N LEU A 79 1.58 -36.94 -12.64
CA LEU A 79 2.19 -37.95 -13.52
C LEU A 79 2.38 -37.34 -14.91
N SER A 80 3.23 -36.33 -14.96
CA SER A 80 3.46 -35.55 -16.16
C SER A 80 4.68 -36.06 -16.90
N GLU A 81 4.68 -35.92 -18.22
CA GLU A 81 5.83 -36.31 -19.03
C GLU A 81 6.88 -35.22 -19.05
N SER A 82 6.48 -33.98 -19.29
CA SER A 82 7.41 -32.87 -19.41
C SER A 82 6.75 -31.60 -18.89
N ILE A 83 7.34 -30.47 -19.25
CA ILE A 83 6.84 -29.18 -18.78
C ILE A 83 5.55 -28.80 -19.51
N ALA A 84 5.50 -29.08 -20.82
CA ALA A 84 4.37 -28.65 -21.64
C ALA A 84 3.08 -29.40 -21.25
N GLN A 85 3.18 -30.70 -21.03
CA GLN A 85 2.02 -31.46 -20.56
C GLN A 85 1.62 -31.04 -19.16
N ALA A 86 2.60 -30.61 -18.35
CA ALA A 86 2.29 -30.12 -17.01
C ALA A 86 1.46 -28.85 -17.06
N LEU A 87 1.82 -27.91 -17.94
CA LEU A 87 1.05 -26.68 -18.03
C LEU A 87 -0.32 -26.92 -18.68
N ASN A 88 -0.35 -27.83 -19.68
CA ASN A 88 -1.60 -28.18 -20.34
C ASN A 88 -2.55 -28.88 -19.38
N ASN A 89 -2.01 -29.52 -18.34
CA ASN A 89 -2.86 -29.98 -17.25
C ASN A 89 -3.18 -28.87 -16.26
N ILE A 90 -2.25 -27.92 -16.08
CA ILE A 90 -2.39 -26.88 -15.06
C ILE A 90 -3.61 -26.02 -15.31
N THR A 91 -3.86 -25.68 -16.57
CA THR A 91 -4.98 -24.80 -16.89
C THR A 91 -6.34 -25.43 -16.52
N VAL A 92 -6.60 -26.63 -17.05
CA VAL A 92 -7.88 -27.28 -16.84
C VAL A 92 -8.04 -27.70 -15.38
N THR A 93 -6.95 -28.08 -14.72
CA THR A 93 -7.06 -28.45 -13.32
C THR A 93 -7.32 -27.24 -12.44
N SER A 94 -6.80 -26.07 -12.85
CA SER A 94 -7.08 -24.83 -12.12
C SER A 94 -8.56 -24.51 -12.17
N TYR A 95 -9.15 -24.58 -13.37
CA TYR A 95 -10.58 -24.31 -13.49
C TYR A 95 -11.42 -25.37 -12.77
N PHE A 96 -10.95 -26.61 -12.78
CA PHE A 96 -11.72 -27.69 -12.18
C PHE A 96 -11.71 -27.60 -10.64
N LEU A 97 -10.58 -27.25 -10.05
CA LEU A 97 -10.59 -27.09 -8.60
C LEU A 97 -11.24 -25.79 -8.17
N GLN A 98 -11.30 -24.78 -9.04
CA GLN A 98 -12.22 -23.67 -8.80
C GLN A 98 -13.66 -24.15 -8.66
N SER A 99 -14.08 -25.00 -9.59
CA SER A 99 -15.43 -25.56 -9.55
C SER A 99 -15.66 -26.38 -8.28
N CYS A 100 -14.64 -27.13 -7.85
CA CYS A 100 -14.79 -27.95 -6.65
C CYS A 100 -14.87 -27.11 -5.38
N VAL A 101 -14.06 -26.05 -5.29
CA VAL A 101 -14.13 -25.15 -4.14
C VAL A 101 -15.50 -24.47 -4.08
N CYS A 102 -16.02 -24.08 -5.26
CA CYS A 102 -17.36 -23.48 -5.30
C CYS A 102 -18.43 -24.48 -4.87
N TYR A 103 -18.31 -25.74 -5.28
CA TYR A 103 -19.25 -26.78 -4.88
C TYR A 103 -19.27 -26.95 -3.36
N VAL A 104 -18.09 -27.04 -2.75
CA VAL A 104 -18.00 -27.21 -1.30
C VAL A 104 -18.56 -26.00 -0.58
N SER A 105 -18.25 -24.79 -1.07
CA SER A 105 -18.67 -23.57 -0.39
C SER A 105 -20.17 -23.36 -0.49
N PHE A 106 -20.80 -23.86 -1.55
CA PHE A 106 -22.25 -23.78 -1.61
C PHE A 106 -22.91 -24.94 -0.86
N ILE A 107 -22.17 -26.04 -0.66
CA ILE A 107 -22.70 -27.15 0.13
C ILE A 107 -22.78 -26.76 1.60
N ILE A 108 -21.74 -26.09 2.11
CA ILE A 108 -21.65 -25.82 3.53
C ILE A 108 -22.69 -24.79 3.96
N ASN A 109 -22.62 -23.60 3.38
CA ASN A 109 -23.48 -22.49 3.80
C ASN A 109 -24.79 -22.44 3.05
N SER A 110 -25.65 -23.45 3.25
CA SER A 110 -26.92 -23.48 2.54
C SER A 110 -27.91 -22.51 3.15
N ARG A 111 -27.81 -22.25 4.46
CA ARG A 111 -28.82 -21.47 5.14
C ARG A 111 -28.72 -19.98 4.77
N LYS A 112 -27.50 -19.48 4.57
CA LYS A 112 -27.33 -18.07 4.27
C LYS A 112 -27.83 -17.73 2.87
N LEU A 113 -27.82 -18.70 1.96
CA LEU A 113 -28.31 -18.46 0.61
C LEU A 113 -29.81 -18.22 0.60
N GLU A 114 -30.54 -18.85 1.52
CA GLU A 114 -31.97 -18.58 1.61
C GLU A 114 -32.25 -17.15 2.05
N THR A 115 -31.49 -16.64 3.02
CA THR A 115 -31.66 -15.26 3.45
C THR A 115 -31.24 -14.28 2.36
N LEU A 116 -30.22 -14.66 1.59
CA LEU A 116 -29.79 -13.80 0.48
C LEU A 116 -30.85 -13.74 -0.61
N PHE A 117 -31.47 -14.88 -0.94
CA PHE A 117 -32.51 -14.86 -1.95
C PHE A 117 -33.79 -14.25 -1.43
N ASN A 118 -33.98 -14.24 -0.10
CA ASN A 118 -35.10 -13.50 0.46
C ASN A 118 -34.85 -12.00 0.45
N TYR A 119 -33.58 -11.60 0.50
CA TYR A 119 -33.25 -10.19 0.36
C TYR A 119 -33.54 -9.66 -1.03
N LEU A 120 -33.29 -10.44 -2.08
CA LEU A 120 -33.60 -10.04 -3.44
C LEU A 120 -35.09 -10.01 -3.70
N PHE A 121 -35.86 -10.83 -2.98
CA PHE A 121 -37.30 -10.92 -3.22
C PHE A 121 -38.01 -9.65 -2.79
N GLU A 122 -37.70 -9.15 -1.58
CA GLU A 122 -38.25 -7.88 -1.10
C GLU A 122 -37.09 -7.05 -0.50
N ASN A 123 -36.94 -5.84 -1.03
CA ASN A 123 -35.93 -4.90 -0.58
C ASN A 123 -36.45 -3.47 -0.63
N GLU A 124 -37.77 -3.31 -0.49
CA GLU A 124 -38.44 -2.06 -0.83
C GLU A 124 -38.07 -0.95 0.13
N VAL A 125 -37.34 0.04 -0.38
CA VAL A 125 -36.90 1.20 0.38
C VAL A 125 -38.10 2.13 0.60
N VAL A 126 -38.17 2.74 1.78
CA VAL A 126 -39.24 3.68 2.09
C VAL A 126 -38.65 5.08 2.13
N GLY A 127 -39.39 6.04 1.59
CA GLY A 127 -39.00 7.43 1.63
C GLY A 127 -38.43 7.99 0.34
N CYS A 128 -38.09 7.13 -0.62
CA CYS A 128 -37.57 7.60 -1.89
C CYS A 128 -38.68 8.23 -2.72
N PRO A 129 -38.35 9.27 -3.49
CA PRO A 129 -39.33 9.78 -4.48
C PRO A 129 -39.65 8.72 -5.52
N ARG A 130 -40.91 8.72 -5.97
CA ARG A 130 -41.41 7.64 -6.81
C ARG A 130 -40.83 7.68 -8.22
N GLY A 131 -40.32 8.84 -8.65
CA GLY A 131 -39.81 8.94 -10.01
C GLY A 131 -38.47 8.26 -10.22
N TYR A 132 -37.81 7.89 -9.13
CA TYR A 132 -36.47 7.31 -9.23
C TYR A 132 -36.50 5.79 -9.37
N LYS A 133 -37.53 5.16 -8.80
CA LYS A 133 -37.58 3.70 -8.71
C LYS A 133 -37.72 3.05 -10.08
N MET A 134 -38.42 3.71 -11.00
CA MET A 134 -38.64 3.15 -12.32
C MET A 134 -37.33 3.04 -13.10
N SER A 135 -36.57 4.16 -13.15
CA SER A 135 -35.29 4.15 -13.83
C SER A 135 -34.30 3.22 -13.13
N SER A 136 -34.40 3.10 -11.81
CA SER A 136 -33.53 2.18 -11.07
C SER A 136 -33.81 0.72 -11.48
N ILE A 137 -35.09 0.36 -11.58
CA ILE A 137 -35.45 -1.00 -11.98
C ILE A 137 -35.04 -1.28 -13.42
N LYS A 138 -35.17 -0.27 -14.30
CA LYS A 138 -34.77 -0.46 -15.69
C LYS A 138 -33.27 -0.67 -15.82
N THR A 139 -32.48 0.13 -15.10
CA THR A 139 -31.03 -0.03 -15.13
C THR A 139 -30.61 -1.37 -14.54
N THR A 140 -31.30 -1.80 -13.48
CA THR A 140 -31.00 -3.09 -12.86
C THR A 140 -31.26 -4.25 -13.81
N LEU A 141 -32.42 -4.24 -14.48
CA LEU A 141 -32.73 -5.30 -15.43
C LEU A 141 -31.78 -5.31 -16.62
N PHE A 142 -31.39 -4.13 -17.09
CA PHE A 142 -30.48 -4.06 -18.23
C PHE A 142 -29.11 -4.63 -17.88
N ARG A 143 -28.55 -4.22 -16.74
CA ARG A 143 -27.21 -4.70 -16.38
C ARG A 143 -27.23 -6.19 -16.03
N CYS A 144 -28.31 -6.65 -15.39
CA CYS A 144 -28.46 -8.07 -15.08
C CYS A 144 -28.49 -8.92 -16.35
N LYS A 145 -29.33 -8.54 -17.32
CA LYS A 145 -29.41 -9.26 -18.59
C LYS A 145 -28.08 -9.25 -19.31
N PHE A 146 -27.38 -8.11 -19.27
CA PHE A 146 -26.09 -7.98 -19.94
C PHE A 146 -25.06 -8.96 -19.39
N VAL A 147 -24.86 -8.96 -18.07
CA VAL A 147 -23.81 -9.80 -17.49
C VAL A 147 -24.16 -11.28 -17.63
N ALA A 148 -25.44 -11.62 -17.47
CA ALA A 148 -25.86 -13.02 -17.53
C ALA A 148 -25.69 -13.58 -18.93
N PHE A 149 -26.22 -12.88 -19.94
CA PHE A 149 -26.13 -13.39 -21.30
C PHE A 149 -24.70 -13.35 -21.82
N SER A 150 -23.90 -12.37 -21.37
CA SER A 150 -22.50 -12.30 -21.79
C SER A 150 -21.72 -13.52 -21.32
N LEU A 151 -21.76 -13.82 -20.02
CA LEU A 151 -21.00 -14.96 -19.52
C LEU A 151 -21.56 -16.27 -20.05
N GLY A 152 -22.89 -16.36 -20.24
CA GLY A 152 -23.46 -17.59 -20.76
C GLY A 152 -23.06 -17.88 -22.20
N ILE A 153 -23.08 -16.86 -23.06
CA ILE A 153 -22.76 -17.07 -24.46
C ILE A 153 -21.27 -17.35 -24.63
N LEU A 154 -20.41 -16.64 -23.86
CA LEU A 154 -18.97 -16.93 -23.95
C LEU A 154 -18.65 -18.32 -23.43
N SER A 155 -19.33 -18.77 -22.38
CA SER A 155 -19.13 -20.12 -21.87
C SER A 155 -19.57 -21.17 -22.88
N PHE A 156 -20.71 -20.94 -23.54
CA PHE A 156 -21.19 -21.92 -24.50
C PHE A 156 -20.25 -22.02 -25.71
N PHE A 157 -19.75 -20.88 -26.19
CA PHE A 157 -18.82 -20.92 -27.32
C PHE A 157 -17.50 -21.58 -26.96
N GLY A 158 -16.98 -21.28 -25.76
CA GLY A 158 -15.72 -21.89 -25.33
C GLY A 158 -15.84 -23.39 -25.15
N TRP A 159 -16.93 -23.85 -24.53
CA TRP A 159 -17.14 -25.29 -24.37
C TRP A 159 -17.33 -25.97 -25.70
N LEU A 160 -18.11 -25.36 -26.60
CA LEU A 160 -18.38 -25.95 -27.91
C LEU A 160 -17.10 -26.12 -28.71
N MET A 161 -16.27 -25.07 -28.74
CA MET A 161 -14.97 -25.16 -29.39
C MET A 161 -14.12 -26.26 -28.78
N TRP A 162 -13.75 -26.11 -27.49
CA TRP A 162 -12.81 -27.01 -26.81
C TRP A 162 -13.25 -28.47 -26.80
N THR A 163 -14.55 -28.75 -26.80
CA THR A 163 -15.00 -30.12 -26.73
C THR A 163 -15.34 -30.72 -28.08
N LEU A 164 -16.02 -30.00 -28.97
CA LEU A 164 -16.51 -30.60 -30.20
C LEU A 164 -15.60 -30.38 -31.40
N LEU A 165 -14.67 -29.44 -31.35
CA LEU A 165 -13.78 -29.22 -32.49
C LEU A 165 -12.84 -30.39 -32.81
N PRO A 166 -12.25 -31.13 -31.86
CA PRO A 166 -11.47 -32.30 -32.28
C PRO A 166 -12.34 -33.49 -32.69
N LEU A 167 -13.60 -33.54 -32.28
CA LEU A 167 -14.46 -34.66 -32.67
C LEU A 167 -14.79 -34.61 -34.16
N ALA A 168 -14.93 -33.42 -34.71
CA ALA A 168 -15.23 -33.28 -36.14
C ALA A 168 -14.05 -33.66 -37.04
N VAL A 169 -12.87 -33.89 -36.49
CA VAL A 169 -11.74 -34.29 -37.31
C VAL A 169 -11.82 -35.80 -37.59
N LEU A 170 -12.23 -36.59 -36.61
CA LEU A 170 -12.12 -38.04 -36.74
C LEU A 170 -13.44 -38.78 -36.65
N VAL A 171 -14.36 -38.36 -35.77
CA VAL A 171 -15.52 -39.18 -35.45
C VAL A 171 -16.54 -39.16 -36.59
N VAL A 172 -16.47 -38.13 -37.45
CA VAL A 172 -17.38 -38.06 -38.59
C VAL A 172 -17.05 -39.16 -39.60
N ASP A 173 -15.77 -39.55 -39.69
CA ASP A 173 -15.37 -40.64 -40.56
C ASP A 173 -15.64 -41.98 -39.90
N GLN A 182 -4.51 -40.42 -34.98
CA GLN A 182 -5.41 -41.56 -34.95
C GLN A 182 -6.08 -41.69 -33.59
N THR A 183 -5.26 -41.73 -32.54
CA THR A 183 -5.79 -41.71 -31.18
C THR A 183 -5.83 -40.29 -30.66
N SER A 184 -6.03 -40.14 -29.34
CA SER A 184 -5.99 -38.85 -28.63
C SER A 184 -7.01 -37.86 -29.17
N LEU A 185 -8.29 -38.18 -28.96
CA LEU A 185 -9.37 -37.29 -29.36
C LEU A 185 -9.38 -36.02 -28.50
N ARG A 186 -9.26 -36.18 -27.19
CA ARG A 186 -9.27 -35.04 -26.29
C ARG A 186 -7.97 -34.25 -26.40
N PHE A 187 -8.00 -33.00 -25.93
CA PHE A 187 -6.83 -32.15 -26.05
C PHE A 187 -5.75 -32.54 -25.05
N VAL A 188 -6.10 -32.67 -23.78
CA VAL A 188 -5.14 -33.02 -22.75
C VAL A 188 -5.63 -34.29 -22.07
N GLU A 189 -4.73 -35.26 -21.90
CA GLU A 189 -5.08 -36.52 -21.28
C GLU A 189 -5.13 -36.37 -19.76
N ALA A 190 -5.63 -37.41 -19.10
CA ALA A 190 -5.71 -37.45 -17.66
C ALA A 190 -5.42 -38.86 -17.16
N TRP A 191 -5.30 -38.99 -15.85
CA TRP A 191 -5.14 -40.31 -15.26
C TRP A 191 -6.45 -41.07 -15.32
N TYR A 192 -6.37 -42.36 -15.65
CA TYR A 192 -7.54 -43.22 -15.68
C TYR A 192 -7.11 -44.62 -15.29
N PRO A 193 -8.01 -45.41 -14.70
CA PRO A 193 -7.69 -46.84 -14.51
C PRO A 193 -7.77 -47.61 -15.81
N PHE A 194 -8.67 -47.23 -16.71
CA PHE A 194 -8.76 -47.85 -18.02
C PHE A 194 -7.60 -47.41 -18.90
N ASP A 195 -7.45 -48.11 -20.03
CA ASP A 195 -6.37 -47.79 -20.95
C ASP A 195 -6.63 -46.47 -21.67
N THR A 196 -7.85 -46.29 -22.18
CA THR A 196 -8.35 -45.07 -22.84
C THR A 196 -7.59 -44.66 -24.10
N THR A 197 -6.69 -45.52 -24.58
CA THR A 197 -6.01 -45.22 -25.83
C THR A 197 -6.58 -46.05 -26.98
N THR A 198 -7.16 -47.20 -26.66
CA THR A 198 -7.73 -48.05 -27.68
C THR A 198 -9.06 -47.50 -28.17
N SER A 199 -9.41 -47.85 -29.40
CA SER A 199 -10.68 -47.46 -29.98
C SER A 199 -11.94 -47.98 -29.26
N PRO A 200 -11.94 -49.09 -28.51
CA PRO A 200 -13.13 -49.37 -27.68
C PRO A 200 -13.46 -48.29 -26.64
N MET A 201 -12.47 -47.66 -26.01
CA MET A 201 -12.73 -46.88 -24.81
C MET A 201 -12.66 -45.37 -25.02
N ASN A 202 -11.90 -44.89 -26.01
CA ASN A 202 -11.57 -43.46 -26.07
C ASN A 202 -12.80 -42.62 -26.43
N GLU A 203 -13.71 -43.17 -27.23
CA GLU A 203 -14.91 -42.43 -27.61
C GLU A 203 -15.85 -42.23 -26.42
N VAL A 204 -16.05 -43.27 -25.62
CA VAL A 204 -16.93 -43.13 -24.48
C VAL A 204 -16.26 -42.31 -23.38
N ILE A 205 -14.92 -42.31 -23.33
CA ILE A 205 -14.23 -41.39 -22.44
C ILE A 205 -14.44 -39.95 -22.90
N ALA A 206 -14.45 -39.71 -24.20
CA ALA A 206 -14.71 -38.36 -24.72
C ALA A 206 -16.13 -37.90 -24.39
N ILE A 207 -17.10 -38.82 -24.48
CA ILE A 207 -18.49 -38.47 -24.15
C ILE A 207 -18.62 -38.15 -22.66
N TYR A 208 -18.02 -38.98 -21.81
CA TYR A 208 -17.99 -38.72 -20.38
C TYR A 208 -17.35 -37.38 -20.05
N GLU A 209 -16.25 -37.06 -20.74
CA GLU A 209 -15.57 -35.79 -20.51
C GLU A 209 -16.41 -34.63 -20.99
N ALA A 210 -17.20 -34.84 -22.03
CA ALA A 210 -18.10 -33.78 -22.51
C ALA A 210 -19.14 -33.43 -21.47
N VAL A 211 -19.81 -34.44 -20.90
CA VAL A 211 -20.88 -34.11 -19.95
C VAL A 211 -20.31 -33.59 -18.62
N ALA A 212 -19.17 -34.14 -18.18
CA ALA A 212 -18.52 -33.61 -16.99
C ALA A 212 -18.01 -32.19 -17.22
N MET A 213 -17.60 -31.89 -18.45
CA MET A 213 -17.17 -30.56 -18.80
C MET A 213 -18.33 -29.58 -18.74
N ILE A 214 -19.51 -30.03 -19.19
CA ILE A 214 -20.71 -29.19 -19.12
C ILE A 214 -21.01 -28.79 -17.69
N PHE A 215 -21.02 -29.76 -16.77
CA PHE A 215 -21.39 -29.43 -15.40
C PHE A 215 -20.30 -28.61 -14.69
N LEU A 216 -19.03 -28.98 -14.88
CA LEU A 216 -17.94 -28.28 -14.23
C LEU A 216 -17.71 -26.88 -14.77
N ILE A 217 -18.12 -26.61 -16.00
CA ILE A 217 -18.13 -25.24 -16.49
C ILE A 217 -19.34 -24.48 -15.97
N THR A 218 -20.50 -25.12 -15.91
CA THR A 218 -21.75 -24.45 -15.55
C THR A 218 -21.80 -24.02 -14.08
N ALA A 219 -21.05 -24.69 -13.19
CA ALA A 219 -21.18 -24.27 -11.78
C ALA A 219 -20.57 -22.90 -11.42
N PRO A 220 -19.28 -22.62 -11.65
CA PRO A 220 -18.75 -21.34 -11.16
C PRO A 220 -19.25 -20.14 -11.95
N MET A 221 -19.61 -20.32 -13.22
CA MET A 221 -20.22 -19.25 -13.98
C MET A 221 -21.56 -18.82 -13.37
N SER A 222 -22.36 -19.80 -12.93
CA SER A 222 -23.61 -19.48 -12.27
C SER A 222 -23.38 -18.80 -10.92
N SER A 223 -22.31 -19.20 -10.22
CA SER A 223 -22.00 -18.52 -8.96
C SER A 223 -21.59 -17.06 -9.18
N ASP A 224 -20.79 -16.80 -10.21
CA ASP A 224 -20.41 -15.42 -10.50
C ASP A 224 -21.58 -14.60 -10.99
N ILE A 225 -22.54 -15.24 -11.69
CA ILE A 225 -23.74 -14.53 -12.09
C ILE A 225 -24.56 -14.12 -10.88
N MET A 226 -24.70 -15.02 -9.88
CA MET A 226 -25.42 -14.65 -8.67
C MET A 226 -24.72 -13.55 -7.88
N PHE A 227 -23.38 -13.59 -7.82
CA PHE A 227 -22.65 -12.53 -7.13
C PHE A 227 -22.81 -11.19 -7.83
N CYS A 228 -22.82 -11.19 -9.17
CA CYS A 228 -23.00 -9.95 -9.91
C CYS A 228 -24.40 -9.39 -9.70
N VAL A 229 -25.41 -10.25 -9.64
CA VAL A 229 -26.77 -9.81 -9.34
C VAL A 229 -26.84 -9.16 -7.97
N LEU A 230 -26.19 -9.78 -6.98
CA LEU A 230 -26.22 -9.24 -5.62
C LEU A 230 -25.52 -7.89 -5.54
N MET A 231 -24.39 -7.73 -6.23
CA MET A 231 -23.68 -6.45 -6.19
C MET A 231 -24.48 -5.36 -6.89
N ILE A 232 -25.14 -5.69 -8.00
CA ILE A 232 -25.97 -4.72 -8.71
C ILE A 232 -27.12 -4.24 -7.82
N PHE A 233 -27.76 -5.17 -7.13
CA PHE A 233 -28.87 -4.80 -6.25
C PHE A 233 -28.41 -3.97 -5.06
N ILE A 234 -27.22 -4.26 -4.53
CA ILE A 234 -26.74 -3.48 -3.40
C ILE A 234 -26.35 -2.07 -3.83
N VAL A 235 -25.82 -1.92 -5.05
CA VAL A 235 -25.52 -0.58 -5.57
C VAL A 235 -26.79 0.23 -5.74
N GLU A 236 -27.83 -0.39 -6.32
CA GLU A 236 -29.10 0.31 -6.48
C GLU A 236 -29.73 0.67 -5.14
N HIS A 237 -29.57 -0.23 -4.15
CA HIS A 237 -30.11 0.03 -2.82
C HIS A 237 -29.41 1.20 -2.15
N LEU A 238 -28.08 1.29 -2.29
CA LEU A 238 -27.35 2.39 -1.67
C LEU A 238 -27.68 3.72 -2.33
N LYS A 239 -27.86 3.73 -3.66
CA LYS A 239 -28.26 4.97 -4.32
C LYS A 239 -29.65 5.41 -3.89
N CYS A 240 -30.56 4.44 -3.74
CA CYS A 240 -31.89 4.75 -3.22
C CYS A 240 -31.83 5.29 -1.81
N LEU A 241 -30.92 4.77 -0.98
CA LEU A 241 -30.78 5.26 0.38
C LEU A 241 -30.27 6.69 0.42
N GLY A 242 -29.30 7.01 -0.45
CA GLY A 242 -28.80 8.38 -0.51
C GLY A 242 -29.86 9.37 -0.95
N MET A 243 -30.64 9.00 -1.98
CA MET A 243 -31.74 9.86 -2.41
C MET A 243 -32.80 10.00 -1.32
N ALA A 244 -33.02 8.94 -0.54
CA ALA A 244 -34.01 9.02 0.53
C ALA A 244 -33.54 9.92 1.66
N ILE A 245 -32.22 9.92 1.94
CA ILE A 245 -31.68 10.84 2.94
C ILE A 245 -31.84 12.28 2.49
N GLU A 246 -31.54 12.55 1.22
CA GLU A 246 -31.74 13.91 0.70
C GLU A 246 -33.21 14.32 0.75
N CYS A 247 -34.12 13.40 0.45
CA CYS A 247 -35.54 13.72 0.48
C CYS A 247 -36.04 13.98 1.90
N THR A 248 -35.62 13.17 2.86
CA THR A 248 -36.10 13.40 4.23
C THR A 248 -35.41 14.59 4.88
N LEU A 249 -34.27 15.04 4.35
CA LEU A 249 -33.71 16.28 4.89
C LEU A 249 -34.28 17.50 4.20
N LYS A 250 -34.79 17.36 2.97
CA LYS A 250 -35.40 18.50 2.29
C LYS A 250 -36.68 18.94 2.97
N GLY A 251 -37.39 18.03 3.62
CA GLY A 251 -38.62 18.37 4.32
C GLY A 251 -38.40 19.20 5.56
N ASP A 321 -41.02 12.55 11.05
CA ASP A 321 -39.91 13.17 11.77
C ASP A 321 -38.83 12.15 12.16
N ALA A 322 -39.05 11.41 13.24
CA ALA A 322 -38.04 10.45 13.70
C ALA A 322 -38.14 9.14 12.93
N THR A 323 -39.36 8.73 12.57
CA THR A 323 -39.58 7.40 12.02
C THR A 323 -38.92 7.22 10.66
N SER A 324 -38.84 8.30 9.88
CA SER A 324 -38.10 8.26 8.63
C SER A 324 -36.62 7.99 8.87
N LEU A 325 -36.06 8.60 9.90
CA LEU A 325 -34.66 8.37 10.22
C LEU A 325 -34.43 6.95 10.73
N CYS A 326 -35.38 6.41 11.50
CA CYS A 326 -35.27 5.03 11.93
C CYS A 326 -35.32 4.06 10.75
N ASN A 327 -36.18 4.33 9.77
CA ASN A 327 -36.24 3.47 8.59
C ASN A 327 -34.96 3.58 7.76
N ILE A 328 -34.39 4.79 7.69
CA ILE A 328 -33.12 4.97 6.98
C ILE A 328 -32.01 4.18 7.63
N VAL A 329 -31.91 4.26 8.96
CA VAL A 329 -30.85 3.55 9.68
C VAL A 329 -31.06 2.04 9.59
N ASP A 330 -32.32 1.59 9.60
CA ASP A 330 -32.58 0.16 9.49
C ASP A 330 -32.23 -0.38 8.11
N SER A 331 -32.49 0.40 7.05
CA SER A 331 -32.05 -0.03 5.73
C SER A 331 -30.54 -0.03 5.62
N HIS A 332 -29.89 0.96 6.24
CA HIS A 332 -28.44 1.05 6.18
C HIS A 332 -27.77 -0.09 6.93
N VAL A 333 -28.41 -0.59 7.99
CA VAL A 333 -27.81 -1.70 8.73
C VAL A 333 -28.15 -3.03 8.08
N LYS A 334 -29.30 -3.09 7.38
CA LYS A 334 -29.64 -4.31 6.65
C LYS A 334 -28.70 -4.53 5.48
N ILE A 335 -28.29 -3.45 4.82
CA ILE A 335 -27.30 -3.54 3.74
C ILE A 335 -25.97 -4.06 4.27
N TYR A 336 -25.57 -3.60 5.46
CA TYR A 336 -24.31 -4.04 6.03
C TYR A 336 -24.36 -5.50 6.45
N ARG A 337 -25.49 -5.95 7.02
CA ARG A 337 -25.64 -7.36 7.36
C ARG A 337 -25.63 -8.23 6.12
N THR A 338 -26.24 -7.76 5.03
CA THR A 338 -26.24 -8.53 3.79
C THR A 338 -24.84 -8.66 3.21
N MET A 339 -24.07 -7.57 3.23
CA MET A 339 -22.70 -7.66 2.74
C MET A 339 -21.82 -8.52 3.64
N GLU A 340 -22.08 -8.51 4.95
CA GLU A 340 -21.35 -9.38 5.87
C GLU A 340 -21.68 -10.85 5.61
N ILE A 341 -22.92 -11.14 5.22
CA ILE A 341 -23.27 -12.51 4.81
C ILE A 341 -22.58 -12.89 3.51
N VAL A 342 -22.55 -11.98 2.52
CA VAL A 342 -21.95 -12.27 1.22
C VAL A 342 -20.43 -12.46 1.35
N GLN A 343 -19.81 -11.89 2.39
CA GLN A 343 -18.35 -11.88 2.52
C GLN A 343 -17.73 -13.27 2.57
N SER A 344 -18.35 -14.22 3.29
CA SER A 344 -17.64 -15.44 3.68
C SER A 344 -17.47 -16.42 2.51
N VAL A 345 -18.60 -16.84 1.92
CA VAL A 345 -18.58 -17.83 0.85
C VAL A 345 -17.75 -17.34 -0.33
N TYR A 346 -17.92 -16.07 -0.69
CA TYR A 346 -17.15 -15.55 -1.79
C TYR A 346 -15.74 -15.18 -1.36
N SER A 347 -15.45 -15.12 -0.06
CA SER A 347 -14.07 -14.96 0.36
C SER A 347 -13.24 -16.19 0.00
N SER A 348 -13.74 -17.36 0.41
CA SER A 348 -13.04 -18.61 0.07
C SER A 348 -13.00 -18.83 -1.44
N TYR A 349 -14.14 -18.62 -2.11
CA TYR A 349 -14.22 -18.84 -3.54
C TYR A 349 -13.35 -17.86 -4.32
N PHE A 350 -13.25 -16.61 -3.85
CA PHE A 350 -12.47 -15.61 -4.57
C PHE A 350 -10.97 -15.84 -4.40
N ALA A 351 -10.55 -16.30 -3.23
CA ALA A 351 -9.14 -16.64 -3.05
C ALA A 351 -8.71 -17.73 -4.02
N THR A 352 -9.48 -18.84 -4.07
CA THR A 352 -9.18 -19.92 -5.00
C THR A 352 -9.23 -19.45 -6.45
N LEU A 353 -10.27 -18.68 -6.78
CA LEU A 353 -10.49 -18.17 -8.14
C LEU A 353 -9.33 -17.31 -8.63
N PHE A 354 -8.92 -16.34 -7.83
CA PHE A 354 -7.91 -15.39 -8.27
C PHE A 354 -6.55 -16.07 -8.43
N PHE A 355 -6.20 -16.96 -7.48
CA PHE A 355 -4.89 -17.61 -7.59
C PHE A 355 -4.82 -18.54 -8.79
N THR A 356 -5.82 -19.41 -8.95
CA THR A 356 -5.78 -20.36 -10.06
C THR A 356 -5.99 -19.65 -11.40
N SER A 357 -6.69 -18.51 -11.39
CA SER A 357 -6.86 -17.77 -12.64
C SER A 357 -5.57 -17.12 -13.08
N CYS A 358 -4.78 -16.62 -12.13
CA CYS A 358 -3.46 -16.10 -12.49
C CYS A 358 -2.56 -17.19 -13.05
N LEU A 359 -2.60 -18.39 -12.44
CA LEU A 359 -1.84 -19.52 -12.98
C LEU A 359 -2.29 -19.88 -14.39
N ALA A 360 -3.61 -19.88 -14.62
CA ALA A 360 -4.14 -20.28 -15.92
C ALA A 360 -3.79 -19.27 -17.02
N VAL A 361 -3.85 -17.98 -16.70
CA VAL A 361 -3.55 -16.99 -17.74
C VAL A 361 -2.05 -16.96 -18.04
N CYS A 362 -1.20 -17.27 -17.04
CA CYS A 362 0.23 -17.35 -17.31
C CYS A 362 0.55 -18.53 -18.22
N ALA A 363 -0.03 -19.70 -17.93
CA ALA A 363 0.22 -20.87 -18.77
C ALA A 363 -0.35 -20.69 -20.18
N LEU A 364 -1.50 -20.03 -20.31
CA LEU A 364 -2.07 -19.78 -21.62
C LEU A 364 -1.22 -18.84 -22.44
N ALA A 365 -0.68 -17.80 -21.80
CA ALA A 365 0.18 -16.87 -22.53
C ALA A 365 1.47 -17.55 -22.97
N TYR A 366 1.97 -18.51 -22.17
CA TYR A 366 3.13 -19.27 -22.63
C TYR A 366 2.79 -20.15 -23.82
N PHE A 367 1.64 -20.84 -23.78
CA PHE A 367 1.27 -21.69 -24.91
C PHE A 367 1.04 -20.88 -26.18
N LEU A 368 0.49 -19.68 -26.05
CA LEU A 368 0.21 -18.89 -27.25
C LEU A 368 1.46 -18.21 -27.77
N ALA A 369 2.44 -17.95 -26.90
CA ALA A 369 3.63 -17.24 -27.34
C ALA A 369 4.65 -18.13 -28.05
N ALA A 370 5.16 -19.15 -27.36
CA ALA A 370 6.38 -19.82 -27.80
C ALA A 370 6.12 -21.07 -28.64
N THR A 371 5.37 -22.03 -28.08
CA THR A 371 5.27 -23.36 -28.66
C THR A 371 4.45 -23.32 -29.97
N SER A 372 4.97 -24.00 -30.99
CA SER A 372 4.31 -24.07 -32.29
C SER A 372 3.10 -24.98 -32.16
N THR A 373 1.98 -24.37 -31.76
CA THR A 373 0.75 -25.11 -31.54
C THR A 373 0.13 -25.56 -32.87
N SER A 374 -0.87 -26.42 -32.77
CA SER A 374 -1.43 -27.10 -33.93
C SER A 374 -2.55 -26.32 -34.60
N PHE A 375 -2.84 -25.08 -34.14
CA PHE A 375 -3.75 -24.11 -34.75
C PHE A 375 -5.22 -24.51 -34.63
N THR A 376 -5.49 -25.73 -34.18
CA THR A 376 -6.85 -26.12 -33.87
C THR A 376 -7.21 -25.79 -32.44
N ARG A 377 -6.23 -25.36 -31.65
CA ARG A 377 -6.48 -24.94 -30.28
C ARG A 377 -6.27 -23.45 -30.07
N VAL A 378 -5.98 -22.71 -31.14
CA VAL A 378 -5.97 -21.25 -31.03
C VAL A 378 -7.36 -20.66 -30.81
N PRO A 379 -8.44 -21.10 -31.48
CA PRO A 379 -9.76 -20.56 -31.11
C PRO A 379 -10.26 -20.96 -29.73
N GLY A 380 -9.67 -21.98 -29.10
CA GLY A 380 -10.04 -22.29 -27.74
C GLY A 380 -9.26 -21.44 -26.76
N MET A 381 -7.96 -21.33 -27.01
CA MET A 381 -7.09 -20.57 -26.12
C MET A 381 -7.26 -19.07 -26.26
N VAL A 382 -7.86 -18.59 -27.33
CA VAL A 382 -8.13 -17.16 -27.45
C VAL A 382 -9.51 -16.81 -26.92
N LEU A 383 -10.37 -17.80 -26.68
CA LEU A 383 -11.63 -17.54 -26.01
C LEU A 383 -11.54 -17.74 -24.51
N TYR A 384 -10.69 -18.66 -24.05
CA TYR A 384 -10.54 -18.86 -22.61
C TYR A 384 -9.86 -17.64 -21.98
N LEU A 385 -8.96 -16.98 -22.72
CA LEU A 385 -8.34 -15.75 -22.23
C LEU A 385 -9.36 -14.63 -22.08
N MET A 386 -10.22 -14.46 -23.08
CA MET A 386 -11.23 -13.41 -23.01
C MET A 386 -12.25 -13.70 -21.92
N TYR A 387 -12.60 -14.97 -21.72
CA TYR A 387 -13.52 -15.32 -20.64
C TYR A 387 -12.92 -15.02 -19.28
N ILE A 388 -11.64 -15.36 -19.09
CA ILE A 388 -10.98 -15.12 -17.81
C ILE A 388 -10.89 -13.63 -17.53
N PHE A 389 -10.46 -12.84 -18.53
CA PHE A 389 -10.35 -11.40 -18.34
C PHE A 389 -11.70 -10.75 -18.10
N LEU A 390 -12.74 -11.18 -18.82
CA LEU A 390 -14.07 -10.61 -18.65
C LEU A 390 -14.63 -10.93 -17.28
N ARG A 391 -14.44 -12.17 -16.82
CA ARG A 391 -14.97 -12.58 -15.51
C ARG A 391 -14.28 -11.82 -14.39
N ILE A 392 -12.95 -11.74 -14.43
CA ILE A 392 -12.20 -11.05 -13.38
C ILE A 392 -12.54 -9.56 -13.38
N PHE A 393 -12.66 -8.96 -14.57
CA PHE A 393 -12.95 -7.54 -14.66
C PHE A 393 -14.35 -7.22 -14.16
N LEU A 394 -15.33 -8.08 -14.46
CA LEU A 394 -16.69 -7.82 -13.99
C LEU A 394 -16.80 -7.99 -12.49
N LEU A 395 -16.12 -8.99 -11.92
CA LEU A 395 -16.13 -9.17 -10.47
C LEU A 395 -15.49 -7.97 -9.77
N CYS A 396 -14.35 -7.50 -10.29
CA CYS A 396 -13.68 -6.38 -9.65
C CYS A 396 -14.46 -5.08 -9.79
N LEU A 397 -15.13 -4.89 -10.94
CA LEU A 397 -15.91 -3.68 -11.15
C LEU A 397 -17.12 -3.63 -10.22
N LEU A 398 -17.87 -4.73 -10.15
CA LEU A 398 -19.03 -4.74 -9.27
C LEU A 398 -18.67 -4.87 -7.80
N ALA A 399 -17.40 -5.18 -7.49
CA ALA A 399 -16.98 -5.05 -6.09
C ALA A 399 -16.51 -3.64 -5.77
N THR A 400 -16.05 -2.89 -6.77
CA THR A 400 -15.63 -1.51 -6.51
C THR A 400 -16.82 -0.56 -6.43
N GLU A 401 -17.88 -0.87 -7.17
CA GLU A 401 -19.05 0.00 -7.21
C GLU A 401 -19.72 0.12 -5.85
N VAL A 402 -19.72 -0.97 -5.08
CA VAL A 402 -20.39 -0.97 -3.78
C VAL A 402 -19.64 -0.07 -2.80
N ALA A 403 -18.32 -0.15 -2.79
CA ALA A 403 -17.52 0.71 -1.91
C ALA A 403 -17.66 2.17 -2.30
N GLU A 404 -17.71 2.44 -3.61
CA GLU A 404 -17.89 3.82 -4.04
C GLU A 404 -19.27 4.36 -3.65
N GLN A 405 -20.30 3.51 -3.70
CA GLN A 405 -21.62 3.97 -3.29
C GLN A 405 -21.70 4.16 -1.79
N GLY A 406 -20.96 3.37 -1.01
CA GLY A 406 -20.91 3.61 0.43
C GLY A 406 -20.24 4.93 0.77
N LEU A 407 -19.12 5.21 0.13
CA LEU A 407 -18.43 6.48 0.37
C LEU A 407 -19.24 7.65 -0.16
N ASN A 408 -20.05 7.44 -1.20
CA ASN A 408 -20.96 8.47 -1.65
C ASN A 408 -22.10 8.68 -0.67
N LEU A 409 -22.53 7.61 0.00
CA LEU A 409 -23.51 7.73 1.08
C LEU A 409 -22.97 8.51 2.26
N CYS A 410 -21.65 8.49 2.49
CA CYS A 410 -21.04 9.34 3.51
C CYS A 410 -21.28 10.83 3.30
N HIS A 411 -21.33 11.31 2.06
CA HIS A 411 -21.52 12.73 1.77
C HIS A 411 -22.99 13.12 1.65
N ALA A 412 -23.90 12.28 2.10
CA ALA A 412 -25.33 12.54 1.91
C ALA A 412 -25.84 13.43 3.04
N GLY A 413 -26.73 14.36 2.69
CA GLY A 413 -27.34 15.25 3.64
C GLY A 413 -26.52 16.50 3.95
N TYR A 414 -25.23 16.47 3.64
CA TYR A 414 -24.35 17.59 3.99
C TYR A 414 -24.67 18.80 3.14
N SER A 415 -25.41 19.74 3.73
CA SER A 415 -25.86 20.93 3.01
C SER A 415 -26.21 22.05 3.98
N SER A 416 -26.89 23.08 3.47
CA SER A 416 -27.23 24.22 4.31
C SER A 416 -28.35 23.90 5.28
N LYS A 417 -29.19 22.91 4.95
CA LYS A 417 -30.32 22.59 5.81
C LYS A 417 -29.86 21.90 7.09
N LEU A 418 -28.75 21.16 7.01
CA LEU A 418 -28.23 20.44 8.17
C LEU A 418 -27.78 21.39 9.27
N VAL A 419 -27.37 22.59 8.90
CA VAL A 419 -26.95 23.60 9.86
C VAL A 419 -28.17 24.12 10.59
N LEU A 420 -29.33 24.11 9.92
CA LEU A 420 -30.53 24.69 10.50
C LEU A 420 -31.45 23.64 11.12
N ALA A 421 -31.01 22.40 11.22
CA ALA A 421 -31.81 21.37 11.83
C ALA A 421 -31.60 21.34 13.33
N SER A 422 -32.34 20.47 14.01
CA SER A 422 -32.26 20.36 15.46
C SER A 422 -31.01 19.59 15.86
N ASP A 423 -30.91 19.31 17.16
CA ASP A 423 -29.79 18.51 17.65
C ASP A 423 -29.96 17.04 17.27
N HIS A 424 -31.21 16.60 17.14
CA HIS A 424 -31.49 15.20 16.83
C HIS A 424 -30.99 14.83 15.44
N VAL A 425 -31.29 15.68 14.45
CA VAL A 425 -30.85 15.40 13.09
C VAL A 425 -29.35 15.54 12.98
N ARG A 426 -28.78 16.56 13.62
CA ARG A 426 -27.33 16.74 13.58
C ARG A 426 -26.57 15.67 14.35
N SER A 427 -27.23 14.90 15.20
CA SER A 427 -26.61 13.73 15.80
C SER A 427 -26.78 12.47 14.98
N THR A 428 -27.97 12.23 14.43
CA THR A 428 -28.18 10.99 13.68
C THR A 428 -27.47 11.02 12.33
N ILE A 429 -27.40 12.19 11.68
CA ILE A 429 -26.66 12.29 10.43
C ILE A 429 -25.18 12.10 10.68
N GLN A 430 -24.69 12.60 11.82
CA GLN A 430 -23.30 12.36 12.21
C GLN A 430 -23.03 10.88 12.44
N ALA A 431 -23.98 10.18 13.08
CA ALA A 431 -23.81 8.76 13.31
C ALA A 431 -23.83 7.97 12.01
N ILE A 432 -24.73 8.33 11.09
CA ILE A 432 -24.81 7.68 9.78
C ILE A 432 -23.51 7.90 9.01
N ALA A 433 -22.94 9.10 9.11
CA ALA A 433 -21.70 9.39 8.37
C ALA A 433 -20.52 8.62 8.96
N THR A 434 -20.40 8.58 10.28
CA THR A 434 -19.24 7.92 10.87
C THR A 434 -19.37 6.40 10.79
N ARG A 435 -20.58 5.89 10.55
CA ARG A 435 -20.69 4.48 10.22
C ARG A 435 -20.43 4.24 8.74
N ALA A 436 -20.79 5.19 7.88
CA ALA A 436 -20.63 5.00 6.45
C ALA A 436 -19.19 5.21 6.02
N GLN A 437 -18.35 5.78 6.89
CA GLN A 437 -16.93 5.91 6.57
C GLN A 437 -16.25 4.55 6.48
N ILE A 438 -16.78 3.53 7.15
CA ILE A 438 -16.20 2.20 7.03
C ILE A 438 -16.62 1.59 5.70
N PRO A 439 -15.70 1.17 4.84
CA PRO A 439 -16.09 0.71 3.51
C PRO A 439 -16.61 -0.72 3.50
N LEU A 440 -17.60 -0.96 2.65
CA LEU A 440 -18.15 -2.29 2.44
C LEU A 440 -17.30 -2.97 1.36
N SER A 441 -16.39 -3.85 1.80
CA SER A 441 -15.42 -4.45 0.90
C SER A 441 -15.54 -5.97 0.97
N ILE A 442 -15.43 -6.62 -0.18
CA ILE A 442 -15.38 -8.07 -0.25
C ILE A 442 -13.93 -8.49 -0.36
N THR A 443 -13.43 -9.19 0.65
CA THR A 443 -12.05 -9.63 0.69
C THR A 443 -11.97 -11.10 0.33
N GLY A 444 -10.87 -11.48 -0.32
CA GLY A 444 -10.69 -12.88 -0.66
C GLY A 444 -9.93 -13.63 0.41
N ALA A 445 -10.66 -14.29 1.30
CA ALA A 445 -10.13 -15.00 2.48
C ALA A 445 -9.21 -14.13 3.32
N ARG A 446 -9.50 -12.82 3.38
CA ARG A 446 -8.77 -11.77 4.08
C ARG A 446 -7.34 -11.57 3.58
N PHE A 447 -6.96 -12.19 2.45
CA PHE A 447 -5.63 -11.98 1.89
C PHE A 447 -5.52 -10.69 1.09
N PHE A 448 -6.58 -10.32 0.38
CA PHE A 448 -6.57 -9.11 -0.43
C PHE A 448 -7.99 -8.57 -0.53
N THR A 449 -8.08 -7.31 -0.92
CA THR A 449 -9.36 -6.65 -1.12
C THR A 449 -9.69 -6.63 -2.60
N VAL A 450 -10.85 -7.17 -2.97
CA VAL A 450 -11.23 -7.23 -4.36
C VAL A 450 -11.62 -5.83 -4.82
N ASN A 451 -10.69 -5.15 -5.46
CA ASN A 451 -10.90 -3.82 -6.01
C ASN A 451 -10.49 -3.82 -7.46
N LEU A 452 -10.47 -2.64 -8.06
CA LEU A 452 -9.92 -2.54 -9.40
C LEU A 452 -8.41 -2.33 -9.39
N SER A 453 -7.86 -1.78 -8.31
CA SER A 453 -6.41 -1.67 -8.19
C SER A 453 -5.76 -3.04 -8.02
N PHE A 454 -6.48 -3.98 -7.40
CA PHE A 454 -5.99 -5.34 -7.28
C PHE A 454 -5.87 -5.99 -8.65
N LEU A 455 -6.75 -5.63 -9.58
CA LEU A 455 -6.63 -6.14 -10.94
C LEU A 455 -5.36 -5.64 -11.62
N ALA A 456 -5.00 -4.38 -11.37
CA ALA A 456 -3.77 -3.85 -11.94
C ALA A 456 -2.54 -4.50 -11.34
N SER A 457 -2.55 -4.72 -10.02
CA SER A 457 -1.42 -5.38 -9.37
C SER A 457 -1.28 -6.83 -9.85
N MET A 458 -2.41 -7.52 -10.01
CA MET A 458 -2.36 -8.90 -10.48
C MET A 458 -1.95 -8.98 -11.94
N ALA A 459 -2.32 -7.98 -12.75
CA ALA A 459 -1.88 -7.96 -14.14
C ALA A 459 -0.37 -7.70 -14.23
N GLY A 460 0.16 -6.89 -13.32
CA GLY A 460 1.60 -6.71 -13.26
C GLY A 460 2.34 -7.99 -12.89
N VAL A 461 1.78 -8.74 -11.93
CA VAL A 461 2.37 -10.02 -11.53
C VAL A 461 2.30 -11.02 -12.70
N MET A 462 1.18 -11.02 -13.43
CA MET A 462 1.02 -11.88 -14.59
C MET A 462 2.04 -11.55 -15.67
N LEU A 463 2.30 -10.25 -15.89
CA LEU A 463 3.27 -9.86 -16.90
C LEU A 463 4.68 -10.26 -16.51
N THR A 464 5.03 -10.10 -15.23
CA THR A 464 6.35 -10.51 -14.75
C THR A 464 6.56 -12.02 -14.92
N TYR A 465 5.57 -12.82 -14.51
CA TYR A 465 5.75 -14.26 -14.58
C TYR A 465 5.64 -14.76 -16.02
N PHE A 466 4.94 -14.02 -16.89
CA PHE A 466 4.93 -14.39 -18.30
C PHE A 466 6.28 -14.11 -18.94
N ILE A 467 6.93 -13.02 -18.56
CA ILE A 467 8.29 -12.74 -19.06
C ILE A 467 9.26 -13.82 -18.59
N VAL A 468 9.14 -14.24 -17.33
CA VAL A 468 10.01 -15.29 -16.79
C VAL A 468 9.77 -16.62 -17.50
N LEU A 469 8.51 -17.01 -17.67
CA LEU A 469 8.19 -18.29 -18.29
C LEU A 469 8.54 -18.28 -19.78
N LEU A 470 8.53 -17.10 -20.41
CA LEU A 470 9.00 -17.01 -21.79
C LEU A 470 10.51 -17.16 -21.85
N GLN A 471 11.22 -16.59 -20.88
CA GLN A 471 12.68 -16.67 -20.88
C GLN A 471 13.16 -18.07 -20.57
N VAL A 472 12.36 -18.86 -19.85
CA VAL A 472 12.80 -20.20 -19.48
C VAL A 472 12.70 -21.14 -20.68
N ASN A 473 11.83 -20.82 -21.64
CA ASN A 473 11.52 -21.63 -22.83
C ASN A 473 11.14 -23.07 -22.51
N ASP B 16 -8.44 46.79 -13.82
CA ASP B 16 -8.73 45.79 -12.81
C ASP B 16 -8.02 44.48 -13.13
N ASP B 17 -7.62 43.76 -12.07
CA ASP B 17 -7.00 42.46 -12.26
C ASP B 17 -8.03 41.39 -12.62
N TYR B 18 -9.23 41.51 -12.05
CA TYR B 18 -10.23 40.44 -12.12
C TYR B 18 -10.72 40.23 -13.55
N ILE B 19 -10.95 41.32 -14.28
CA ILE B 19 -11.34 41.23 -15.69
C ILE B 19 -10.24 40.57 -16.51
N HIS B 20 -8.97 40.74 -16.10
CA HIS B 20 -7.85 40.02 -16.70
C HIS B 20 -8.07 38.52 -16.66
N LEU B 21 -8.53 38.02 -15.51
CA LEU B 21 -8.84 36.60 -15.37
C LEU B 21 -9.89 36.17 -16.37
N ARG B 22 -10.91 37.02 -16.58
CA ARG B 22 -11.93 36.80 -17.61
C ARG B 22 -11.29 36.52 -18.96
N LYS B 23 -10.35 37.39 -19.36
CA LYS B 23 -9.64 37.26 -20.62
C LYS B 23 -9.04 35.87 -20.76
N TRP B 24 -8.37 35.41 -19.70
CA TRP B 24 -7.63 34.16 -19.81
C TRP B 24 -8.57 32.98 -19.98
N ILE B 25 -9.71 32.97 -19.28
CA ILE B 25 -10.56 31.80 -19.40
C ILE B 25 -11.23 31.80 -20.76
N LYS B 26 -11.46 33.00 -21.32
CA LYS B 26 -12.00 33.08 -22.67
C LYS B 26 -11.00 32.51 -23.66
N ARG B 27 -9.71 32.82 -23.45
CA ARG B 27 -8.66 32.28 -24.29
C ARG B 27 -8.63 30.77 -24.22
N ILE B 28 -8.84 30.21 -23.02
CA ILE B 28 -8.84 28.76 -22.88
C ILE B 28 -9.98 28.16 -23.68
N GLY B 29 -11.16 28.79 -23.60
CA GLY B 29 -12.28 28.33 -24.39
C GLY B 29 -11.98 28.42 -25.87
N ILE B 30 -11.31 29.50 -26.28
CA ILE B 30 -10.96 29.69 -27.68
C ILE B 30 -10.03 28.59 -28.13
N ILE B 31 -9.07 28.20 -27.28
CA ILE B 31 -8.12 27.19 -27.72
C ILE B 31 -8.81 25.83 -27.76
N LEU B 32 -9.84 25.65 -26.93
CA LEU B 32 -10.55 24.38 -26.93
C LEU B 32 -11.45 24.27 -28.15
N ARG B 33 -11.69 25.39 -28.83
CA ARG B 33 -12.45 25.33 -30.08
C ARG B 33 -11.53 25.45 -31.28
N ILE B 34 -10.25 25.74 -31.06
CA ILE B 34 -9.32 25.74 -32.18
C ILE B 34 -8.92 24.32 -32.54
N SER B 35 -8.66 23.49 -31.54
CA SER B 35 -8.15 22.16 -31.80
C SER B 35 -9.25 21.16 -32.16
N GLY B 36 -10.48 21.62 -32.29
CA GLY B 36 -11.53 20.78 -32.86
C GLY B 36 -12.35 19.98 -31.89
N HIS B 37 -12.37 20.35 -30.60
CA HIS B 37 -13.30 19.72 -29.68
C HIS B 37 -14.73 20.17 -29.98
N TRP B 38 -15.69 19.45 -29.42
CA TRP B 38 -17.08 19.75 -29.67
C TRP B 38 -17.46 21.07 -29.00
N PRO B 39 -18.07 21.99 -29.72
CA PRO B 39 -18.30 23.35 -29.18
C PRO B 39 -19.47 23.36 -28.21
N PHE B 40 -19.20 23.82 -27.00
CA PHE B 40 -20.22 23.99 -25.97
C PHE B 40 -20.33 25.47 -25.62
N ARG B 41 -21.31 25.80 -24.78
CA ARG B 41 -21.59 27.19 -24.43
C ARG B 41 -20.53 27.68 -23.46
N LEU B 42 -19.82 28.72 -23.84
CA LEU B 42 -18.92 29.42 -22.95
C LEU B 42 -19.71 30.38 -22.07
N PRO B 43 -19.17 30.78 -20.91
CA PRO B 43 -19.90 31.74 -20.07
C PRO B 43 -20.07 33.12 -20.70
N HIS B 44 -19.04 33.60 -21.42
CA HIS B 44 -19.14 34.95 -21.98
C HIS B 44 -20.03 34.99 -23.20
N GLU B 45 -20.27 33.84 -23.83
CA GLU B 45 -21.13 33.79 -25.00
C GLU B 45 -22.60 33.79 -24.58
N LYS B 46 -23.39 34.71 -25.13
CA LYS B 46 -24.80 34.81 -24.82
C LYS B 46 -25.65 35.09 -26.05
N ARG B 47 -25.25 34.59 -27.22
CA ARG B 47 -26.06 34.71 -28.43
C ARG B 47 -26.33 33.35 -29.05
N ASN B 48 -26.23 32.29 -28.23
CA ASN B 48 -26.34 30.88 -28.65
C ASN B 48 -25.38 30.59 -29.81
N GLN B 49 -24.13 31.05 -29.66
CA GLN B 49 -23.18 30.96 -30.76
C GLN B 49 -22.62 29.55 -30.91
N HIS B 50 -22.66 28.75 -29.85
CA HIS B 50 -22.02 27.44 -29.88
C HIS B 50 -22.80 26.43 -30.72
N LYS B 51 -24.07 26.70 -30.98
CA LYS B 51 -24.88 25.83 -31.82
C LYS B 51 -24.74 26.14 -33.31
N SER B 52 -23.77 26.95 -33.70
CA SER B 52 -23.57 27.25 -35.10
C SER B 52 -23.00 26.03 -35.83
N LYS B 53 -23.36 25.88 -37.10
CA LYS B 53 -22.85 24.78 -37.89
C LYS B 53 -21.43 25.08 -38.39
N PHE B 54 -21.09 26.36 -38.46
CA PHE B 54 -19.77 26.77 -38.95
C PHE B 54 -18.66 26.31 -38.01
N ARG B 55 -18.96 26.22 -36.71
CA ARG B 55 -18.02 25.66 -35.75
C ARG B 55 -18.22 24.17 -35.54
N GLN B 56 -19.33 23.60 -36.02
CA GLN B 56 -19.58 22.18 -35.82
C GLN B 56 -18.92 21.33 -36.91
N VAL B 57 -18.97 21.80 -38.15
CA VAL B 57 -18.35 21.06 -39.25
C VAL B 57 -16.83 21.10 -39.10
N TYR B 58 -16.31 22.14 -38.46
CA TYR B 58 -14.88 22.21 -38.11
C TYR B 58 -14.50 21.05 -37.20
N SER B 59 -15.22 20.89 -36.09
CA SER B 59 -14.90 19.85 -35.13
C SER B 59 -15.11 18.46 -35.71
N CYS B 60 -16.16 18.29 -36.53
CA CYS B 60 -16.40 16.99 -37.15
C CYS B 60 -15.31 16.63 -38.16
N LEU B 61 -14.87 17.61 -38.96
CA LEU B 61 -13.81 17.36 -39.94
C LEU B 61 -12.50 17.02 -39.24
N VAL B 62 -12.13 17.77 -38.20
CA VAL B 62 -10.88 17.52 -37.51
C VAL B 62 -10.91 16.19 -36.77
N ILE B 63 -12.06 15.84 -36.19
CA ILE B 63 -12.16 14.59 -35.45
C ILE B 63 -12.09 13.39 -36.39
N THR B 64 -12.73 13.49 -37.57
CA THR B 64 -12.66 12.41 -38.54
C THR B 64 -11.25 12.27 -39.11
N LEU B 65 -10.57 13.39 -39.36
CA LEU B 65 -9.19 13.34 -39.85
C LEU B 65 -8.26 12.71 -38.83
N GLY B 66 -8.42 13.08 -37.55
CA GLY B 66 -7.62 12.47 -36.51
C GLY B 66 -7.91 11.00 -36.33
N PHE B 67 -9.17 10.60 -36.51
CA PHE B 67 -9.54 9.19 -36.42
C PHE B 67 -8.89 8.38 -37.53
N ILE B 68 -8.95 8.86 -38.77
CA ILE B 68 -8.40 8.06 -39.86
C ILE B 68 -6.87 8.04 -39.81
N THR B 69 -6.25 9.13 -39.33
CA THR B 69 -4.81 9.13 -39.17
C THR B 69 -4.37 8.17 -38.07
N CYS B 70 -5.07 8.17 -36.94
CA CYS B 70 -4.78 7.23 -35.86
C CYS B 70 -5.04 5.79 -36.29
N SER B 71 -6.03 5.57 -37.16
CA SER B 71 -6.32 4.20 -37.59
C SER B 71 -5.27 3.70 -38.56
N CYS B 72 -4.80 4.56 -39.46
CA CYS B 72 -3.69 4.17 -40.35
C CYS B 72 -2.42 3.91 -39.56
N TYR B 73 -2.16 4.70 -38.51
CA TYR B 73 -1.00 4.43 -37.69
C TYR B 73 -1.16 3.16 -36.87
N CYS B 74 -2.38 2.88 -36.40
CA CYS B 74 -2.58 1.72 -35.55
C CYS B 74 -2.49 0.42 -36.34
N ILE B 75 -3.07 0.37 -37.54
CA ILE B 75 -2.89 -0.83 -38.35
C ILE B 75 -1.53 -0.84 -39.02
N GLY B 76 -0.83 0.30 -39.03
CA GLY B 76 0.57 0.27 -39.45
C GLY B 76 1.47 -0.38 -38.42
N LEU B 77 1.01 -0.46 -37.17
CA LEU B 77 1.80 -1.10 -36.13
C LEU B 77 1.77 -2.62 -36.27
N CYS B 78 0.60 -3.18 -36.58
CA CYS B 78 0.48 -4.64 -36.64
C CYS B 78 1.16 -5.21 -37.88
N LEU B 79 1.31 -4.40 -38.93
CA LEU B 79 2.05 -4.81 -40.12
C LEU B 79 3.50 -4.32 -40.00
N SER B 80 4.18 -4.85 -39.00
CA SER B 80 5.53 -4.42 -38.65
C SER B 80 6.55 -5.36 -39.29
N GLU B 81 7.72 -4.81 -39.60
CA GLU B 81 8.80 -5.61 -40.14
C GLU B 81 9.58 -6.32 -39.04
N SER B 82 9.94 -5.60 -37.98
CA SER B 82 10.75 -6.16 -36.92
C SER B 82 10.36 -5.49 -35.60
N ILE B 83 11.23 -5.65 -34.61
CA ILE B 83 10.96 -5.10 -33.28
C ILE B 83 11.14 -3.59 -33.28
N ALA B 84 12.16 -3.10 -33.98
CA ALA B 84 12.49 -1.67 -33.94
C ALA B 84 11.41 -0.82 -34.61
N GLN B 85 10.90 -1.27 -35.76
CA GLN B 85 9.79 -0.57 -36.40
C GLN B 85 8.52 -0.66 -35.56
N ALA B 86 8.37 -1.75 -34.82
CA ALA B 86 7.22 -1.90 -33.94
C ALA B 86 7.24 -0.87 -32.82
N LEU B 87 8.41 -0.66 -32.21
CA LEU B 87 8.49 0.34 -31.13
C LEU B 87 8.39 1.77 -31.69
N ASN B 88 8.99 1.99 -32.87
CA ASN B 88 8.92 3.28 -33.53
C ASN B 88 7.50 3.62 -33.94
N ASN B 89 6.67 2.61 -34.14
CA ASN B 89 5.23 2.84 -34.29
C ASN B 89 4.55 2.98 -32.93
N ILE B 90 5.05 2.29 -31.91
CA ILE B 90 4.39 2.23 -30.60
C ILE B 90 4.30 3.61 -29.97
N THR B 91 5.38 4.40 -30.10
CA THR B 91 5.41 5.72 -29.47
C THR B 91 4.34 6.66 -30.04
N VAL B 92 4.35 6.83 -31.36
CA VAL B 92 3.43 7.76 -32.01
C VAL B 92 2.00 7.26 -31.93
N THR B 93 1.80 5.94 -31.97
CA THR B 93 0.44 5.43 -31.85
C THR B 93 -0.09 5.58 -30.44
N SER B 94 0.79 5.51 -29.44
CA SER B 94 0.38 5.75 -28.06
C SER B 94 -0.12 7.17 -27.89
N TYR B 95 0.64 8.15 -28.41
CA TYR B 95 0.19 9.54 -28.31
C TYR B 95 -1.08 9.78 -29.12
N PHE B 96 -1.20 9.10 -30.25
CA PHE B 96 -2.36 9.34 -31.12
C PHE B 96 -3.63 8.76 -30.52
N LEU B 97 -3.56 7.58 -29.91
CA LEU B 97 -4.77 7.06 -29.28
C LEU B 97 -5.08 7.77 -27.96
N GLN B 98 -4.08 8.38 -27.31
CA GLN B 98 -4.38 9.34 -26.25
C GLN B 98 -5.24 10.47 -26.77
N SER B 99 -4.86 11.03 -27.92
CA SER B 99 -5.64 12.11 -28.53
C SER B 99 -7.05 11.64 -28.90
N CYS B 100 -7.18 10.40 -29.37
CA CYS B 100 -8.49 9.90 -29.76
C CYS B 100 -9.40 9.67 -28.55
N VAL B 101 -8.84 9.12 -27.46
CA VAL B 101 -9.62 8.94 -26.23
C VAL B 101 -10.06 10.29 -25.68
N CYS B 102 -9.19 11.30 -25.76
CA CYS B 102 -9.56 12.64 -25.32
C CYS B 102 -10.67 13.23 -26.18
N TYR B 103 -10.61 13.00 -27.49
CA TYR B 103 -11.65 13.48 -28.41
C TYR B 103 -13.00 12.87 -28.07
N VAL B 104 -13.03 11.55 -27.86
CA VAL B 104 -14.29 10.88 -27.53
C VAL B 104 -14.82 11.37 -26.17
N SER B 105 -13.94 11.52 -25.19
CA SER B 105 -14.37 11.90 -23.84
C SER B 105 -14.89 13.33 -23.80
N PHE B 106 -14.38 14.20 -24.68
CA PHE B 106 -14.95 15.55 -24.73
C PHE B 106 -16.18 15.60 -25.63
N ILE B 107 -16.33 14.63 -26.53
CA ILE B 107 -17.54 14.57 -27.35
C ILE B 107 -18.73 14.15 -26.50
N ILE B 108 -18.53 13.16 -25.62
CA ILE B 108 -19.65 12.59 -24.89
C ILE B 108 -20.19 13.58 -23.86
N ASN B 109 -19.33 13.99 -22.92
CA ASN B 109 -19.76 14.83 -21.80
C ASN B 109 -19.68 16.31 -22.11
N SER B 110 -20.49 16.79 -23.06
CA SER B 110 -20.44 18.20 -23.43
C SER B 110 -21.14 19.07 -22.39
N ARG B 111 -22.14 18.52 -21.70
CA ARG B 111 -22.95 19.34 -20.81
C ARG B 111 -22.19 19.70 -19.54
N LYS B 112 -21.35 18.79 -19.04
CA LYS B 112 -20.64 19.05 -17.80
C LYS B 112 -19.57 20.11 -17.99
N LEU B 113 -19.05 20.25 -19.21
CA LEU B 113 -18.03 21.26 -19.47
C LEU B 113 -18.60 22.67 -19.37
N GLU B 114 -19.88 22.84 -19.69
CA GLU B 114 -20.50 24.14 -19.53
C GLU B 114 -20.62 24.53 -18.06
N THR B 115 -20.99 23.57 -17.20
CA THR B 115 -21.06 23.86 -15.77
C THR B 115 -19.67 24.10 -15.19
N LEU B 116 -18.66 23.41 -15.72
CA LEU B 116 -17.29 23.64 -15.25
C LEU B 116 -16.80 25.02 -15.64
N PHE B 117 -17.09 25.46 -16.87
CA PHE B 117 -16.67 26.79 -17.28
C PHE B 117 -17.51 27.87 -16.62
N ASN B 118 -18.73 27.52 -16.19
CA ASN B 118 -19.49 28.47 -15.40
C ASN B 118 -18.96 28.57 -13.98
N TYR B 119 -18.36 27.49 -13.47
CA TYR B 119 -17.71 27.55 -12.17
C TYR B 119 -16.50 28.45 -12.16
N LEU B 120 -15.71 28.47 -13.23
CA LEU B 120 -14.56 29.35 -13.33
C LEU B 120 -14.97 30.81 -13.51
N PHE B 121 -16.15 31.04 -14.10
CA PHE B 121 -16.58 32.41 -14.38
C PHE B 121 -16.92 33.15 -13.10
N GLU B 122 -17.68 32.51 -12.19
CA GLU B 122 -18.00 33.09 -10.89
C GLU B 122 -17.78 32.00 -9.82
N ASN B 123 -16.94 32.32 -8.85
CA ASN B 123 -16.63 31.44 -7.73
C ASN B 123 -16.44 32.23 -6.44
N GLU B 124 -17.07 33.40 -6.36
CA GLU B 124 -16.73 34.40 -5.35
C GLU B 124 -17.10 33.93 -3.95
N VAL B 125 -16.08 33.69 -3.14
CA VAL B 125 -16.23 33.24 -1.76
C VAL B 125 -16.68 34.42 -0.91
N VAL B 126 -17.56 34.17 0.06
CA VAL B 126 -18.04 35.20 0.96
C VAL B 126 -17.43 34.96 2.33
N GLY B 127 -17.03 36.03 3.00
CA GLY B 127 -16.52 35.96 4.35
C GLY B 127 -15.02 36.06 4.49
N CYS B 128 -14.28 35.95 3.38
CA CYS B 128 -12.84 36.07 3.44
C CYS B 128 -12.43 37.52 3.66
N PRO B 129 -11.34 37.76 4.41
CA PRO B 129 -10.78 39.11 4.47
C PRO B 129 -10.31 39.58 3.11
N ARG B 130 -10.46 40.88 2.87
CA ARG B 130 -10.26 41.43 1.54
C ARG B 130 -8.78 41.46 1.14
N GLY B 131 -7.88 41.41 2.12
CA GLY B 131 -6.46 41.51 1.80
C GLY B 131 -5.89 40.24 1.19
N TYR B 132 -6.64 39.14 1.26
CA TYR B 132 -6.12 37.85 0.79
C TYR B 132 -6.43 37.62 -0.69
N LYS B 133 -7.55 38.18 -1.17
CA LYS B 133 -8.04 37.88 -2.51
C LYS B 133 -7.09 38.39 -3.59
N MET B 134 -6.43 39.52 -3.33
CA MET B 134 -5.53 40.11 -4.32
C MET B 134 -4.33 39.21 -4.58
N SER B 135 -3.66 38.79 -3.50
CA SER B 135 -2.52 37.89 -3.62
C SER B 135 -2.93 36.54 -4.18
N SER B 136 -4.15 36.09 -3.86
CA SER B 136 -4.65 34.84 -4.42
C SER B 136 -4.82 34.94 -5.93
N ILE B 137 -5.38 36.05 -6.41
CA ILE B 137 -5.57 36.24 -7.85
C ILE B 137 -4.22 36.36 -8.56
N LYS B 138 -3.26 37.03 -7.93
CA LYS B 138 -1.93 37.17 -8.53
C LYS B 138 -1.23 35.83 -8.66
N THR B 139 -1.29 35.01 -7.60
CA THR B 139 -0.68 33.68 -7.65
C THR B 139 -1.37 32.79 -8.68
N THR B 140 -2.70 32.92 -8.79
CA THR B 140 -3.45 32.13 -9.76
C THR B 140 -3.05 32.49 -11.19
N LEU B 141 -2.97 33.78 -11.50
CA LEU B 141 -2.59 34.22 -12.84
C LEU B 141 -1.16 33.81 -13.16
N PHE B 142 -0.26 33.90 -12.19
CA PHE B 142 1.13 33.53 -12.43
C PHE B 142 1.27 32.04 -12.74
N ARG B 143 0.65 31.18 -11.93
CA ARG B 143 0.78 29.75 -12.15
C ARG B 143 0.07 29.31 -13.44
N CYS B 144 -1.08 29.93 -13.74
CA CYS B 144 -1.79 29.65 -14.98
C CYS B 144 -0.94 29.99 -16.20
N LYS B 145 -0.37 31.20 -16.24
CA LYS B 145 0.49 31.60 -17.35
C LYS B 145 1.70 30.69 -17.48
N PHE B 146 2.27 30.29 -16.33
CA PHE B 146 3.44 29.41 -16.34
C PHE B 146 3.14 28.07 -17.01
N VAL B 147 2.10 27.38 -16.54
CA VAL B 147 1.83 26.03 -17.05
C VAL B 147 1.40 26.09 -18.52
N ALA B 148 0.61 27.11 -18.88
CA ALA B 148 0.10 27.21 -20.24
C ALA B 148 1.23 27.47 -21.24
N PHE B 149 2.06 28.49 -20.95
CA PHE B 149 3.13 28.82 -21.88
C PHE B 149 4.21 27.75 -21.90
N SER B 150 4.43 27.06 -20.78
CA SER B 150 5.41 25.99 -20.73
C SER B 150 5.02 24.85 -21.67
N LEU B 151 3.81 24.32 -21.51
CA LEU B 151 3.39 23.21 -22.36
C LEU B 151 3.25 23.64 -23.81
N GLY B 152 2.81 24.87 -24.06
CA GLY B 152 2.68 25.34 -25.43
C GLY B 152 4.02 25.46 -26.16
N ILE B 153 5.02 26.03 -25.48
CA ILE B 153 6.31 26.23 -26.13
C ILE B 153 7.02 24.90 -26.33
N LEU B 154 6.93 23.99 -25.34
CA LEU B 154 7.54 22.68 -25.53
C LEU B 154 6.87 21.88 -26.64
N SER B 155 5.55 22.00 -26.76
CA SER B 155 4.83 21.32 -27.84
C SER B 155 5.22 21.88 -29.20
N PHE B 156 5.35 23.21 -29.30
CA PHE B 156 5.72 23.81 -30.58
C PHE B 156 7.13 23.41 -31.00
N PHE B 157 8.07 23.39 -30.05
CA PHE B 157 9.43 22.99 -30.40
C PHE B 157 9.50 21.52 -30.79
N GLY B 158 8.78 20.65 -30.07
CA GLY B 158 8.80 19.23 -30.41
C GLY B 158 8.19 18.95 -31.76
N TRP B 159 7.05 19.59 -32.07
CA TRP B 159 6.44 19.41 -33.37
C TRP B 159 7.32 19.94 -34.48
N LEU B 160 7.92 21.13 -34.27
CA LEU B 160 8.77 21.75 -35.28
C LEU B 160 9.96 20.87 -35.60
N MET B 161 10.64 20.36 -34.57
CA MET B 161 11.74 19.42 -34.78
C MET B 161 11.27 18.18 -35.53
N TRP B 162 10.37 17.39 -34.94
CA TRP B 162 9.95 16.10 -35.47
C TRP B 162 9.36 16.18 -36.87
N THR B 163 8.71 17.29 -37.24
CA THR B 163 8.09 17.37 -38.54
C THR B 163 8.94 18.08 -39.59
N LEU B 164 9.61 19.18 -39.25
CA LEU B 164 10.29 19.96 -40.26
C LEU B 164 11.77 19.66 -40.39
N LEU B 165 12.38 18.99 -39.41
CA LEU B 165 13.81 18.68 -39.52
C LEU B 165 14.17 17.72 -40.66
N PRO B 166 13.41 16.66 -40.99
CA PRO B 166 13.79 15.89 -42.17
C PRO B 166 13.46 16.56 -43.49
N LEU B 167 12.53 17.53 -43.50
CA LEU B 167 12.20 18.21 -44.75
C LEU B 167 13.35 19.08 -45.23
N ALA B 168 14.09 19.68 -44.30
CA ALA B 168 15.22 20.54 -44.68
C ALA B 168 16.40 19.75 -45.23
N VAL B 169 16.38 18.42 -45.18
CA VAL B 169 17.46 17.64 -45.75
C VAL B 169 17.27 17.49 -47.26
N LEU B 170 16.02 17.33 -47.71
CA LEU B 170 15.80 16.97 -49.10
C LEU B 170 14.94 17.96 -49.88
N VAL B 171 13.91 18.54 -49.25
CA VAL B 171 12.90 19.28 -50.00
C VAL B 171 13.45 20.63 -50.45
N VAL B 172 14.50 21.12 -49.77
CA VAL B 172 15.11 22.39 -50.16
C VAL B 172 15.82 22.25 -51.50
N ASP B 173 16.34 21.06 -51.79
CA ASP B 173 16.97 20.80 -53.08
C ASP B 173 15.91 20.51 -54.14
N GLN B 182 16.94 8.95 -50.16
CA GLN B 182 16.21 9.49 -51.28
C GLN B 182 14.72 9.55 -51.01
N THR B 183 14.16 8.40 -50.63
CA THR B 183 12.76 8.35 -50.19
C THR B 183 12.69 8.49 -48.68
N SER B 184 11.50 8.20 -48.11
CA SER B 184 11.26 8.15 -46.66
C SER B 184 11.54 9.50 -45.99
N LEU B 185 10.73 10.50 -46.33
CA LEU B 185 10.85 11.81 -45.70
C LEU B 185 10.44 11.75 -44.23
N ARG B 186 9.33 11.10 -43.93
CA ARG B 186 8.86 11.01 -42.56
C ARG B 186 9.72 10.06 -41.75
N PHE B 187 9.64 10.17 -40.42
CA PHE B 187 10.50 9.35 -39.57
C PHE B 187 10.00 7.91 -39.52
N VAL B 188 8.72 7.70 -39.25
CA VAL B 188 8.16 6.36 -39.16
C VAL B 188 7.00 6.27 -40.16
N GLU B 189 6.99 5.20 -40.94
CA GLU B 189 5.96 5.01 -41.95
C GLU B 189 4.67 4.50 -41.31
N ALA B 190 3.61 4.46 -42.11
CA ALA B 190 2.33 3.97 -41.65
C ALA B 190 1.64 3.23 -42.79
N TRP B 191 0.53 2.59 -42.46
CA TRP B 191 -0.26 1.93 -43.49
C TRP B 191 -0.98 2.97 -44.33
N TYR B 192 -1.01 2.75 -45.64
CA TYR B 192 -1.73 3.63 -46.56
C TYR B 192 -2.26 2.79 -47.70
N PRO B 193 -3.37 3.20 -48.32
CA PRO B 193 -3.77 2.55 -49.57
C PRO B 193 -2.91 2.96 -50.74
N PHE B 194 -2.42 4.20 -50.75
CA PHE B 194 -1.51 4.65 -51.77
C PHE B 194 -0.12 4.05 -51.57
N ASP B 195 0.73 4.19 -52.60
CA ASP B 195 2.07 3.65 -52.51
C ASP B 195 2.94 4.44 -51.54
N THR B 196 2.89 5.76 -51.63
CA THR B 196 3.56 6.73 -50.75
C THR B 196 5.09 6.61 -50.73
N THR B 197 5.67 5.82 -51.63
CA THR B 197 7.13 5.74 -51.71
C THR B 197 7.63 6.52 -52.91
N THR B 198 6.80 6.67 -53.93
CA THR B 198 7.19 7.40 -55.14
C THR B 198 7.19 8.90 -54.87
N SER B 199 8.01 9.61 -55.65
CA SER B 199 8.06 11.07 -55.57
C SER B 199 6.75 11.81 -55.91
N PRO B 200 5.80 11.29 -56.71
CA PRO B 200 4.50 11.97 -56.78
C PRO B 200 3.76 12.10 -55.45
N MET B 201 3.82 11.10 -54.57
CA MET B 201 2.89 11.04 -53.45
C MET B 201 3.50 11.38 -52.10
N ASN B 202 4.81 11.17 -51.92
CA ASN B 202 5.39 11.21 -50.58
C ASN B 202 5.40 12.62 -50.00
N GLU B 203 5.54 13.64 -50.86
CA GLU B 203 5.55 15.01 -50.39
C GLU B 203 4.18 15.44 -49.87
N VAL B 204 3.12 15.09 -50.60
CA VAL B 204 1.79 15.48 -50.16
C VAL B 204 1.36 14.63 -48.96
N ILE B 205 1.90 13.41 -48.85
CA ILE B 205 1.68 12.64 -47.62
C ILE B 205 2.36 13.30 -46.44
N ALA B 206 3.55 13.87 -46.65
CA ALA B 206 4.24 14.59 -45.58
C ALA B 206 3.48 15.84 -45.15
N ILE B 207 2.89 16.55 -46.11
CA ILE B 207 2.10 17.74 -45.79
C ILE B 207 0.85 17.37 -44.99
N TYR B 208 0.16 16.30 -45.44
CA TYR B 208 -1.01 15.78 -44.72
C TYR B 208 -0.64 15.36 -43.30
N GLU B 209 0.52 14.71 -43.15
CA GLU B 209 0.96 14.28 -41.83
C GLU B 209 1.32 15.47 -40.95
N ALA B 210 1.81 16.54 -41.56
CA ALA B 210 2.13 17.75 -40.81
C ALA B 210 0.88 18.37 -40.20
N VAL B 211 -0.18 18.53 -41.01
CA VAL B 211 -1.38 19.20 -40.47
C VAL B 211 -2.13 18.29 -39.49
N ALA B 212 -2.16 16.97 -39.78
CA ALA B 212 -2.76 16.05 -38.82
C ALA B 212 -1.96 15.98 -37.53
N MET B 213 -0.64 16.14 -37.63
CA MET B 213 0.21 16.17 -36.46
C MET B 213 -0.07 17.40 -35.62
N ILE B 214 -0.33 18.54 -36.27
CA ILE B 214 -0.68 19.77 -35.57
C ILE B 214 -1.93 19.56 -34.73
N PHE B 215 -2.99 19.02 -35.33
CA PHE B 215 -4.23 18.89 -34.59
C PHE B 215 -4.15 17.80 -33.50
N LEU B 216 -3.53 16.67 -33.81
CA LEU B 216 -3.44 15.59 -32.85
C LEU B 216 -2.49 15.88 -31.71
N ILE B 217 -1.53 16.79 -31.89
CA ILE B 217 -0.74 17.27 -30.76
C ILE B 217 -1.51 18.32 -29.97
N THR B 218 -2.24 19.20 -30.64
CA THR B 218 -2.91 20.32 -30.00
C THR B 218 -4.07 19.90 -29.10
N ALA B 219 -4.70 18.75 -29.37
CA ALA B 219 -5.85 18.39 -28.52
C ALA B 219 -5.53 18.01 -27.07
N PRO B 220 -4.70 17.00 -26.78
CA PRO B 220 -4.54 16.60 -25.37
C PRO B 220 -3.77 17.61 -24.54
N MET B 221 -2.87 18.38 -25.17
CA MET B 221 -2.19 19.46 -24.46
C MET B 221 -3.18 20.51 -23.97
N SER B 222 -4.17 20.85 -24.80
CA SER B 222 -5.19 21.80 -24.37
C SER B 222 -6.07 21.21 -23.26
N SER B 223 -6.32 19.89 -23.32
CA SER B 223 -7.09 19.27 -22.25
C SER B 223 -6.33 19.30 -20.91
N ASP B 224 -5.02 19.03 -20.95
CA ASP B 224 -4.23 19.09 -19.72
C ASP B 224 -4.10 20.52 -19.21
N ILE B 225 -4.08 21.50 -20.11
CA ILE B 225 -4.07 22.89 -19.69
C ILE B 225 -5.36 23.24 -18.95
N MET B 226 -6.51 22.80 -19.47
CA MET B 226 -7.77 23.06 -18.77
C MET B 226 -7.85 22.35 -17.42
N PHE B 227 -7.33 21.12 -17.34
CA PHE B 227 -7.32 20.42 -16.06
C PHE B 227 -6.42 21.12 -15.04
N CYS B 228 -5.27 21.64 -15.50
CA CYS B 228 -4.38 22.35 -14.59
C CYS B 228 -5.01 23.65 -14.10
N VAL B 229 -5.74 24.35 -14.98
CA VAL B 229 -6.47 25.56 -14.56
C VAL B 229 -7.50 25.23 -13.50
N LEU B 230 -8.24 24.12 -13.70
CA LEU B 230 -9.27 23.74 -12.74
C LEU B 230 -8.67 23.37 -11.39
N MET B 231 -7.54 22.65 -11.38
CA MET B 231 -6.93 22.29 -10.11
C MET B 231 -6.36 23.49 -9.38
N ILE B 232 -5.79 24.45 -10.12
CA ILE B 232 -5.28 25.67 -9.50
C ILE B 232 -6.41 26.46 -8.85
N PHE B 233 -7.55 26.56 -9.55
CA PHE B 233 -8.67 27.31 -8.99
C PHE B 233 -9.26 26.61 -7.77
N ILE B 234 -9.29 25.28 -7.78
CA ILE B 234 -9.85 24.57 -6.63
C ILE B 234 -8.92 24.70 -5.41
N VAL B 235 -7.60 24.73 -5.64
CA VAL B 235 -6.67 24.93 -4.54
C VAL B 235 -6.85 26.32 -3.93
N GLU B 236 -6.97 27.34 -4.78
CA GLU B 236 -7.19 28.70 -4.28
C GLU B 236 -8.53 28.81 -3.55
N HIS B 237 -9.54 28.10 -4.04
CA HIS B 237 -10.85 28.13 -3.40
C HIS B 237 -10.82 27.49 -2.02
N LEU B 238 -10.08 26.38 -1.88
CA LEU B 238 -10.00 25.71 -0.59
C LEU B 238 -9.22 26.54 0.42
N LYS B 239 -8.16 27.22 -0.03
CA LYS B 239 -7.42 28.09 0.89
C LYS B 239 -8.28 29.27 1.33
N CYS B 240 -9.06 29.82 0.40
CA CYS B 240 -9.99 30.88 0.76
C CYS B 240 -11.05 30.39 1.75
N LEU B 241 -11.50 29.15 1.60
CA LEU B 241 -12.48 28.61 2.53
C LEU B 241 -11.91 28.43 3.93
N GLY B 242 -10.65 27.97 4.01
CA GLY B 242 -10.02 27.84 5.32
C GLY B 242 -9.82 29.17 6.02
N MET B 243 -9.38 30.18 5.27
CA MET B 243 -9.25 31.52 5.84
C MET B 243 -10.60 32.09 6.25
N ALA B 244 -11.66 31.75 5.51
CA ALA B 244 -12.99 32.24 5.86
C ALA B 244 -13.52 31.57 7.12
N ILE B 245 -13.18 30.29 7.33
CA ILE B 245 -13.57 29.60 8.56
C ILE B 245 -12.86 30.23 9.75
N GLU B 246 -11.55 30.52 9.61
CA GLU B 246 -10.82 31.18 10.68
C GLU B 246 -11.39 32.56 10.98
N CYS B 247 -11.79 33.30 9.93
CA CYS B 247 -12.33 34.64 10.13
C CYS B 247 -13.69 34.60 10.82
N THR B 248 -14.57 33.67 10.41
CA THR B 248 -15.88 33.61 11.05
C THR B 248 -15.83 33.00 12.43
N LEU B 249 -14.75 32.28 12.78
CA LEU B 249 -14.63 31.84 14.15
C LEU B 249 -13.97 32.87 15.04
N LYS B 250 -13.17 33.77 14.45
CA LYS B 250 -12.54 34.82 15.25
C LYS B 250 -13.56 35.81 15.79
N GLY B 251 -14.67 36.00 15.10
CA GLY B 251 -15.71 36.91 15.55
C GLY B 251 -16.46 36.41 16.77
N ASP B 321 -24.11 35.23 12.15
CA ASP B 321 -24.08 34.10 13.06
C ASP B 321 -24.22 32.76 12.31
N ALA B 322 -25.45 32.37 11.97
CA ALA B 322 -25.66 31.09 11.30
C ALA B 322 -25.40 31.19 9.80
N THR B 323 -25.73 32.35 9.20
CA THR B 323 -25.72 32.48 7.75
C THR B 323 -24.31 32.37 7.18
N SER B 324 -23.32 32.83 7.95
CA SER B 324 -21.92 32.64 7.54
C SER B 324 -21.57 31.16 7.48
N LEU B 325 -22.04 30.38 8.45
CA LEU B 325 -21.77 28.95 8.45
C LEU B 325 -22.50 28.25 7.30
N CYS B 326 -23.71 28.70 6.99
CA CYS B 326 -24.42 28.14 5.82
C CYS B 326 -23.68 28.42 4.53
N ASN B 327 -23.14 29.64 4.39
CA ASN B 327 -22.39 29.97 3.18
C ASN B 327 -21.10 29.16 3.10
N ILE B 328 -20.45 28.93 4.25
CA ILE B 328 -19.24 28.11 4.29
C ILE B 328 -19.54 26.68 3.85
N VAL B 329 -20.62 26.10 4.38
CA VAL B 329 -20.97 24.72 4.04
C VAL B 329 -21.39 24.63 2.58
N ASP B 330 -22.06 25.66 2.06
CA ASP B 330 -22.46 25.63 0.65
C ASP B 330 -21.27 25.73 -0.29
N SER B 331 -20.27 26.54 0.06
CA SER B 331 -19.06 26.57 -0.74
C SER B 331 -18.31 25.24 -0.65
N HIS B 332 -18.30 24.63 0.54
CA HIS B 332 -17.59 23.38 0.70
C HIS B 332 -18.26 22.24 -0.05
N VAL B 333 -19.58 22.30 -0.24
CA VAL B 333 -20.25 21.24 -0.97
C VAL B 333 -20.20 21.52 -2.46
N LYS B 334 -20.11 22.80 -2.84
CA LYS B 334 -19.97 23.13 -4.27
C LYS B 334 -18.61 22.68 -4.79
N ILE B 335 -17.57 22.81 -3.96
CA ILE B 335 -16.24 22.32 -4.34
C ILE B 335 -16.26 20.81 -4.54
N TYR B 336 -16.98 20.09 -3.68
CA TYR B 336 -17.05 18.64 -3.81
C TYR B 336 -17.83 18.22 -5.04
N ARG B 337 -18.92 18.93 -5.36
CA ARG B 337 -19.67 18.62 -6.57
C ARG B 337 -18.84 18.90 -7.82
N THR B 338 -18.04 19.97 -7.78
CA THR B 338 -17.18 20.28 -8.93
C THR B 338 -16.11 19.22 -9.12
N MET B 339 -15.49 18.75 -8.04
CA MET B 339 -14.50 17.69 -8.17
C MET B 339 -15.14 16.37 -8.62
N GLU B 340 -16.37 16.11 -8.19
CA GLU B 340 -17.07 14.92 -8.64
C GLU B 340 -17.39 14.99 -10.13
N ILE B 341 -17.67 16.20 -10.63
CA ILE B 341 -17.84 16.37 -12.08
C ILE B 341 -16.53 16.19 -12.82
N VAL B 342 -15.42 16.72 -12.30
CA VAL B 342 -14.12 16.62 -12.95
C VAL B 342 -13.62 15.17 -12.98
N GLN B 343 -14.09 14.34 -12.04
CA GLN B 343 -13.58 12.98 -11.87
C GLN B 343 -13.73 12.10 -13.12
N SER B 344 -14.88 12.18 -13.81
CA SER B 344 -15.23 11.14 -14.78
C SER B 344 -14.42 11.22 -16.07
N VAL B 345 -14.50 12.38 -16.75
CA VAL B 345 -13.84 12.57 -18.04
C VAL B 345 -12.34 12.37 -17.90
N TYR B 346 -11.77 12.94 -16.86
CA TYR B 346 -10.34 12.79 -16.66
C TYR B 346 -10.00 11.43 -16.07
N SER B 347 -10.98 10.68 -15.56
CA SER B 347 -10.69 9.31 -15.16
C SER B 347 -10.37 8.45 -16.36
N SER B 348 -11.25 8.49 -17.37
CA SER B 348 -10.98 7.72 -18.59
C SER B 348 -9.73 8.22 -19.30
N TYR B 349 -9.60 9.55 -19.42
CA TYR B 349 -8.45 10.13 -20.13
C TYR B 349 -7.15 9.84 -19.39
N PHE B 350 -7.17 9.84 -18.06
CA PHE B 350 -5.94 9.64 -17.30
C PHE B 350 -5.51 8.19 -17.33
N ALA B 351 -6.46 7.25 -17.34
CA ALA B 351 -6.09 5.84 -17.49
C ALA B 351 -5.35 5.61 -18.81
N THR B 352 -5.95 6.08 -19.91
CA THR B 352 -5.31 5.93 -21.22
C THR B 352 -3.96 6.64 -21.27
N LEU B 353 -3.91 7.87 -20.74
CA LEU B 353 -2.71 8.69 -20.74
C LEU B 353 -1.56 8.03 -20.00
N PHE B 354 -1.80 7.56 -18.79
CA PHE B 354 -0.73 7.02 -17.97
C PHE B 354 -0.18 5.72 -18.55
N PHE B 355 -1.09 4.85 -19.03
CA PHE B 355 -0.61 3.57 -19.58
C PHE B 355 0.21 3.77 -20.85
N THR B 356 -0.33 4.56 -21.80
CA THR B 356 0.39 4.74 -23.05
C THR B 356 1.64 5.60 -22.87
N SER B 357 1.65 6.46 -21.85
CA SER B 357 2.83 7.26 -21.59
C SER B 357 3.95 6.40 -21.02
N CYS B 358 3.61 5.43 -20.17
CA CYS B 358 4.63 4.50 -19.70
C CYS B 358 5.21 3.68 -20.85
N LEU B 359 4.35 3.23 -21.77
CA LEU B 359 4.83 2.50 -22.95
C LEU B 359 5.75 3.38 -23.80
N ALA B 360 5.38 4.64 -23.98
CA ALA B 360 6.16 5.55 -24.82
C ALA B 360 7.53 5.86 -24.22
N VAL B 361 7.59 6.07 -22.90
CA VAL B 361 8.88 6.41 -22.30
C VAL B 361 9.79 5.19 -22.25
N CYS B 362 9.21 3.97 -22.14
CA CYS B 362 10.04 2.77 -22.20
C CYS B 362 10.65 2.59 -23.60
N ALA B 363 9.83 2.76 -24.63
CA ALA B 363 10.33 2.60 -26.00
C ALA B 363 11.35 3.69 -26.35
N LEU B 364 11.14 4.92 -25.85
CA LEU B 364 12.09 5.99 -26.11
C LEU B 364 13.42 5.74 -25.42
N ALA B 365 13.39 5.23 -24.19
CA ALA B 365 14.63 4.94 -23.50
C ALA B 365 15.38 3.81 -24.19
N TYR B 366 14.66 2.85 -24.78
CA TYR B 366 15.34 1.81 -25.55
C TYR B 366 15.98 2.39 -26.81
N PHE B 367 15.26 3.26 -27.54
CA PHE B 367 15.85 3.85 -28.75
C PHE B 367 17.06 4.72 -28.43
N LEU B 368 17.04 5.42 -27.31
CA LEU B 368 18.16 6.29 -26.99
C LEU B 368 19.34 5.52 -26.41
N ALA B 369 19.08 4.35 -25.80
CA ALA B 369 20.17 3.62 -25.19
C ALA B 369 20.97 2.79 -26.18
N ALA B 370 20.33 1.85 -26.87
CA ALA B 370 21.05 0.77 -27.56
C ALA B 370 21.31 1.07 -29.03
N THR B 371 20.26 1.31 -29.81
CA THR B 371 20.36 1.35 -31.26
C THR B 371 21.13 2.59 -31.71
N SER B 372 22.05 2.38 -32.66
CA SER B 372 22.86 3.46 -33.22
C SER B 372 21.98 4.30 -34.12
N THR B 373 21.32 5.28 -33.50
CA THR B 373 20.40 6.15 -34.22
C THR B 373 21.15 7.12 -35.13
N SER B 374 20.40 7.80 -35.98
CA SER B 374 20.96 8.61 -37.06
C SER B 374 21.27 10.05 -36.63
N PHE B 375 21.09 10.38 -35.34
CA PHE B 375 21.49 11.64 -34.70
C PHE B 375 20.64 12.83 -35.15
N THR B 376 19.80 12.64 -36.16
CA THR B 376 18.84 13.65 -36.54
C THR B 376 17.54 13.50 -35.78
N ARG B 377 17.41 12.41 -35.03
CA ARG B 377 16.23 12.20 -34.20
C ARG B 377 16.55 12.23 -32.71
N VAL B 378 17.79 12.55 -32.35
CA VAL B 378 18.10 12.81 -30.94
C VAL B 378 17.47 14.09 -30.42
N PRO B 379 17.46 15.23 -31.15
CA PRO B 379 16.70 16.39 -30.62
C PRO B 379 15.20 16.21 -30.57
N GLY B 380 14.64 15.24 -31.28
CA GLY B 380 13.22 14.97 -31.14
C GLY B 380 12.94 14.08 -29.95
N MET B 381 13.76 13.03 -29.82
CA MET B 381 13.57 12.05 -28.75
C MET B 381 14.01 12.58 -27.40
N VAL B 382 14.82 13.65 -27.36
CA VAL B 382 15.19 14.24 -26.08
C VAL B 382 14.23 15.35 -25.67
N LEU B 383 13.39 15.82 -26.59
CA LEU B 383 12.33 16.75 -26.21
C LEU B 383 11.03 16.04 -25.89
N TYR B 384 10.76 14.90 -26.54
CA TYR B 384 9.53 14.17 -26.23
C TYR B 384 9.60 13.56 -24.83
N LEU B 385 10.80 13.20 -24.38
CA LEU B 385 10.99 12.71 -23.02
C LEU B 385 10.72 13.80 -22.00
N MET B 386 11.25 15.00 -22.24
CA MET B 386 11.04 16.10 -21.31
C MET B 386 9.59 16.54 -21.29
N TYR B 387 8.92 16.50 -22.45
CA TYR B 387 7.50 16.84 -22.49
C TYR B 387 6.67 15.84 -21.70
N ILE B 388 6.97 14.55 -21.86
CA ILE B 388 6.22 13.51 -21.15
C ILE B 388 6.42 13.64 -19.64
N PHE B 389 7.68 13.80 -19.21
CA PHE B 389 7.95 13.93 -17.78
C PHE B 389 7.34 15.20 -17.20
N LEU B 390 7.40 16.32 -17.93
CA LEU B 390 6.82 17.56 -17.43
C LEU B 390 5.31 17.47 -17.33
N ARG B 391 4.67 16.85 -18.32
CA ARG B 391 3.21 16.75 -18.30
C ARG B 391 2.74 15.85 -17.17
N ILE B 392 3.38 14.69 -17.00
CA ILE B 392 2.98 13.76 -15.93
C ILE B 392 3.24 14.38 -14.57
N PHE B 393 4.37 15.08 -14.41
CA PHE B 393 4.71 15.67 -13.13
C PHE B 393 3.76 16.80 -12.77
N LEU B 394 3.37 17.62 -13.75
CA LEU B 394 2.45 18.72 -13.47
C LEU B 394 1.05 18.20 -13.12
N LEU B 395 0.59 17.16 -13.82
CA LEU B 395 -0.71 16.57 -13.50
C LEU B 395 -0.71 15.97 -12.10
N CYS B 396 0.35 15.25 -11.74
CA CYS B 396 0.40 14.64 -10.42
C CYS B 396 0.54 15.68 -9.31
N LEU B 397 1.28 16.76 -9.57
CA LEU B 397 1.45 17.80 -8.57
C LEU B 397 0.14 18.53 -8.30
N LEU B 398 -0.54 18.95 -9.37
CA LEU B 398 -1.80 19.65 -9.18
C LEU B 398 -2.94 18.72 -8.77
N ALA B 399 -2.75 17.41 -8.85
CA ALA B 399 -3.73 16.52 -8.24
C ALA B 399 -3.42 16.27 -6.77
N THR B 400 -2.16 16.40 -6.36
CA THR B 400 -1.83 16.21 -4.95
C THR B 400 -2.16 17.45 -4.13
N GLU B 401 -2.05 18.64 -4.75
CA GLU B 401 -2.30 19.88 -4.02
C GLU B 401 -3.72 19.98 -3.52
N VAL B 402 -4.68 19.45 -4.28
CA VAL B 402 -6.09 19.55 -3.89
C VAL B 402 -6.37 18.69 -2.67
N ALA B 403 -5.82 17.48 -2.63
CA ALA B 403 -6.00 16.61 -1.48
C ALA B 403 -5.32 17.20 -0.25
N GLU B 404 -4.15 17.80 -0.43
CA GLU B 404 -3.49 18.43 0.71
C GLU B 404 -4.27 19.63 1.23
N GLN B 405 -4.90 20.39 0.34
CA GLN B 405 -5.71 21.52 0.81
C GLN B 405 -6.98 21.05 1.49
N GLY B 406 -7.55 19.92 1.06
CA GLY B 406 -8.69 19.38 1.77
C GLY B 406 -8.34 18.92 3.18
N LEU B 407 -7.22 18.21 3.31
CA LEU B 407 -6.79 17.77 4.64
C LEU B 407 -6.36 18.96 5.51
N ASN B 408 -5.89 20.04 4.89
CA ASN B 408 -5.61 21.24 5.64
C ASN B 408 -6.90 21.94 6.07
N LEU B 409 -7.95 21.84 5.26
CA LEU B 409 -9.26 22.32 5.66
C LEU B 409 -9.83 21.55 6.83
N CYS B 410 -9.45 20.28 6.98
CA CYS B 410 -9.85 19.52 8.17
C CYS B 410 -9.38 20.13 9.48
N HIS B 411 -8.20 20.75 9.51
CA HIS B 411 -7.64 21.34 10.73
C HIS B 411 -8.06 22.78 10.95
N ALA B 412 -9.08 23.26 10.23
CA ALA B 412 -9.46 24.66 10.31
C ALA B 412 -10.41 24.88 11.48
N GLY B 413 -10.25 26.01 12.16
CA GLY B 413 -11.09 26.38 13.28
C GLY B 413 -10.66 25.78 14.60
N TYR B 414 -9.83 24.75 14.59
CA TYR B 414 -9.46 24.06 15.81
C TYR B 414 -8.54 24.93 16.64
N SER B 415 -9.11 25.57 17.67
CA SER B 415 -8.36 26.50 18.51
C SER B 415 -9.04 26.68 19.85
N SER B 416 -8.62 27.70 20.61
CA SER B 416 -9.18 27.92 21.93
C SER B 416 -10.59 28.49 21.86
N LYS B 417 -10.94 29.15 20.76
CA LYS B 417 -12.26 29.77 20.66
C LYS B 417 -13.34 28.72 20.48
N LEU B 418 -12.99 27.60 19.84
CA LEU B 418 -13.96 26.53 19.59
C LEU B 418 -14.45 25.90 20.89
N VAL B 419 -13.63 25.93 21.93
CA VAL B 419 -14.00 25.41 23.23
C VAL B 419 -15.02 26.33 23.86
N LEU B 420 -14.95 27.63 23.54
CA LEU B 420 -15.81 28.61 24.19
C LEU B 420 -17.02 28.97 23.34
N ALA B 421 -17.25 28.27 22.24
CA ALA B 421 -18.41 28.53 21.41
C ALA B 421 -19.62 27.76 21.91
N SER B 422 -20.76 27.98 21.25
CA SER B 422 -21.99 27.33 21.64
C SER B 422 -22.01 25.88 21.16
N ASP B 423 -23.16 25.24 21.34
CA ASP B 423 -23.31 23.87 20.84
C ASP B 423 -23.46 23.86 19.32
N HIS B 424 -24.01 24.93 18.76
CA HIS B 424 -24.24 25.01 17.32
C HIS B 424 -22.93 25.02 16.55
N VAL B 425 -21.98 25.85 16.99
CA VAL B 425 -20.69 25.93 16.31
C VAL B 425 -19.90 24.64 16.52
N ARG B 426 -19.93 24.10 17.73
CA ARG B 426 -19.22 22.86 18.00
C ARG B 426 -19.84 21.65 17.31
N SER B 427 -21.07 21.76 16.82
CA SER B 427 -21.64 20.71 15.98
C SER B 427 -21.34 20.92 14.51
N THR B 428 -21.45 22.14 14.00
CA THR B 428 -21.23 22.36 12.58
C THR B 428 -19.76 22.25 12.20
N ILE B 429 -18.85 22.69 13.09
CA ILE B 429 -17.43 22.53 12.82
C ILE B 429 -17.06 21.05 12.84
N GLN B 430 -17.69 20.28 13.72
CA GLN B 430 -17.49 18.83 13.74
C GLN B 430 -17.97 18.19 12.46
N ALA B 431 -19.12 18.65 11.94
CA ALA B 431 -19.64 18.10 10.69
C ALA B 431 -18.73 18.46 9.52
N ILE B 432 -18.24 19.70 9.48
CA ILE B 432 -17.32 20.13 8.43
C ILE B 432 -16.04 19.32 8.47
N ALA B 433 -15.54 19.02 9.67
CA ALA B 433 -14.31 18.25 9.79
C ALA B 433 -14.50 16.80 9.37
N THR B 434 -15.60 16.17 9.78
CA THR B 434 -15.79 14.76 9.45
C THR B 434 -16.18 14.59 7.99
N ARG B 435 -16.63 15.66 7.34
CA ARG B 435 -16.78 15.59 5.89
C ARG B 435 -15.46 15.88 5.18
N ALA B 436 -14.62 16.73 5.76
CA ALA B 436 -13.37 17.10 5.12
C ALA B 436 -12.31 16.01 5.28
N GLN B 437 -12.56 15.05 6.17
CA GLN B 437 -11.64 13.92 6.29
C GLN B 437 -11.62 13.06 5.05
N ILE B 438 -12.70 13.05 4.28
CA ILE B 438 -12.71 12.30 3.02
C ILE B 438 -11.91 13.07 1.97
N PRO B 439 -10.88 12.47 1.36
CA PRO B 439 -10.04 13.24 0.46
C PRO B 439 -10.64 13.41 -0.93
N LEU B 440 -10.40 14.57 -1.52
CA LEU B 440 -10.83 14.87 -2.89
C LEU B 440 -9.71 14.37 -3.81
N SER B 441 -9.93 13.22 -4.42
CA SER B 441 -8.91 12.54 -5.22
C SER B 441 -9.42 12.32 -6.62
N ILE B 442 -8.56 12.50 -7.61
CA ILE B 442 -8.88 12.19 -8.99
C ILE B 442 -8.27 10.84 -9.31
N THR B 443 -9.11 9.86 -9.59
CA THR B 443 -8.66 8.50 -9.88
C THR B 443 -8.72 8.25 -11.37
N GLY B 444 -7.78 7.45 -11.87
CA GLY B 444 -7.80 7.11 -13.28
C GLY B 444 -8.59 5.86 -13.57
N ALA B 445 -9.85 6.03 -13.95
CA ALA B 445 -10.82 4.95 -14.17
C ALA B 445 -10.91 3.98 -13.00
N ARG B 446 -10.73 4.51 -11.77
CA ARG B 446 -10.74 3.79 -10.50
C ARG B 446 -9.63 2.75 -10.37
N PHE B 447 -8.66 2.72 -11.30
CA PHE B 447 -7.56 1.78 -11.18
C PHE B 447 -6.48 2.27 -10.24
N PHE B 448 -6.22 3.57 -10.20
CA PHE B 448 -5.18 4.13 -9.34
C PHE B 448 -5.58 5.55 -8.98
N THR B 449 -4.94 6.06 -7.94
CA THR B 449 -5.14 7.42 -7.47
C THR B 449 -4.00 8.29 -7.98
N VAL B 450 -4.33 9.36 -8.70
CA VAL B 450 -3.32 10.23 -9.25
C VAL B 450 -2.71 11.05 -8.13
N ASN B 451 -1.57 10.61 -7.63
CA ASN B 451 -0.84 11.29 -6.58
C ASN B 451 0.59 11.48 -7.04
N LEU B 452 1.45 11.95 -6.13
CA LEU B 452 2.86 11.99 -6.43
C LEU B 452 3.55 10.68 -6.12
N SER B 453 3.01 9.88 -5.20
CA SER B 453 3.57 8.55 -4.95
C SER B 453 3.33 7.62 -6.12
N PHE B 454 2.23 7.82 -6.85
CA PHE B 454 1.98 7.04 -8.05
C PHE B 454 3.02 7.32 -9.11
N LEU B 455 3.55 8.55 -9.16
CA LEU B 455 4.62 8.86 -10.09
C LEU B 455 5.88 8.10 -9.73
N ALA B 456 6.18 7.93 -8.44
CA ALA B 456 7.35 7.17 -8.03
C ALA B 456 7.18 5.69 -8.36
N SER B 457 5.99 5.14 -8.11
CA SER B 457 5.74 3.74 -8.43
C SER B 457 5.82 3.49 -9.93
N MET B 458 5.28 4.42 -10.74
CA MET B 458 5.33 4.27 -12.17
C MET B 458 6.74 4.44 -12.71
N ALA B 459 7.55 5.30 -12.07
CA ALA B 459 8.94 5.44 -12.49
C ALA B 459 9.74 4.18 -12.16
N GLY B 460 9.42 3.53 -11.04
CA GLY B 460 10.03 2.24 -10.75
C GLY B 460 9.68 1.18 -11.77
N VAL B 461 8.42 1.14 -12.18
CA VAL B 461 7.99 0.19 -13.21
C VAL B 461 8.68 0.48 -14.54
N MET B 462 8.82 1.77 -14.87
CA MET B 462 9.53 2.17 -16.09
C MET B 462 10.99 1.75 -16.06
N LEU B 463 11.63 1.88 -14.90
CA LEU B 463 13.04 1.49 -14.78
C LEU B 463 13.20 -0.03 -14.93
N THR B 464 12.29 -0.80 -14.33
CA THR B 464 12.34 -2.25 -14.45
C THR B 464 12.17 -2.69 -15.90
N TYR B 465 11.17 -2.14 -16.59
CA TYR B 465 10.92 -2.57 -17.96
C TYR B 465 11.97 -2.03 -18.92
N PHE B 466 12.62 -0.91 -18.57
CA PHE B 466 13.74 -0.44 -19.38
C PHE B 466 14.94 -1.34 -19.24
N ILE B 467 15.19 -1.85 -18.03
CA ILE B 467 16.28 -2.80 -17.83
C ILE B 467 16.01 -4.09 -18.60
N VAL B 468 14.75 -4.56 -18.59
CA VAL B 468 14.40 -5.77 -19.33
C VAL B 468 14.55 -5.57 -20.83
N LEU B 469 14.02 -4.45 -21.36
CA LEU B 469 14.09 -4.19 -22.79
C LEU B 469 15.51 -3.93 -23.25
N LEU B 470 16.36 -3.42 -22.36
CA LEU B 470 17.78 -3.30 -22.70
C LEU B 470 18.45 -4.66 -22.73
N GLN B 471 18.07 -5.55 -21.82
CA GLN B 471 18.69 -6.88 -21.78
C GLN B 471 18.25 -7.73 -22.97
N VAL B 472 17.06 -7.45 -23.52
CA VAL B 472 16.59 -8.29 -24.63
C VAL B 472 17.31 -7.92 -25.92
N ASN B 473 17.85 -6.70 -26.00
CA ASN B 473 18.52 -6.14 -27.19
C ASN B 473 17.68 -6.23 -28.47
N ASP C 16 20.74 23.09 38.44
CA ASP C 16 19.47 22.72 37.82
C ASP C 16 19.71 21.92 36.54
N ASP C 17 18.79 21.00 36.26
CA ASP C 17 18.86 20.24 35.02
C ASP C 17 18.43 21.07 33.82
N TYR C 18 17.44 21.94 34.02
CA TYR C 18 16.78 22.63 32.91
C TYR C 18 17.73 23.58 32.20
N ILE C 19 18.55 24.31 32.95
CA ILE C 19 19.56 25.19 32.36
C ILE C 19 20.56 24.38 31.55
N HIS C 20 20.82 23.13 31.97
CA HIS C 20 21.63 22.20 31.18
C HIS C 20 21.10 22.07 29.76
N LEU C 21 19.77 21.91 29.64
CA LEU C 21 19.13 21.83 28.33
C LEU C 21 19.43 23.06 27.50
N ARG C 22 19.38 24.24 28.15
CA ARG C 22 19.75 25.51 27.51
C ARG C 22 21.11 25.40 26.85
N LYS C 23 22.10 24.91 27.61
CA LYS C 23 23.46 24.73 27.12
C LYS C 23 23.47 23.95 25.82
N TRP C 24 22.73 22.84 25.79
CA TRP C 24 22.81 21.95 24.65
C TRP C 24 22.23 22.59 23.40
N ILE C 25 21.12 23.34 23.54
CA ILE C 25 20.53 23.89 22.34
C ILE C 25 21.40 25.03 21.82
N LYS C 26 22.11 25.72 22.74
CA LYS C 26 23.05 26.74 22.32
C LYS C 26 24.18 26.10 21.52
N ARG C 27 24.64 24.93 21.99
CA ARG C 27 25.69 24.21 21.29
C ARG C 27 25.24 23.84 19.89
N ILE C 28 23.96 23.43 19.76
CA ILE C 28 23.46 23.05 18.44
C ILE C 28 23.48 24.25 17.52
N GLY C 29 23.05 25.41 18.04
CA GLY C 29 23.12 26.63 17.25
C GLY C 29 24.53 26.96 16.86
N ILE C 30 25.48 26.75 17.80
CA ILE C 30 26.88 27.03 17.53
C ILE C 30 27.38 26.14 16.41
N ILE C 31 26.97 24.86 16.42
CA ILE C 31 27.48 23.96 15.40
C ILE C 31 26.86 24.30 14.05
N LEU C 32 25.63 24.86 14.08
CA LEU C 32 24.99 25.22 12.82
C LEU C 32 25.61 26.47 12.24
N ARG C 33 26.38 27.20 13.05
CA ARG C 33 27.09 28.34 12.51
C ARG C 33 28.57 28.02 12.29
N ILE C 34 29.02 26.85 12.75
CA ILE C 34 30.39 26.46 12.44
C ILE C 34 30.49 25.94 11.02
N SER C 35 29.53 25.13 10.60
CA SER C 35 29.61 24.49 9.30
C SER C 35 29.17 25.39 8.16
N GLY C 36 28.86 26.64 8.44
CA GLY C 36 28.66 27.62 7.38
C GLY C 36 27.25 27.80 6.89
N HIS C 37 26.24 27.40 7.66
CA HIS C 37 24.88 27.73 7.32
C HIS C 37 24.62 29.23 7.51
N TRP C 38 23.52 29.70 6.95
CA TRP C 38 23.21 31.12 7.03
C TRP C 38 22.82 31.47 8.47
N PRO C 39 23.43 32.51 9.04
CA PRO C 39 23.22 32.79 10.47
C PRO C 39 21.87 33.46 10.71
N PHE C 40 21.07 32.85 11.58
CA PHE C 40 19.79 33.39 12.01
C PHE C 40 19.85 33.68 13.51
N ARG C 41 18.79 34.30 14.01
CA ARG C 41 18.74 34.70 15.41
C ARG C 41 18.51 33.49 16.28
N LEU C 42 19.44 33.24 17.19
CA LEU C 42 19.24 32.24 18.22
C LEU C 42 18.41 32.81 19.36
N PRO C 43 17.76 31.96 20.16
CA PRO C 43 16.97 32.49 21.29
C PRO C 43 17.82 33.18 22.35
N HIS C 44 19.00 32.66 22.65
CA HIS C 44 19.81 33.24 23.71
C HIS C 44 20.47 34.55 23.26
N GLU C 45 20.59 34.75 21.95
CA GLU C 45 21.20 35.97 21.46
C GLU C 45 20.19 37.11 21.47
N LYS C 46 20.57 38.23 22.08
CA LYS C 46 19.70 39.40 22.16
C LYS C 46 20.46 40.71 21.95
N ARG C 47 21.50 40.70 21.12
CA ARG C 47 22.22 41.91 20.76
C ARG C 47 22.26 42.10 19.24
N ASN C 48 21.32 41.45 18.55
CA ASN C 48 21.25 41.42 17.07
C ASN C 48 22.58 40.94 16.48
N GLN C 49 23.14 39.88 17.06
CA GLN C 49 24.47 39.43 16.68
C GLN C 49 24.47 38.69 15.36
N HIS C 50 23.32 38.14 14.96
CA HIS C 50 23.28 37.29 13.78
C HIS C 50 23.38 38.09 12.49
N LYS C 51 23.11 39.40 12.54
CA LYS C 51 23.25 40.26 11.38
C LYS C 51 24.66 40.78 11.17
N SER C 52 25.65 40.25 11.90
CA SER C 52 27.02 40.68 11.71
C SER C 52 27.56 40.18 10.37
N LYS C 53 28.45 40.98 9.77
CA LYS C 53 29.06 40.58 8.51
C LYS C 53 30.19 39.58 8.73
N PHE C 54 30.75 39.58 9.95
CA PHE C 54 31.85 38.68 10.28
C PHE C 54 31.42 37.22 10.25
N ARG C 55 30.15 36.97 10.57
CA ARG C 55 29.59 35.62 10.45
C ARG C 55 28.92 35.40 9.10
N GLN C 56 28.69 36.45 8.32
CA GLN C 56 28.02 36.28 7.03
C GLN C 56 29.02 35.95 5.93
N VAL C 57 30.19 36.58 5.95
CA VAL C 57 31.20 36.28 4.94
C VAL C 57 31.76 34.88 5.14
N TYR C 58 31.71 34.38 6.38
CA TYR C 58 32.06 32.99 6.67
C TYR C 58 31.15 32.04 5.92
N SER C 59 29.83 32.22 6.09
CA SER C 59 28.87 31.32 5.46
C SER C 59 28.90 31.44 3.95
N CYS C 60 29.09 32.67 3.43
CA CYS C 60 29.17 32.83 1.98
C CYS C 60 30.41 32.17 1.40
N LEU C 61 31.56 32.31 2.07
CA LEU C 61 32.79 31.69 1.60
C LEU C 61 32.69 30.16 1.62
N VAL C 62 32.16 29.60 2.70
CA VAL C 62 32.05 28.15 2.80
C VAL C 62 31.04 27.60 1.81
N ILE C 63 29.94 28.33 1.59
CA ILE C 63 28.92 27.86 0.64
C ILE C 63 29.45 27.90 -0.79
N THR C 64 30.20 28.95 -1.14
CA THR C 64 30.77 29.03 -2.48
C THR C 64 31.84 27.97 -2.70
N LEU C 65 32.66 27.70 -1.67
CA LEU C 65 33.68 26.65 -1.77
C LEU C 65 33.04 25.28 -1.94
N GLY C 66 31.97 25.00 -1.18
CA GLY C 66 31.27 23.74 -1.32
C GLY C 66 30.60 23.61 -2.68
N PHE C 67 30.08 24.73 -3.20
CA PHE C 67 29.46 24.71 -4.53
C PHE C 67 30.48 24.39 -5.62
N ILE C 68 31.65 25.03 -5.59
CA ILE C 68 32.61 24.79 -6.66
C ILE C 68 33.23 23.41 -6.53
N THR C 69 33.38 22.90 -5.30
CA THR C 69 33.89 21.54 -5.14
C THR C 69 32.88 20.50 -5.63
N CYS C 70 31.59 20.70 -5.30
CA CYS C 70 30.55 19.81 -5.80
C CYS C 70 30.42 19.89 -7.31
N SER C 71 30.66 21.08 -7.89
CA SER C 71 30.54 21.20 -9.34
C SER C 71 31.69 20.52 -10.05
N CYS C 72 32.92 20.65 -9.51
CA CYS C 72 34.05 19.93 -10.08
C CYS C 72 33.86 18.42 -9.97
N TYR C 73 33.30 17.96 -8.86
CA TYR C 73 33.03 16.53 -8.73
C TYR C 73 31.92 16.08 -9.65
N CYS C 74 30.91 16.92 -9.87
CA CYS C 74 29.77 16.52 -10.68
C CYS C 74 30.14 16.46 -12.16
N ILE C 75 30.89 17.44 -12.66
CA ILE C 75 31.34 17.34 -14.04
C ILE C 75 32.52 16.38 -14.16
N GLY C 76 33.14 16.01 -13.05
CA GLY C 76 34.10 14.92 -13.10
C GLY C 76 33.45 13.56 -13.28
N LEU C 77 32.15 13.47 -12.97
CA LEU C 77 31.44 12.22 -13.17
C LEU C 77 31.14 11.97 -14.64
N CYS C 78 30.74 13.01 -15.37
CA CYS C 78 30.35 12.83 -16.76
C CYS C 78 31.55 12.58 -17.66
N LEU C 79 32.73 13.03 -17.24
CA LEU C 79 33.97 12.75 -17.97
C LEU C 79 34.63 11.52 -17.36
N SER C 80 33.94 10.40 -17.46
CA SER C 80 34.34 9.15 -16.83
C SER C 80 35.09 8.27 -17.84
N GLU C 81 36.01 7.47 -17.32
CA GLU C 81 36.75 6.55 -18.18
C GLU C 81 35.96 5.26 -18.41
N SER C 82 35.40 4.68 -17.35
CA SER C 82 34.70 3.42 -17.45
C SER C 82 33.58 3.40 -16.41
N ILE C 83 33.07 2.19 -16.15
CA ILE C 83 31.97 2.03 -15.21
C ILE C 83 32.44 2.21 -13.78
N ALA C 84 33.63 1.67 -13.47
CA ALA C 84 34.12 1.68 -12.09
C ALA C 84 34.45 3.10 -11.61
N GLN C 85 35.09 3.90 -12.46
CA GLN C 85 35.34 5.29 -12.12
C GLN C 85 34.04 6.08 -12.02
N ALA C 86 33.04 5.68 -12.80
CA ALA C 86 31.73 6.34 -12.73
C ALA C 86 31.07 6.10 -11.38
N LEU C 87 31.12 4.88 -10.88
CA LEU C 87 30.50 4.59 -9.58
C LEU C 87 31.32 5.21 -8.45
N ASN C 88 32.65 5.19 -8.59
CA ASN C 88 33.53 5.78 -7.60
C ASN C 88 33.35 7.30 -7.53
N ASN C 89 32.88 7.90 -8.63
CA ASN C 89 32.43 9.29 -8.57
C ASN C 89 31.02 9.40 -8.02
N ILE C 90 30.17 8.39 -8.29
CA ILE C 90 28.74 8.47 -7.97
C ILE C 90 28.53 8.59 -6.46
N THR C 91 29.33 7.86 -5.69
CA THR C 91 29.16 7.87 -4.22
C THR C 91 29.44 9.26 -3.63
N VAL C 92 30.62 9.80 -3.90
CA VAL C 92 31.02 11.07 -3.32
C VAL C 92 30.18 12.21 -3.89
N THR C 93 29.77 12.12 -5.16
CA THR C 93 28.94 13.18 -5.71
C THR C 93 27.54 13.14 -5.13
N SER C 94 27.05 11.94 -4.79
CA SER C 94 25.75 11.82 -4.13
C SER C 94 25.77 12.51 -2.78
N TYR C 95 26.81 12.24 -1.98
CA TYR C 95 26.90 12.91 -0.68
C TYR C 95 27.10 14.42 -0.83
N PHE C 96 27.84 14.83 -1.86
CA PHE C 96 28.13 16.25 -2.02
C PHE C 96 26.91 17.03 -2.47
N LEU C 97 26.09 16.46 -3.36
CA LEU C 97 24.88 17.18 -3.73
C LEU C 97 23.81 17.09 -2.65
N GLN C 98 23.86 16.08 -1.78
CA GLN C 98 23.07 16.15 -0.55
C GLN C 98 23.44 17.37 0.27
N SER C 99 24.74 17.60 0.44
CA SER C 99 25.21 18.78 1.18
C SER C 99 24.78 20.08 0.51
N CYS C 100 24.79 20.11 -0.83
CA CYS C 100 24.41 21.32 -1.54
C CYS C 100 22.92 21.61 -1.42
N VAL C 101 22.08 20.57 -1.52
CA VAL C 101 20.64 20.73 -1.34
C VAL C 101 20.33 21.21 0.08
N CYS C 102 21.05 20.68 1.07
CA CYS C 102 20.87 21.13 2.44
C CYS C 102 21.29 22.59 2.61
N TYR C 103 22.38 23.00 1.97
CA TYR C 103 22.83 24.39 2.02
C TYR C 103 21.78 25.33 1.46
N VAL C 104 21.23 24.99 0.29
CA VAL C 104 20.21 25.84 -0.33
C VAL C 104 18.95 25.90 0.54
N SER C 105 18.54 24.75 1.09
CA SER C 105 17.30 24.70 1.86
C SER C 105 17.41 25.45 3.18
N PHE C 106 18.62 25.54 3.73
CA PHE C 106 18.79 26.35 4.93
C PHE C 106 19.02 27.81 4.58
N ILE C 107 19.47 28.09 3.35
CA ILE C 107 19.63 29.48 2.92
C ILE C 107 18.26 30.12 2.72
N ILE C 108 17.33 29.39 2.10
CA ILE C 108 16.05 29.97 1.72
C ILE C 108 15.19 30.26 2.95
N ASN C 109 14.88 29.23 3.72
CA ASN C 109 13.96 29.35 4.86
C ASN C 109 14.67 29.73 6.15
N SER C 110 15.25 30.93 6.21
CA SER C 110 15.96 31.34 7.41
C SER C 110 15.00 31.74 8.52
N ARG C 111 13.82 32.25 8.15
CA ARG C 111 12.92 32.80 9.15
C ARG C 111 12.26 31.71 9.99
N LYS C 112 11.97 30.57 9.37
CA LYS C 112 11.28 29.49 10.09
C LYS C 112 12.20 28.84 11.11
N LEU C 113 13.52 28.89 10.87
CA LEU C 113 14.46 28.29 11.81
C LEU C 113 14.50 29.07 13.12
N GLU C 114 14.27 30.38 13.07
CA GLU C 114 14.20 31.16 14.29
C GLU C 114 13.00 30.77 15.13
N THR C 115 11.84 30.55 14.50
CA THR C 115 10.66 30.12 15.24
C THR C 115 10.84 28.71 15.79
N LEU C 116 11.55 27.86 15.03
CA LEU C 116 11.82 26.50 15.52
C LEU C 116 12.74 26.52 16.72
N PHE C 117 13.78 27.36 16.69
CA PHE C 117 14.68 27.43 17.85
C PHE C 117 14.03 28.17 19.01
N ASN C 118 13.04 28.99 18.74
CA ASN C 118 12.28 29.59 19.83
C ASN C 118 11.31 28.58 20.44
N TYR C 119 10.87 27.60 19.65
CA TYR C 119 10.04 26.52 20.19
C TYR C 119 10.82 25.63 21.15
N LEU C 120 12.09 25.34 20.86
CA LEU C 120 12.92 24.55 21.76
C LEU C 120 13.29 25.31 23.02
N PHE C 121 13.33 26.64 22.95
CA PHE C 121 13.75 27.44 24.10
C PHE C 121 12.70 27.41 25.21
N GLU C 122 11.42 27.60 24.85
CA GLU C 122 10.31 27.49 25.81
C GLU C 122 9.21 26.64 25.15
N ASN C 123 8.83 25.57 25.86
CA ASN C 123 7.77 24.67 25.43
C ASN C 123 6.97 24.16 26.63
N GLU C 124 6.93 24.95 27.69
CA GLU C 124 6.48 24.47 28.99
C GLU C 124 4.99 24.16 29.01
N VAL C 125 4.69 22.86 29.13
CA VAL C 125 3.31 22.37 29.16
C VAL C 125 2.71 22.70 30.52
N VAL C 126 1.43 23.05 30.54
CA VAL C 126 0.73 23.35 31.78
C VAL C 126 -0.26 22.21 32.05
N GLY C 127 -0.36 21.83 33.33
CA GLY C 127 -1.31 20.83 33.75
C GLY C 127 -0.74 19.45 34.02
N CYS C 128 0.51 19.20 33.60
CA CYS C 128 1.13 17.91 33.85
C CYS C 128 1.51 17.77 35.32
N PRO C 129 1.41 16.56 35.88
CA PRO C 129 1.96 16.34 37.21
C PRO C 129 3.47 16.55 37.24
N ARG C 130 3.97 17.06 38.36
CA ARG C 130 5.35 17.52 38.44
C ARG C 130 6.34 16.37 38.46
N GLY C 131 5.89 15.16 38.81
CA GLY C 131 6.81 14.04 38.91
C GLY C 131 7.23 13.48 37.57
N TYR C 132 6.56 13.89 36.49
CA TYR C 132 6.84 13.34 35.17
C TYR C 132 7.90 14.14 34.43
N LYS C 133 7.98 15.45 34.70
CA LYS C 133 8.82 16.35 33.93
C LYS C 133 10.30 16.04 34.12
N MET C 134 10.68 15.59 35.33
CA MET C 134 12.09 15.31 35.61
C MET C 134 12.59 14.13 34.78
N SER C 135 11.84 13.02 34.81
CA SER C 135 12.21 11.85 34.02
C SER C 135 12.15 12.14 32.52
N SER C 136 11.21 13.01 32.11
CA SER C 136 11.13 13.41 30.71
C SER C 136 12.38 14.17 30.28
N ILE C 137 12.85 15.10 31.12
CA ILE C 137 14.04 15.88 30.79
C ILE C 137 15.28 14.98 30.78
N LYS C 138 15.34 14.01 31.70
CA LYS C 138 16.48 13.10 31.74
C LYS C 138 16.54 12.22 30.48
N THR C 139 15.38 11.68 30.07
CA THR C 139 15.33 10.87 28.86
C THR C 139 15.67 11.69 27.62
N THR C 140 15.21 12.95 27.59
CA THR C 140 15.50 13.84 26.46
C THR C 140 17.00 14.11 26.35
N LEU C 141 17.64 14.45 27.48
CA LEU C 141 19.08 14.72 27.45
C LEU C 141 19.88 13.49 27.08
N PHE C 142 19.46 12.32 27.57
CA PHE C 142 20.18 11.08 27.25
C PHE C 142 20.11 10.76 25.76
N ARG C 143 18.91 10.81 25.18
CA ARG C 143 18.78 10.46 23.76
C ARG C 143 19.44 11.51 22.87
N CYS C 144 19.37 12.79 23.26
CA CYS C 144 20.04 13.86 22.52
C CYS C 144 21.55 13.64 22.49
N LYS C 145 22.16 13.41 23.66
CA LYS C 145 23.60 13.17 23.74
C LYS C 145 23.99 11.94 22.94
N PHE C 146 23.16 10.89 22.98
CA PHE C 146 23.45 9.66 22.26
C PHE C 146 23.52 9.89 20.75
N VAL C 147 22.48 10.50 20.17
CA VAL C 147 22.44 10.63 18.71
C VAL C 147 23.52 11.61 18.24
N ALA C 148 23.75 12.68 19.01
CA ALA C 148 24.72 13.69 18.61
C ALA C 148 26.14 13.12 18.62
N PHE C 149 26.53 12.49 19.72
CA PHE C 149 27.89 11.98 19.82
C PHE C 149 28.10 10.78 18.89
N SER C 150 27.05 10.00 18.64
CA SER C 150 27.16 8.86 17.73
C SER C 150 27.47 9.34 16.31
N LEU C 151 26.66 10.25 15.77
CA LEU C 151 26.90 10.70 14.40
C LEU C 151 28.20 11.49 14.30
N GLY C 152 28.55 12.25 15.35
CA GLY C 152 29.80 13.01 15.31
C GLY C 152 31.04 12.14 15.29
N ILE C 153 31.05 11.09 16.13
CA ILE C 153 32.23 10.24 16.20
C ILE C 153 32.36 9.39 14.95
N LEU C 154 31.23 8.88 14.42
CA LEU C 154 31.30 8.12 13.18
C LEU C 154 31.75 8.99 12.01
N SER C 155 31.29 10.24 11.96
CA SER C 155 31.73 11.16 10.91
C SER C 155 33.20 11.46 11.01
N PHE C 156 33.71 11.67 12.23
CA PHE C 156 35.12 11.97 12.39
C PHE C 156 36.00 10.79 11.99
N PHE C 157 35.61 9.57 12.37
CA PHE C 157 36.39 8.41 11.99
C PHE C 157 36.36 8.17 10.48
N GLY C 158 35.19 8.34 9.85
CA GLY C 158 35.11 8.15 8.41
C GLY C 158 35.92 9.16 7.63
N TRP C 159 35.85 10.44 8.04
CA TRP C 159 36.65 11.47 7.38
C TRP C 159 38.13 11.22 7.59
N LEU C 160 38.53 10.86 8.81
CA LEU C 160 39.94 10.65 9.12
C LEU C 160 40.51 9.51 8.28
N MET C 161 39.78 8.39 8.21
CA MET C 161 40.19 7.28 7.35
C MET C 161 40.30 7.72 5.89
N TRP C 162 39.19 8.12 5.28
CA TRP C 162 39.09 8.43 3.85
C TRP C 162 40.06 9.52 3.41
N THR C 163 40.39 10.48 4.27
CA THR C 163 41.26 11.57 3.86
C THR C 163 42.72 11.36 4.24
N LEU C 164 43.03 10.88 5.44
CA LEU C 164 44.40 10.85 5.89
C LEU C 164 45.08 9.50 5.68
N LEU C 165 44.33 8.42 5.44
CA LEU C 165 44.97 7.13 5.22
C LEU C 165 45.84 7.04 3.97
N PRO C 166 45.50 7.61 2.81
CA PRO C 166 46.49 7.56 1.71
C PRO C 166 47.64 8.53 1.87
N LEU C 167 47.50 9.57 2.69
CA LEU C 167 48.60 10.51 2.89
C LEU C 167 49.76 9.86 3.64
N ALA C 168 49.46 8.96 4.57
CA ALA C 168 50.51 8.29 5.33
C ALA C 168 51.30 7.29 4.51
N VAL C 169 50.88 6.99 3.28
CA VAL C 169 51.63 6.07 2.44
C VAL C 169 52.80 6.81 1.78
N LEU C 170 52.59 8.06 1.37
CA LEU C 170 53.58 8.73 0.54
C LEU C 170 54.15 10.01 1.16
N VAL C 171 53.30 10.82 1.81
CA VAL C 171 53.71 12.17 2.17
C VAL C 171 54.69 12.15 3.34
N VAL C 172 54.70 11.06 4.11
CA VAL C 172 55.65 10.93 5.22
C VAL C 172 57.07 10.79 4.69
N ASP C 173 57.23 10.19 3.52
CA ASP C 173 58.54 10.07 2.89
C ASP C 173 58.90 11.37 2.18
N GLN C 182 52.82 6.37 -7.24
CA GLN C 182 53.63 7.58 -7.16
C GLN C 182 52.73 8.81 -7.15
N THR C 183 51.86 8.93 -8.13
CA THR C 183 50.86 9.99 -8.15
C THR C 183 49.57 9.50 -7.51
N SER C 184 48.48 10.27 -7.69
CA SER C 184 47.13 9.91 -7.26
C SER C 184 47.03 9.68 -5.76
N LEU C 185 47.24 10.76 -5.00
CA LEU C 185 47.10 10.69 -3.55
C LEU C 185 45.65 10.47 -3.13
N ARG C 186 44.73 11.20 -3.74
CA ARG C 186 43.31 11.07 -3.39
C ARG C 186 42.75 9.76 -3.95
N PHE C 187 41.61 9.34 -3.40
CA PHE C 187 41.04 8.07 -3.82
C PHE C 187 40.39 8.18 -5.20
N VAL C 188 39.53 9.17 -5.40
CA VAL C 188 38.84 9.36 -6.67
C VAL C 188 39.17 10.76 -7.18
N GLU C 189 39.54 10.84 -8.45
CA GLU C 189 39.89 12.11 -9.06
C GLU C 189 38.64 12.89 -9.41
N ALA C 190 38.86 14.15 -9.80
CA ALA C 190 37.76 15.02 -10.22
C ALA C 190 38.24 15.91 -11.36
N TRP C 191 37.30 16.64 -11.95
CA TRP C 191 37.65 17.61 -12.97
C TRP C 191 38.33 18.81 -12.33
N TYR C 192 39.38 19.30 -12.99
CA TYR C 192 40.09 20.48 -12.53
C TYR C 192 40.60 21.23 -13.75
N PRO C 193 40.75 22.55 -13.66
CA PRO C 193 41.48 23.26 -14.73
C PRO C 193 42.97 23.03 -14.66
N PHE C 194 43.52 22.86 -13.47
CA PHE C 194 44.93 22.55 -13.31
C PHE C 194 45.20 21.10 -13.70
N ASP C 195 46.48 20.78 -13.84
CA ASP C 195 46.87 19.42 -14.21
C ASP C 195 46.62 18.44 -13.07
N THR C 196 47.04 18.81 -11.86
CA THR C 196 46.85 18.07 -10.60
C THR C 196 47.47 16.67 -10.58
N THR C 197 48.28 16.34 -11.59
CA THR C 197 48.97 15.06 -11.57
C THR C 197 50.44 15.24 -11.21
N THR C 198 50.98 16.42 -11.47
CA THR C 198 52.38 16.69 -11.15
C THR C 198 52.56 16.92 -9.66
N SER C 199 53.78 16.65 -9.20
CA SER C 199 54.12 16.89 -7.79
C SER C 199 54.04 18.36 -7.32
N PRO C 200 54.16 19.40 -8.16
CA PRO C 200 53.83 20.74 -7.64
C PRO C 200 52.41 20.91 -7.14
N MET C 201 51.41 20.29 -7.77
CA MET C 201 50.03 20.67 -7.53
C MET C 201 49.22 19.67 -6.71
N ASN C 202 49.60 18.38 -6.73
CA ASN C 202 48.71 17.34 -6.20
C ASN C 202 48.60 17.43 -4.68
N GLU C 203 49.67 17.85 -4.00
CA GLU C 203 49.64 17.96 -2.55
C GLU C 203 48.72 19.07 -2.09
N VAL C 204 48.78 20.23 -2.74
CA VAL C 204 47.91 21.34 -2.33
C VAL C 204 46.47 21.07 -2.77
N ILE C 205 46.28 20.26 -3.83
CA ILE C 205 44.94 19.81 -4.16
C ILE C 205 44.39 18.89 -3.08
N ALA C 206 45.26 18.03 -2.53
CA ALA C 206 44.84 17.15 -1.44
C ALA C 206 44.47 17.94 -0.18
N ILE C 207 45.22 19.00 0.11
CA ILE C 207 44.92 19.85 1.27
C ILE C 207 43.58 20.57 1.09
N TYR C 208 43.37 21.13 -0.11
CA TYR C 208 42.11 21.77 -0.45
C TYR C 208 40.94 20.80 -0.34
N GLU C 209 41.15 19.56 -0.79
CA GLU C 209 40.10 18.56 -0.73
C GLU C 209 39.82 18.15 0.71
N ALA C 210 40.86 18.17 1.55
CA ALA C 210 40.67 17.86 2.97
C ALA C 210 39.77 18.89 3.65
N VAL C 211 40.04 20.18 3.45
CA VAL C 211 39.23 21.17 4.15
C VAL C 211 37.82 21.26 3.56
N ALA C 212 37.69 21.13 2.24
CA ALA C 212 36.35 21.09 1.64
C ALA C 212 35.59 19.85 2.07
N MET C 213 36.30 18.74 2.31
CA MET C 213 35.68 17.53 2.79
C MET C 213 35.15 17.73 4.21
N ILE C 214 35.92 18.45 5.04
CA ILE C 214 35.49 18.77 6.40
C ILE C 214 34.16 19.51 6.39
N PHE C 215 34.07 20.57 5.59
CA PHE C 215 32.84 21.37 5.62
C PHE C 215 31.67 20.63 4.97
N LEU C 216 31.90 19.95 3.84
CA LEU C 216 30.81 19.26 3.16
C LEU C 216 30.34 18.02 3.91
N ILE C 217 31.16 17.44 4.77
CA ILE C 217 30.68 16.40 5.67
C ILE C 217 29.95 17.01 6.85
N THR C 218 30.43 18.11 7.40
CA THR C 218 29.89 18.70 8.62
C THR C 218 28.50 19.30 8.42
N ALA C 219 28.13 19.71 7.20
CA ALA C 219 26.80 20.33 7.07
C ALA C 219 25.60 19.39 7.22
N PRO C 220 25.45 18.31 6.43
CA PRO C 220 24.20 17.54 6.55
C PRO C 220 24.11 16.74 7.83
N MET C 221 25.25 16.36 8.42
CA MET C 221 25.24 15.70 9.73
C MET C 221 24.66 16.62 10.80
N SER C 222 25.02 17.91 10.76
CA SER C 222 24.46 18.86 11.71
C SER C 222 22.97 19.07 11.45
N SER C 223 22.55 19.04 10.19
CA SER C 223 21.12 19.16 9.90
C SER C 223 20.33 17.97 10.44
N ASP C 224 20.87 16.76 10.28
CA ASP C 224 20.18 15.59 10.82
C ASP C 224 20.18 15.58 12.34
N ILE C 225 21.23 16.13 12.95
CA ILE C 225 21.24 16.25 14.41
C ILE C 225 20.14 17.20 14.87
N MET C 226 19.96 18.33 14.19
CA MET C 226 18.87 19.24 14.57
C MET C 226 17.49 18.64 14.35
N PHE C 227 17.32 17.87 13.27
CA PHE C 227 16.03 17.20 13.05
C PHE C 227 15.75 16.15 14.12
N CYS C 228 16.79 15.42 14.55
CA CYS C 228 16.60 14.42 15.60
C CYS C 228 16.24 15.08 16.93
N VAL C 229 16.86 16.23 17.22
CA VAL C 229 16.52 16.98 18.43
C VAL C 229 15.06 17.41 18.40
N LEU C 230 14.61 17.91 17.24
CA LEU C 230 13.23 18.37 17.12
C LEU C 230 12.23 17.22 17.28
N MET C 231 12.54 16.06 16.70
CA MET C 231 11.61 14.93 16.83
C MET C 231 11.57 14.41 18.26
N ILE C 232 12.72 14.40 18.95
CA ILE C 232 12.74 13.96 20.34
C ILE C 232 11.90 14.88 21.21
N PHE C 233 12.02 16.19 20.98
CA PHE C 233 11.25 17.15 21.78
C PHE C 233 9.76 17.05 21.49
N ILE C 234 9.39 16.78 20.24
CA ILE C 234 7.96 16.67 19.91
C ILE C 234 7.37 15.40 20.51
N VAL C 235 8.15 14.31 20.57
CA VAL C 235 7.68 13.09 21.21
C VAL C 235 7.45 13.32 22.70
N GLU C 236 8.40 13.99 23.37
CA GLU C 236 8.24 14.28 24.79
C GLU C 236 7.05 15.21 25.04
N HIS C 237 6.84 16.17 24.13
CA HIS C 237 5.72 17.09 24.26
C HIS C 237 4.38 16.37 24.12
N LEU C 238 4.28 15.42 23.18
CA LEU C 238 3.03 14.69 23.00
C LEU C 238 2.73 13.78 24.18
N LYS C 239 3.77 13.16 24.75
CA LYS C 239 3.56 12.33 25.94
C LYS C 239 3.12 13.18 27.13
N CYS C 240 3.71 14.37 27.28
CA CYS C 240 3.28 15.29 28.31
C CYS C 240 1.84 15.74 28.11
N LEU C 241 1.43 15.93 26.85
CA LEU C 241 0.04 16.32 26.57
C LEU C 241 -0.94 15.22 26.92
N GLY C 242 -0.58 13.97 26.62
CA GLY C 242 -1.46 12.86 26.99
C GLY C 242 -1.61 12.70 28.49
N MET C 243 -0.49 12.82 29.22
CA MET C 243 -0.57 12.78 30.68
C MET C 243 -1.37 13.95 31.24
N ALA C 244 -1.28 15.11 30.60
CA ALA C 244 -2.05 16.27 31.06
C ALA C 244 -3.54 16.09 30.82
N ILE C 245 -3.91 15.44 29.71
CA ILE C 245 -5.32 15.15 29.45
C ILE C 245 -5.86 14.18 30.50
N GLU C 246 -5.09 13.14 30.82
CA GLU C 246 -5.50 12.21 31.87
C GLU C 246 -5.63 12.90 33.23
N CYS C 247 -4.72 13.83 33.52
CA CYS C 247 -4.77 14.53 34.80
C CYS C 247 -5.96 15.47 34.89
N THR C 248 -6.25 16.21 33.80
CA THR C 248 -7.39 17.12 33.87
C THR C 248 -8.72 16.39 33.76
N LEU C 249 -8.73 15.15 33.29
CA LEU C 249 -9.98 14.40 33.34
C LEU C 249 -10.17 13.67 34.67
N LYS C 250 -9.07 13.40 35.38
CA LYS C 250 -9.19 12.75 36.69
C LYS C 250 -9.84 13.66 37.72
N GLY C 251 -9.68 14.98 37.56
CA GLY C 251 -10.28 15.93 38.48
C GLY C 251 -11.79 16.01 38.36
N ASP C 321 -11.53 24.40 35.09
CA ASP C 321 -12.60 23.77 34.32
C ASP C 321 -12.38 23.89 32.81
N ALA C 322 -12.73 25.05 32.23
CA ALA C 322 -12.60 25.22 30.79
C ALA C 322 -11.18 25.58 30.40
N THR C 323 -10.49 26.37 31.25
CA THR C 323 -9.21 26.96 30.88
C THR C 323 -8.13 25.90 30.70
N SER C 324 -8.22 24.81 31.47
CA SER C 324 -7.32 23.68 31.28
C SER C 324 -7.50 23.06 29.90
N LEU C 325 -8.75 22.94 29.46
CA LEU C 325 -9.02 22.39 28.13
C LEU C 325 -8.55 23.33 27.04
N CYS C 326 -8.69 24.64 27.24
CA CYS C 326 -8.16 25.60 26.27
C CYS C 326 -6.65 25.51 26.16
N ASN C 327 -5.96 25.35 27.30
CA ASN C 327 -4.51 25.22 27.25
C ASN C 327 -4.08 23.92 26.59
N ILE C 328 -4.85 22.85 26.80
CA ILE C 328 -4.57 21.57 26.14
C ILE C 328 -4.71 21.70 24.64
N VAL C 329 -5.80 22.32 24.18
CA VAL C 329 -6.02 22.47 22.74
C VAL C 329 -4.99 23.40 22.13
N ASP C 330 -4.56 24.43 22.87
CA ASP C 330 -3.55 25.34 22.34
C ASP C 330 -2.19 24.65 22.21
N SER C 331 -1.83 23.80 23.17
CA SER C 331 -0.59 23.04 23.02
C SER C 331 -0.69 22.05 21.87
N HIS C 332 -1.87 21.44 21.70
CA HIS C 332 -2.05 20.46 20.63
C HIS C 332 -2.00 21.12 19.25
N VAL C 333 -2.41 22.37 19.15
CA VAL C 333 -2.37 23.03 17.85
C VAL C 333 -0.98 23.63 17.61
N LYS C 334 -0.27 23.99 18.69
CA LYS C 334 1.09 24.48 18.53
C LYS C 334 2.02 23.38 18.05
N ILE C 335 1.80 22.15 18.53
CA ILE C 335 2.58 21.00 18.05
C ILE C 335 2.33 20.77 16.56
N TYR C 336 1.09 20.92 16.12
CA TYR C 336 0.78 20.71 14.71
C TYR C 336 1.38 21.80 13.83
N ARG C 337 1.35 23.05 14.31
CA ARG C 337 1.98 24.14 13.56
C ARG C 337 3.50 23.94 13.46
N THR C 338 4.11 23.44 14.55
CA THR C 338 5.55 23.20 14.53
C THR C 338 5.90 22.08 13.55
N MET C 339 5.12 21.01 13.52
CA MET C 339 5.38 19.94 12.55
C MET C 339 5.13 20.39 11.13
N GLU C 340 4.14 21.27 10.92
CA GLU C 340 3.90 21.82 9.59
C GLU C 340 5.06 22.70 9.14
N ILE C 341 5.69 23.42 10.07
CA ILE C 341 6.89 24.17 9.74
C ILE C 341 8.07 23.25 9.42
N VAL C 342 8.24 22.17 10.19
CA VAL C 342 9.35 21.24 9.98
C VAL C 342 9.20 20.48 8.66
N GLN C 343 7.97 20.36 8.14
CA GLN C 343 7.69 19.52 6.97
C GLN C 343 8.45 19.97 5.71
N SER C 344 8.56 21.28 5.47
CA SER C 344 8.95 21.75 4.12
C SER C 344 10.44 21.54 3.84
N VAL C 345 11.29 22.14 4.68
CA VAL C 345 12.73 22.10 4.49
C VAL C 345 13.23 20.66 4.46
N TYR C 346 12.74 19.85 5.39
CA TYR C 346 13.17 18.48 5.43
C TYR C 346 12.44 17.64 4.39
N SER C 347 11.37 18.15 3.78
CA SER C 347 10.78 17.44 2.65
C SER C 347 11.72 17.44 1.47
N SER C 348 12.20 18.63 1.09
CA SER C 348 13.17 18.70 -0.02
C SER C 348 14.46 17.96 0.32
N TYR C 349 14.99 18.18 1.53
CA TYR C 349 16.23 17.56 1.93
C TYR C 349 16.12 16.05 2.02
N PHE C 350 14.96 15.54 2.46
CA PHE C 350 14.80 14.10 2.63
C PHE C 350 14.63 13.40 1.29
N ALA C 351 13.96 14.06 0.33
CA ALA C 351 13.88 13.48 -1.01
C ALA C 351 15.26 13.29 -1.62
N THR C 352 16.07 14.36 -1.59
CA THR C 352 17.44 14.27 -2.12
C THR C 352 18.26 13.23 -1.36
N LEU C 353 18.16 13.25 -0.03
CA LEU C 353 18.92 12.36 0.85
C LEU C 353 18.62 10.90 0.56
N PHE C 354 17.34 10.53 0.51
CA PHE C 354 16.97 9.13 0.36
C PHE C 354 17.35 8.59 -1.01
N PHE C 355 17.14 9.40 -2.06
CA PHE C 355 17.47 8.91 -3.40
C PHE C 355 18.97 8.73 -3.57
N THR C 356 19.76 9.74 -3.21
CA THR C 356 21.20 9.64 -3.39
C THR C 356 21.82 8.63 -2.43
N SER C 357 21.18 8.41 -1.27
CA SER C 357 21.70 7.42 -0.34
C SER C 357 21.47 6.01 -0.85
N CYS C 358 20.34 5.77 -1.51
CA CYS C 358 20.12 4.47 -2.14
C CYS C 358 21.15 4.22 -3.26
N LEU C 359 21.44 5.26 -4.05
CA LEU C 359 22.46 5.13 -5.09
C LEU C 359 23.83 4.83 -4.49
N ALA C 360 24.17 5.51 -3.38
CA ALA C 360 25.48 5.34 -2.77
C ALA C 360 25.64 3.95 -2.15
N VAL C 361 24.60 3.43 -1.50
CA VAL C 361 24.74 2.12 -0.88
C VAL C 361 24.78 1.02 -1.94
N CYS C 362 24.11 1.22 -3.08
CA CYS C 362 24.19 0.24 -4.17
C CYS C 362 25.60 0.20 -4.76
N ALA C 363 26.18 1.39 -5.02
CA ALA C 363 27.53 1.43 -5.58
C ALA C 363 28.57 0.90 -4.60
N LEU C 364 28.39 1.16 -3.29
CA LEU C 364 29.31 0.64 -2.30
C LEU C 364 29.25 -0.87 -2.19
N ALA C 365 28.03 -1.43 -2.27
CA ALA C 365 27.92 -2.88 -2.20
C ALA C 365 28.52 -3.53 -3.44
N TYR C 366 28.45 -2.86 -4.59
CA TYR C 366 29.14 -3.39 -5.76
C TYR C 366 30.66 -3.35 -5.60
N PHE C 367 31.20 -2.24 -5.09
CA PHE C 367 32.65 -2.15 -4.89
C PHE C 367 33.14 -3.18 -3.88
N LEU C 368 32.36 -3.44 -2.83
CA LEU C 368 32.82 -4.37 -1.82
C LEU C 368 32.64 -5.83 -2.26
N ALA C 369 31.70 -6.08 -3.16
CA ALA C 369 31.44 -7.46 -3.56
C ALA C 369 32.42 -7.97 -4.61
N ALA C 370 32.48 -7.33 -5.78
CA ALA C 370 33.09 -7.94 -6.96
C ALA C 370 34.55 -7.53 -7.15
N THR C 371 34.82 -6.24 -7.27
CA THR C 371 36.10 -5.75 -7.71
C THR C 371 37.18 -5.98 -6.64
N SER C 372 38.33 -6.49 -7.08
CA SER C 372 39.46 -6.76 -6.19
C SER C 372 40.08 -5.43 -5.78
N THR C 373 39.52 -4.87 -4.71
CA THR C 373 39.95 -3.57 -4.21
C THR C 373 41.33 -3.68 -3.54
N SER C 374 41.92 -2.52 -3.26
CA SER C 374 43.30 -2.44 -2.81
C SER C 374 43.46 -2.56 -1.30
N PHE C 375 42.37 -2.83 -0.56
CA PHE C 375 42.32 -3.16 0.86
C PHE C 375 42.66 -1.96 1.76
N THR C 376 43.10 -0.86 1.17
CA THR C 376 43.29 0.36 1.92
C THR C 376 42.01 1.20 1.92
N ARG C 377 41.02 0.78 1.14
CA ARG C 377 39.73 1.46 1.13
C ARG C 377 38.61 0.61 1.70
N VAL C 378 38.93 -0.57 2.21
CA VAL C 378 37.94 -1.35 2.95
C VAL C 378 37.55 -0.70 4.27
N PRO C 379 38.48 -0.16 5.11
CA PRO C 379 38.00 0.55 6.31
C PRO C 379 37.26 1.84 6.03
N GLY C 380 37.34 2.40 4.84
CA GLY C 380 36.53 3.56 4.52
C GLY C 380 35.15 3.14 4.06
N MET C 381 35.12 2.14 3.18
CA MET C 381 33.86 1.67 2.62
C MET C 381 33.04 0.86 3.61
N VAL C 382 33.65 0.36 4.68
CA VAL C 382 32.87 -0.35 5.69
C VAL C 382 32.40 0.60 6.79
N LEU C 383 32.94 1.82 6.86
CA LEU C 383 32.40 2.82 7.77
C LEU C 383 31.36 3.69 7.11
N TYR C 384 31.49 3.95 5.81
CA TYR C 384 30.49 4.76 5.11
C TYR C 384 29.16 4.02 5.03
N LEU C 385 29.21 2.69 4.93
CA LEU C 385 27.99 1.87 4.95
C LEU C 385 27.28 1.96 6.30
N MET C 386 28.05 1.84 7.39
CA MET C 386 27.47 1.91 8.72
C MET C 386 26.92 3.29 9.01
N TYR C 387 27.61 4.34 8.53
CA TYR C 387 27.11 5.69 8.73
C TYR C 387 25.80 5.91 7.98
N ILE C 388 25.72 5.41 6.74
CA ILE C 388 24.50 5.59 5.95
C ILE C 388 23.34 4.85 6.59
N PHE C 389 23.56 3.59 6.99
CA PHE C 389 22.49 2.82 7.62
C PHE C 389 22.06 3.41 8.95
N LEU C 390 23.02 3.88 9.76
CA LEU C 390 22.67 4.47 11.06
C LEU C 390 21.89 5.76 10.88
N ARG C 391 22.30 6.60 9.91
CA ARG C 391 21.62 7.87 9.69
C ARG C 391 20.19 7.65 9.20
N ILE C 392 20.01 6.76 8.23
CA ILE C 392 18.68 6.49 7.68
C ILE C 392 17.79 5.86 8.75
N PHE C 393 18.34 4.94 9.54
CA PHE C 393 17.55 4.27 10.56
C PHE C 393 17.13 5.23 11.67
N LEU C 394 18.02 6.14 12.07
CA LEU C 394 17.66 7.09 13.11
C LEU C 394 16.62 8.09 12.63
N LEU C 395 16.73 8.54 11.38
CA LEU C 395 15.73 9.45 10.83
C LEU C 395 14.36 8.77 10.75
N CYS C 396 14.33 7.53 10.28
CA CYS C 396 13.05 6.83 10.15
C CYS C 396 12.45 6.50 11.51
N LEU C 397 13.29 6.17 12.50
CA LEU C 397 12.78 5.86 13.84
C LEU C 397 12.18 7.08 14.50
N LEU C 398 12.90 8.21 14.47
CA LEU C 398 12.37 9.41 15.10
C LEU C 398 11.28 10.06 14.27
N ALA C 399 11.07 9.64 13.02
CA ALA C 399 9.88 10.08 12.32
C ALA C 399 8.68 9.17 12.60
N THR C 400 8.92 7.91 12.97
CA THR C 400 7.81 7.02 13.30
C THR C 400 7.29 7.27 14.71
N GLU C 401 8.19 7.67 15.61
CA GLU C 401 7.80 7.88 17.01
C GLU C 401 6.77 8.99 17.16
N VAL C 402 6.86 10.03 16.32
CA VAL C 402 5.93 11.15 16.44
C VAL C 402 4.53 10.74 16.02
N ALA C 403 4.41 9.97 14.93
CA ALA C 403 3.10 9.48 14.50
C ALA C 403 2.51 8.52 15.52
N GLU C 404 3.35 7.67 16.13
CA GLU C 404 2.83 6.77 17.14
C GLU C 404 2.37 7.53 18.39
N GLN C 405 3.06 8.62 18.74
CA GLN C 405 2.60 9.40 19.89
C GLN C 405 1.33 10.18 19.58
N GLY C 406 1.15 10.59 18.33
CA GLY C 406 -0.12 11.22 17.96
C GLY C 406 -1.29 10.25 18.04
N LEU C 407 -1.11 9.04 17.52
CA LEU C 407 -2.16 8.05 17.58
C LEU C 407 -2.40 7.59 19.02
N ASN C 408 -1.36 7.65 19.86
CA ASN C 408 -1.56 7.36 21.27
C ASN C 408 -2.31 8.49 21.97
N LEU C 409 -2.11 9.73 21.51
CA LEU C 409 -2.89 10.85 21.99
C LEU C 409 -4.36 10.73 21.62
N CYS C 410 -4.67 10.06 20.50
CA CYS C 410 -6.07 9.78 20.16
C CYS C 410 -6.82 8.98 21.22
N HIS C 411 -6.15 8.04 21.91
CA HIS C 411 -6.80 7.20 22.91
C HIS C 411 -6.77 7.81 24.30
N ALA C 412 -6.48 9.09 24.43
CA ALA C 412 -6.34 9.72 25.74
C ALA C 412 -7.70 10.16 26.25
N GLY C 413 -7.91 9.99 27.56
CA GLY C 413 -9.14 10.38 28.21
C GLY C 413 -10.24 9.35 28.14
N TYR C 414 -10.14 8.40 27.23
CA TYR C 414 -11.21 7.42 27.02
C TYR C 414 -11.29 6.47 28.20
N SER C 415 -12.25 6.72 29.10
CA SER C 415 -12.38 5.92 30.31
C SER C 415 -13.79 6.04 30.88
N SER C 416 -13.96 5.60 32.13
CA SER C 416 -15.29 5.63 32.74
C SER C 416 -15.70 7.04 33.14
N LYS C 417 -14.72 7.92 33.36
CA LYS C 417 -15.06 9.28 33.79
C LYS C 417 -15.66 10.09 32.66
N LEU C 418 -15.26 9.78 31.42
CA LEU C 418 -15.76 10.51 30.25
C LEU C 418 -17.27 10.31 30.07
N VAL C 419 -17.79 9.17 30.51
CA VAL C 419 -19.21 8.87 30.42
C VAL C 419 -19.95 9.74 31.43
N LEU C 420 -19.29 10.09 32.54
CA LEU C 420 -19.96 10.82 33.61
C LEU C 420 -19.67 12.32 33.56
N ALA C 421 -19.02 12.80 32.51
CA ALA C 421 -18.74 14.22 32.39
C ALA C 421 -19.91 14.93 31.73
N SER C 422 -19.79 16.25 31.63
CA SER C 422 -20.85 17.07 31.04
C SER C 422 -20.84 16.95 29.52
N ASP C 423 -21.66 17.77 28.88
CA ASP C 423 -21.67 17.80 27.42
C ASP C 423 -20.44 18.52 26.89
N HIS C 424 -19.91 19.47 27.65
CA HIS C 424 -18.76 20.26 27.23
C HIS C 424 -17.52 19.39 27.08
N VAL C 425 -17.25 18.55 28.09
CA VAL C 425 -16.08 17.68 28.03
C VAL C 425 -16.26 16.62 26.96
N ARG C 426 -17.46 16.04 26.86
CA ARG C 426 -17.72 15.03 25.85
C ARG C 426 -17.73 15.60 24.43
N SER C 427 -17.82 16.91 24.27
CA SER C 427 -17.63 17.51 22.95
C SER C 427 -16.18 17.88 22.67
N THR C 428 -15.46 18.44 23.65
CA THR C 428 -14.09 18.85 23.39
C THR C 428 -13.15 17.65 23.28
N ILE C 429 -13.39 16.59 24.06
CA ILE C 429 -12.57 15.39 23.94
C ILE C 429 -12.83 14.72 22.59
N GLN C 430 -14.07 14.78 22.11
CA GLN C 430 -14.40 14.27 20.78
C GLN C 430 -13.68 15.07 19.70
N ALA C 431 -13.62 16.39 19.86
CA ALA C 431 -12.92 17.24 18.89
C ALA C 431 -11.41 16.96 18.90
N ILE C 432 -10.84 16.80 20.09
CA ILE C 432 -9.42 16.50 20.21
C ILE C 432 -9.11 15.15 19.57
N ALA C 433 -10.00 14.17 19.73
CA ALA C 433 -9.76 12.85 19.15
C ALA C 433 -9.88 12.87 17.64
N THR C 434 -10.88 13.56 17.10
CA THR C 434 -11.06 13.55 15.65
C THR C 434 -10.03 14.43 14.96
N ARG C 435 -9.38 15.32 15.71
CA ARG C 435 -8.22 16.01 15.14
C ARG C 435 -6.95 15.17 15.28
N ALA C 436 -6.86 14.38 16.35
CA ALA C 436 -5.66 13.60 16.58
C ALA C 436 -5.63 12.35 15.69
N GLN C 437 -6.75 12.01 15.08
CA GLN C 437 -6.76 10.89 14.13
C GLN C 437 -5.91 11.18 12.90
N ILE C 438 -5.73 12.45 12.55
CA ILE C 438 -4.86 12.77 11.42
C ILE C 438 -3.42 12.64 11.85
N PRO C 439 -2.59 11.84 11.17
CA PRO C 439 -1.23 11.60 11.66
C PRO C 439 -0.27 12.73 11.30
N LEU C 440 0.65 12.99 12.21
CA LEU C 440 1.72 13.97 11.99
C LEU C 440 2.85 13.23 11.31
N SER C 441 2.98 13.40 10.00
CA SER C 441 3.93 12.66 9.19
C SER C 441 4.84 13.62 8.45
N ILE C 442 6.11 13.28 8.37
CA ILE C 442 7.08 14.03 7.58
C ILE C 442 7.26 13.31 6.25
N THR C 443 6.87 13.97 5.17
CA THR C 443 6.94 13.38 3.84
C THR C 443 8.13 13.96 3.10
N GLY C 444 8.74 13.15 2.25
CA GLY C 444 9.86 13.63 1.46
C GLY C 444 9.42 14.17 0.13
N ALA C 445 9.23 15.50 0.05
CA ALA C 445 8.71 16.21 -1.11
C ALA C 445 7.40 15.63 -1.63
N ARG C 446 6.58 15.10 -0.72
CA ARG C 446 5.29 14.45 -0.96
C ARG C 446 5.39 13.18 -1.80
N PHE C 447 6.59 12.68 -2.07
CA PHE C 447 6.73 11.44 -2.82
C PHE C 447 6.53 10.21 -1.95
N PHE C 448 6.96 10.26 -0.69
CA PHE C 448 6.84 9.12 0.20
C PHE C 448 6.73 9.63 1.63
N THR C 449 6.26 8.76 2.51
CA THR C 449 6.15 9.05 3.93
C THR C 449 7.31 8.43 4.66
N VAL C 450 8.07 9.24 5.40
CA VAL C 450 9.23 8.74 6.10
C VAL C 450 8.75 7.94 7.30
N ASN C 451 8.71 6.61 7.15
CA ASN C 451 8.31 5.70 8.20
C ASN C 451 9.39 4.66 8.35
N LEU C 452 9.11 3.63 9.16
CA LEU C 452 10.01 2.50 9.21
C LEU C 452 9.69 1.47 8.13
N SER C 453 8.45 1.41 7.65
CA SER C 453 8.13 0.53 6.55
C SER C 453 8.77 1.00 5.25
N PHE C 454 8.96 2.32 5.11
CA PHE C 454 9.67 2.84 3.95
C PHE C 454 11.12 2.38 3.94
N LEU C 455 11.72 2.20 5.12
CA LEU C 455 13.07 1.67 5.19
C LEU C 455 13.12 0.23 4.69
N ALA C 456 12.10 -0.57 5.00
CA ALA C 456 12.06 -1.95 4.51
C ALA C 456 11.87 -1.99 3.01
N SER C 457 10.99 -1.14 2.48
CA SER C 457 10.77 -1.09 1.03
C SER C 457 12.03 -0.63 0.29
N MET C 458 12.72 0.36 0.86
CA MET C 458 13.94 0.85 0.23
C MET C 458 15.06 -0.17 0.33
N ALA C 459 15.10 -0.95 1.41
CA ALA C 459 16.11 -2.00 1.52
C ALA C 459 15.84 -3.11 0.51
N GLY C 460 14.56 -3.41 0.25
CA GLY C 460 14.25 -4.36 -0.80
C GLY C 460 14.68 -3.87 -2.18
N VAL C 461 14.46 -2.58 -2.45
CA VAL C 461 14.90 -2.01 -3.73
C VAL C 461 16.43 -2.04 -3.84
N MET C 462 17.11 -1.76 -2.73
CA MET C 462 18.58 -1.82 -2.71
C MET C 462 19.08 -3.24 -2.98
N LEU C 463 18.40 -4.24 -2.41
CA LEU C 463 18.82 -5.62 -2.63
C LEU C 463 18.60 -6.05 -4.08
N THR C 464 17.48 -5.64 -4.67
CA THR C 464 17.22 -5.96 -6.08
C THR C 464 18.26 -5.32 -6.99
N TYR C 465 18.56 -4.04 -6.78
CA TYR C 465 19.51 -3.38 -7.68
C TYR C 465 20.94 -3.82 -7.41
N PHE C 466 21.23 -4.29 -6.19
CA PHE C 466 22.53 -4.86 -5.92
C PHE C 466 22.70 -6.19 -6.63
N ILE C 467 21.64 -7.00 -6.67
CA ILE C 467 21.70 -8.27 -7.41
C ILE C 467 21.89 -7.99 -8.91
N VAL C 468 21.21 -6.98 -9.44
CA VAL C 468 21.35 -6.64 -10.86
C VAL C 468 22.76 -6.13 -11.16
N LEU C 469 23.27 -5.23 -10.33
CA LEU C 469 24.60 -4.67 -10.57
C LEU C 469 25.70 -5.70 -10.36
N LEU C 470 25.44 -6.70 -9.52
CA LEU C 470 26.39 -7.80 -9.40
C LEU C 470 26.35 -8.69 -10.64
N GLN C 471 25.16 -8.91 -11.19
CA GLN C 471 25.04 -9.76 -12.38
C GLN C 471 25.63 -9.09 -13.61
N VAL C 472 25.66 -7.76 -13.64
CA VAL C 472 26.17 -7.07 -14.82
C VAL C 472 27.70 -7.13 -14.86
N ASN C 473 28.34 -7.32 -13.70
CA ASN C 473 29.80 -7.33 -13.52
C ASN C 473 30.50 -6.11 -14.10
N ASP D 16 -17.44 -28.49 36.44
CA ASP D 16 -17.57 -27.19 35.77
C ASP D 16 -16.60 -27.07 34.61
N ASP D 17 -17.01 -26.35 33.58
CA ASP D 17 -16.12 -26.11 32.44
C ASP D 17 -15.06 -25.07 32.78
N TYR D 18 -15.43 -24.07 33.58
CA TYR D 18 -14.60 -22.89 33.79
C TYR D 18 -13.30 -23.23 34.51
N ILE D 19 -13.38 -24.11 35.52
CA ILE D 19 -12.20 -24.57 36.23
C ILE D 19 -11.27 -25.34 35.29
N HIS D 20 -11.86 -26.01 34.27
CA HIS D 20 -11.08 -26.63 33.20
C HIS D 20 -10.14 -25.64 32.54
N LEU D 21 -10.66 -24.44 32.24
CA LEU D 21 -9.85 -23.38 31.66
C LEU D 21 -8.68 -23.03 32.57
N ARG D 22 -8.93 -22.98 33.88
CA ARG D 22 -7.88 -22.78 34.88
C ARG D 22 -6.74 -23.76 34.67
N LYS D 23 -7.09 -25.05 34.56
CA LYS D 23 -6.11 -26.12 34.34
C LYS D 23 -5.20 -25.79 33.17
N TRP D 24 -5.81 -25.37 32.05
CA TRP D 24 -5.05 -25.20 30.83
C TRP D 24 -4.07 -24.04 30.96
N ILE D 25 -4.47 -22.95 31.62
CA ILE D 25 -3.55 -21.82 31.67
C ILE D 25 -2.42 -22.14 32.62
N LYS D 26 -2.69 -22.97 33.64
CA LYS D 26 -1.65 -23.41 34.54
C LYS D 26 -0.64 -24.26 33.77
N ARG D 27 -1.15 -25.11 32.88
CA ARG D 27 -0.29 -25.95 32.05
C ARG D 27 0.60 -25.08 31.18
N ILE D 28 0.06 -23.97 30.65
CA ILE D 28 0.84 -23.10 29.80
C ILE D 28 1.96 -22.48 30.61
N GLY D 29 1.65 -22.05 31.84
CA GLY D 29 2.68 -21.53 32.71
C GLY D 29 3.73 -22.56 33.02
N ILE D 30 3.29 -23.81 33.22
CA ILE D 30 4.22 -24.90 33.50
C ILE D 30 5.15 -25.11 32.33
N ILE D 31 4.62 -25.04 31.10
CA ILE D 31 5.47 -25.30 29.95
C ILE D 31 6.43 -24.13 29.76
N LEU D 32 6.03 -22.93 30.18
CA LEU D 32 6.90 -21.77 30.04
C LEU D 32 8.02 -21.83 31.06
N ARG D 33 7.88 -22.67 32.09
CA ARG D 33 8.96 -22.83 33.04
C ARG D 33 9.71 -24.14 32.78
N ILE D 34 9.20 -24.98 31.88
CA ILE D 34 9.97 -26.17 31.54
C ILE D 34 11.09 -25.82 30.57
N SER D 35 10.80 -24.98 29.59
CA SER D 35 11.77 -24.69 28.54
C SER D 35 12.80 -23.66 28.96
N GLY D 36 12.75 -23.20 30.21
CA GLY D 36 13.84 -22.40 30.73
C GLY D 36 13.67 -20.90 30.62
N HIS D 37 12.47 -20.40 30.43
CA HIS D 37 12.25 -18.97 30.50
C HIS D 37 12.38 -18.48 31.94
N TRP D 38 12.51 -17.17 32.10
CA TRP D 38 12.67 -16.61 33.43
C TRP D 38 11.37 -16.74 34.21
N PRO D 39 11.43 -17.27 35.44
CA PRO D 39 10.20 -17.59 36.17
C PRO D 39 9.57 -16.33 36.76
N PHE D 40 8.31 -16.09 36.42
CA PHE D 40 7.53 -14.99 36.97
C PHE D 40 6.36 -15.57 37.75
N ARG D 41 5.62 -14.68 38.41
CA ARG D 41 4.51 -15.08 39.27
C ARG D 41 3.33 -15.49 38.41
N LEU D 42 2.90 -16.73 38.56
CA LEU D 42 1.66 -17.19 37.96
C LEU D 42 0.48 -16.75 38.81
N PRO D 43 -0.72 -16.68 38.23
CA PRO D 43 -1.89 -16.31 39.05
C PRO D 43 -2.24 -17.32 40.14
N HIS D 44 -2.11 -18.62 39.85
CA HIS D 44 -2.51 -19.61 40.84
C HIS D 44 -1.47 -19.74 41.95
N GLU D 45 -0.26 -19.29 41.71
CA GLU D 45 0.79 -19.37 42.73
C GLU D 45 0.63 -18.22 43.71
N LYS D 46 0.58 -18.54 45.01
CA LYS D 46 0.44 -17.53 46.05
C LYS D 46 1.32 -17.83 47.27
N ARG D 47 2.48 -18.44 47.06
CA ARG D 47 3.44 -18.67 48.14
C ARG D 47 4.80 -18.08 47.80
N ASN D 48 4.81 -17.10 46.87
CA ASN D 48 6.03 -16.49 46.33
C ASN D 48 7.00 -17.54 45.81
N GLN D 49 6.46 -18.50 45.05
CA GLN D 49 7.25 -19.64 44.62
C GLN D 49 8.17 -19.29 43.47
N HIS D 50 7.86 -18.24 42.72
CA HIS D 50 8.62 -17.93 41.51
C HIS D 50 9.99 -17.33 41.84
N LYS D 51 10.17 -16.82 43.05
CA LYS D 51 11.46 -16.30 43.48
C LYS D 51 12.40 -17.36 44.01
N SER D 52 12.08 -18.64 43.84
CA SER D 52 12.97 -19.70 44.30
C SER D 52 14.21 -19.77 43.43
N LYS D 53 15.34 -20.15 44.04
CA LYS D 53 16.57 -20.29 43.29
C LYS D 53 16.60 -21.60 42.53
N PHE D 54 15.83 -22.59 42.99
CA PHE D 54 15.79 -23.89 42.35
C PHE D 54 15.21 -23.82 40.94
N ARG D 55 14.31 -22.88 40.70
CA ARG D 55 13.81 -22.63 39.36
C ARG D 55 14.59 -21.55 38.63
N GLN D 56 15.45 -20.81 39.33
CA GLN D 56 16.21 -19.76 38.67
C GLN D 56 17.50 -20.28 38.06
N VAL D 57 18.17 -21.19 38.76
CA VAL D 57 19.41 -21.77 38.22
C VAL D 57 19.10 -22.66 37.02
N TYR D 58 17.89 -23.21 36.98
CA TYR D 58 17.40 -23.95 35.82
C TYR D 58 17.38 -23.05 34.59
N SER D 59 16.72 -21.90 34.70
CA SER D 59 16.58 -21.00 33.57
C SER D 59 17.92 -20.41 33.16
N CYS D 60 18.78 -20.11 34.15
CA CYS D 60 20.09 -19.57 33.82
C CYS D 60 20.97 -20.59 33.10
N LEU D 61 20.93 -21.86 33.56
CA LEU D 61 21.71 -22.91 32.93
C LEU D 61 21.24 -23.17 31.50
N VAL D 62 19.92 -23.24 31.29
CA VAL D 62 19.39 -23.51 29.96
C VAL D 62 19.65 -22.34 29.02
N ILE D 63 19.55 -21.11 29.52
CA ILE D 63 19.78 -19.95 28.68
C ILE D 63 21.25 -19.85 28.27
N THR D 64 22.16 -20.14 29.21
CA THR D 64 23.59 -20.11 28.87
C THR D 64 23.95 -21.22 27.89
N LEU D 65 23.37 -22.41 28.06
CA LEU D 65 23.62 -23.51 27.13
C LEU D 65 23.10 -23.18 25.73
N GLY D 66 21.91 -22.59 25.65
CA GLY D 66 21.38 -22.18 24.36
C GLY D 66 22.21 -21.08 23.71
N PHE D 67 22.72 -20.17 24.53
CA PHE D 67 23.58 -19.10 24.01
C PHE D 67 24.87 -19.66 23.43
N ILE D 68 25.53 -20.57 24.14
CA ILE D 68 26.82 -21.06 23.63
C ILE D 68 26.60 -21.98 22.43
N THR D 69 25.49 -22.71 22.39
CA THR D 69 25.20 -23.54 21.22
C THR D 69 24.89 -22.67 20.00
N CYS D 70 24.09 -21.61 20.17
CA CYS D 70 23.82 -20.68 19.09
C CYS D 70 25.07 -19.95 18.63
N SER D 71 26.00 -19.68 19.56
CA SER D 71 27.21 -18.97 19.18
C SER D 71 28.16 -19.87 18.40
N CYS D 72 28.27 -21.15 18.81
CA CYS D 72 29.06 -22.10 18.03
C CYS D 72 28.48 -22.31 16.64
N TYR D 73 27.14 -22.35 16.55
CA TYR D 73 26.53 -22.49 15.23
C TYR D 73 26.70 -21.23 14.39
N CYS D 74 26.66 -20.06 15.03
CA CYS D 74 26.75 -18.81 14.27
C CYS D 74 28.16 -18.58 13.74
N ILE D 75 29.19 -18.84 14.56
CA ILE D 75 30.54 -18.71 14.02
C ILE D 75 30.91 -19.93 13.19
N GLY D 76 30.12 -21.01 13.26
CA GLY D 76 30.30 -22.10 12.31
C GLY D 76 29.80 -21.74 10.93
N LEU D 77 28.94 -20.72 10.84
CA LEU D 77 28.45 -20.29 9.54
C LEU D 77 29.50 -19.51 8.78
N CYS D 78 30.23 -18.63 9.47
CA CYS D 78 31.20 -17.77 8.78
C CYS D 78 32.43 -18.55 8.36
N LEU D 79 32.72 -19.67 9.02
CA LEU D 79 33.81 -20.55 8.61
C LEU D 79 33.25 -21.67 7.73
N SER D 80 32.72 -21.25 6.58
CA SER D 80 32.03 -22.14 5.65
C SER D 80 32.98 -22.61 4.57
N GLU D 81 32.73 -23.82 4.07
CA GLU D 81 33.54 -24.34 2.96
C GLU D 81 33.04 -23.83 1.62
N SER D 82 31.73 -23.89 1.40
CA SER D 82 31.15 -23.50 0.12
C SER D 82 29.77 -22.91 0.35
N ILE D 83 28.99 -22.83 -0.73
CA ILE D 83 27.66 -22.24 -0.64
C ILE D 83 26.69 -23.20 0.05
N ALA D 84 26.80 -24.49 -0.25
CA ALA D 84 25.85 -25.47 0.27
C ALA D 84 25.96 -25.63 1.78
N GLN D 85 27.19 -25.69 2.31
CA GLN D 85 27.38 -25.74 3.75
C GLN D 85 26.94 -24.44 4.40
N ALA D 86 27.06 -23.33 3.69
CA ALA D 86 26.61 -22.04 4.21
C ALA D 86 25.10 -22.03 4.39
N LEU D 87 24.35 -22.54 3.41
CA LEU D 87 22.90 -22.57 3.55
C LEU D 87 22.46 -23.61 4.59
N ASN D 88 23.16 -24.74 4.63
CA ASN D 88 22.86 -25.78 5.60
C ASN D 88 23.14 -25.30 7.02
N ASN D 89 24.03 -24.32 7.18
CA ASN D 89 24.15 -23.64 8.45
C ASN D 89 23.10 -22.55 8.62
N ILE D 90 22.68 -21.92 7.52
CA ILE D 90 21.79 -20.76 7.57
C ILE D 90 20.45 -21.13 8.19
N THR D 91 19.93 -22.32 7.83
CA THR D 91 18.61 -22.73 8.33
C THR D 91 18.60 -22.90 9.85
N VAL D 92 19.51 -23.73 10.37
CA VAL D 92 19.53 -24.02 11.80
C VAL D 92 19.96 -22.79 12.60
N THR D 93 20.84 -21.96 12.04
CA THR D 93 21.23 -20.76 12.78
C THR D 93 20.10 -19.74 12.81
N SER D 94 19.26 -19.72 11.77
CA SER D 94 18.10 -18.84 11.77
C SER D 94 17.13 -19.23 12.88
N TYR D 95 16.84 -20.52 12.99
CA TYR D 95 15.95 -20.97 14.07
C TYR D 95 16.57 -20.75 15.45
N PHE D 96 17.90 -20.91 15.54
CA PHE D 96 18.55 -20.79 16.84
C PHE D 96 18.60 -19.34 17.31
N LEU D 97 18.85 -18.40 16.40
CA LEU D 97 18.82 -17.01 16.85
C LEU D 97 17.41 -16.50 17.05
N GLN D 98 16.41 -17.11 16.40
CA GLN D 98 15.02 -16.88 16.81
C GLN D 98 14.82 -17.25 18.27
N SER D 99 15.31 -18.43 18.66
CA SER D 99 15.21 -18.87 20.05
C SER D 99 15.94 -17.93 21.00
N CYS D 100 17.10 -17.42 20.57
CA CYS D 100 17.87 -16.52 21.43
C CYS D 100 17.18 -15.18 21.62
N VAL D 101 16.61 -14.62 20.53
CA VAL D 101 15.87 -13.37 20.64
C VAL D 101 14.66 -13.54 21.54
N CYS D 102 13.98 -14.69 21.43
CA CYS D 102 12.85 -14.96 22.32
C CYS D 102 13.28 -15.08 23.78
N TYR D 103 14.43 -15.70 24.03
CA TYR D 103 14.97 -15.82 25.39
C TYR D 103 15.24 -14.45 25.99
N VAL D 104 15.89 -13.57 25.22
CA VAL D 104 16.20 -12.23 25.71
C VAL D 104 14.93 -11.43 25.96
N SER D 105 13.96 -11.54 25.04
CA SER D 105 12.74 -10.74 25.15
C SER D 105 11.87 -11.20 26.31
N PHE D 106 11.95 -12.47 26.69
CA PHE D 106 11.22 -12.91 27.87
C PHE D 106 12.02 -12.65 29.14
N ILE D 107 13.35 -12.51 29.02
CA ILE D 107 14.16 -12.17 30.18
C ILE D 107 13.90 -10.73 30.60
N ILE D 108 13.82 -9.82 29.62
CA ILE D 108 13.73 -8.39 29.94
C ILE D 108 12.38 -8.04 30.55
N ASN D 109 11.30 -8.30 29.82
CA ASN D 109 9.96 -7.90 30.24
C ASN D 109 9.28 -8.94 31.10
N SER D 110 9.80 -9.22 32.29
CA SER D 110 9.21 -10.23 33.14
C SER D 110 7.94 -9.72 33.83
N ARG D 111 7.87 -8.42 34.07
CA ARG D 111 6.76 -7.87 34.86
C ARG D 111 5.47 -7.86 34.06
N LYS D 112 5.55 -7.61 32.75
CA LYS D 112 4.34 -7.52 31.94
C LYS D 112 3.70 -8.89 31.76
N LEU D 113 4.50 -9.95 31.82
CA LEU D 113 3.95 -11.30 31.67
C LEU D 113 3.06 -11.68 32.85
N GLU D 114 3.36 -11.15 34.04
CA GLU D 114 2.50 -11.40 35.18
C GLU D 114 1.14 -10.74 35.00
N THR D 115 1.11 -9.50 34.48
CA THR D 115 -0.17 -8.83 34.24
C THR D 115 -0.93 -9.53 33.12
N LEU D 116 -0.21 -10.06 32.12
CA LEU D 116 -0.88 -10.79 31.05
C LEU D 116 -1.49 -12.08 31.55
N PHE D 117 -0.78 -12.81 32.41
CA PHE D 117 -1.34 -14.04 32.94
C PHE D 117 -2.43 -13.76 33.97
N ASN D 118 -2.40 -12.57 34.57
CA ASN D 118 -3.51 -12.19 35.44
C ASN D 118 -4.74 -11.80 34.62
N TYR D 119 -4.52 -11.30 33.40
CA TYR D 119 -5.65 -11.03 32.52
C TYR D 119 -6.36 -12.29 32.06
N LEU D 120 -5.64 -13.38 31.80
CA LEU D 120 -6.24 -14.65 31.44
C LEU D 120 -6.96 -15.31 32.61
N PHE D 121 -6.52 -15.02 33.84
CA PHE D 121 -7.10 -15.66 35.01
C PHE D 121 -8.52 -15.16 35.28
N GLU D 122 -8.72 -13.83 35.21
CA GLU D 122 -10.06 -13.25 35.34
C GLU D 122 -10.23 -12.20 34.24
N ASN D 123 -11.29 -12.38 33.45
CA ASN D 123 -11.63 -11.46 32.36
C ASN D 123 -13.14 -11.33 32.23
N GLU D 124 -13.86 -11.53 33.33
CA GLU D 124 -15.31 -11.75 33.29
C GLU D 124 -16.06 -10.49 32.86
N VAL D 125 -16.65 -10.56 31.68
CA VAL D 125 -17.42 -9.46 31.10
C VAL D 125 -18.76 -9.38 31.83
N VAL D 126 -19.25 -8.16 32.05
CA VAL D 126 -20.53 -7.95 32.70
C VAL D 126 -21.51 -7.44 31.65
N GLY D 127 -22.74 -7.93 31.71
CA GLY D 127 -23.80 -7.48 30.85
C GLY D 127 -24.15 -8.40 29.69
N CYS D 128 -23.31 -9.40 29.41
CA CYS D 128 -23.60 -10.34 28.35
C CYS D 128 -24.73 -11.28 28.76
N PRO D 129 -25.58 -11.69 27.81
CA PRO D 129 -26.54 -12.76 28.09
C PRO D 129 -25.83 -14.06 28.43
N ARG D 130 -26.43 -14.82 29.34
CA ARG D 130 -25.76 -15.99 29.92
C ARG D 130 -25.66 -17.14 28.92
N GLY D 131 -26.49 -17.14 27.88
CA GLY D 131 -26.47 -18.25 26.94
C GLY D 131 -25.28 -18.24 26.00
N TYR D 132 -24.56 -17.12 25.96
CA TYR D 132 -23.45 -16.98 25.01
C TYR D 132 -22.13 -17.46 25.60
N LYS D 133 -21.97 -17.34 26.92
CA LYS D 133 -20.69 -17.60 27.58
C LYS D 133 -20.29 -19.06 27.48
N MET D 134 -21.27 -19.96 27.50
CA MET D 134 -20.97 -21.39 27.45
C MET D 134 -20.36 -21.78 26.12
N SER D 135 -21.01 -21.37 25.01
CA SER D 135 -20.49 -21.66 23.68
C SER D 135 -19.16 -20.94 23.44
N SER D 136 -18.99 -19.76 24.03
CA SER D 136 -17.71 -19.06 23.92
C SER D 136 -16.59 -19.83 24.59
N ILE D 137 -16.84 -20.36 25.80
CA ILE D 137 -15.83 -21.13 26.50
C ILE D 137 -15.51 -22.43 25.77
N LYS D 138 -16.53 -23.06 25.18
CA LYS D 138 -16.31 -24.30 24.44
C LYS D 138 -15.45 -24.05 23.19
N THR D 139 -15.75 -22.98 22.45
CA THR D 139 -14.96 -22.65 21.26
C THR D 139 -13.53 -22.29 21.65
N THR D 140 -13.37 -21.58 22.77
CA THR D 140 -12.04 -21.20 23.24
C THR D 140 -11.20 -22.43 23.59
N LEU D 141 -11.79 -23.36 24.34
CA LEU D 141 -11.06 -24.57 24.72
C LEU D 141 -10.71 -25.42 23.50
N PHE D 142 -11.64 -25.51 22.53
CA PHE D 142 -11.38 -26.30 21.33
C PHE D 142 -10.23 -25.73 20.52
N ARG D 143 -10.25 -24.42 20.27
CA ARG D 143 -9.20 -23.82 19.44
C ARG D 143 -7.86 -23.83 20.17
N CYS D 144 -7.87 -23.63 21.49
CA CYS D 144 -6.66 -23.71 22.30
C CYS D 144 -6.02 -25.09 22.21
N LYS D 145 -6.81 -26.14 22.45
CA LYS D 145 -6.31 -27.50 22.37
C LYS D 145 -5.77 -27.82 20.98
N PHE D 146 -6.48 -27.33 19.95
CA PHE D 146 -6.06 -27.58 18.57
C PHE D 146 -4.68 -27.00 18.28
N VAL D 147 -4.49 -25.71 18.55
CA VAL D 147 -3.22 -25.07 18.19
C VAL D 147 -2.07 -25.64 19.03
N ALA D 148 -2.34 -25.91 20.32
CA ALA D 148 -1.27 -26.39 21.20
C ALA D 148 -0.82 -27.78 20.80
N PHE D 149 -1.76 -28.71 20.63
CA PHE D 149 -1.38 -30.08 20.28
C PHE D 149 -0.82 -30.16 18.87
N SER D 150 -1.29 -29.30 17.96
CA SER D 150 -0.77 -29.29 16.60
C SER D 150 0.71 -28.92 16.58
N LEU D 151 1.06 -27.77 17.17
CA LEU D 151 2.46 -27.36 17.16
C LEU D 151 3.34 -28.30 17.97
N GLY D 152 2.81 -28.86 19.07
CA GLY D 152 3.60 -29.78 19.87
C GLY D 152 3.92 -31.08 19.15
N ILE D 153 2.93 -31.66 18.47
CA ILE D 153 3.15 -32.93 17.79
C ILE D 153 4.05 -32.73 16.57
N LEU D 154 3.87 -31.64 15.83
CA LEU D 154 4.76 -31.39 14.69
C LEU D 154 6.19 -31.13 15.14
N SER D 155 6.36 -30.43 16.26
CA SER D 155 7.70 -30.19 16.79
C SER D 155 8.36 -31.49 17.24
N PHE D 156 7.59 -32.37 17.89
CA PHE D 156 8.17 -33.63 18.36
C PHE D 156 8.58 -34.52 17.19
N PHE D 157 7.75 -34.59 16.14
CA PHE D 157 8.11 -35.39 14.99
C PHE D 157 9.31 -34.84 14.25
N GLY D 158 9.38 -33.51 14.10
CA GLY D 158 10.52 -32.90 13.42
C GLY D 158 11.82 -33.11 14.17
N TRP D 159 11.79 -32.92 15.50
CA TRP D 159 12.99 -33.14 16.31
C TRP D 159 13.40 -34.60 16.27
N LEU D 160 12.44 -35.52 16.39
CA LEU D 160 12.74 -36.95 16.40
C LEU D 160 13.39 -37.38 15.11
N MET D 161 12.83 -36.95 13.97
CA MET D 161 13.45 -37.23 12.68
C MET D 161 14.86 -36.66 12.60
N TRP D 162 14.99 -35.33 12.66
CA TRP D 162 16.26 -34.63 12.46
C TRP D 162 17.36 -35.07 13.42
N THR D 163 17.03 -35.50 14.63
CA THR D 163 18.06 -35.86 15.59
C THR D 163 18.33 -37.35 15.66
N LEU D 164 17.31 -38.21 15.64
CA LEU D 164 17.53 -39.61 15.87
C LEU D 164 17.64 -40.44 14.60
N LEU D 165 17.22 -39.93 13.44
CA LEU D 165 17.33 -40.70 12.22
C LEU D 165 18.76 -41.01 11.78
N PRO D 166 19.76 -40.12 11.90
CA PRO D 166 21.13 -40.58 11.55
C PRO D 166 21.77 -41.46 12.61
N LEU D 167 21.27 -41.42 13.85
CA LEU D 167 21.85 -42.27 14.89
C LEU D 167 21.55 -43.74 14.63
N ALA D 168 20.37 -44.04 14.09
CA ALA D 168 20.00 -45.43 13.80
C ALA D 168 20.78 -46.03 12.65
N VAL D 169 21.57 -45.24 11.92
CA VAL D 169 22.37 -45.79 10.84
C VAL D 169 23.65 -46.42 11.40
N LEU D 170 24.25 -45.79 12.41
CA LEU D 170 25.57 -46.20 12.85
C LEU D 170 25.66 -46.65 14.30
N VAL D 171 24.94 -45.98 15.21
CA VAL D 171 25.18 -46.18 16.64
C VAL D 171 24.61 -47.51 17.10
N VAL D 172 23.66 -48.08 16.34
CA VAL D 172 23.09 -49.38 16.69
C VAL D 172 24.13 -50.48 16.50
N ASP D 173 25.04 -50.30 15.54
CA ASP D 173 26.13 -51.25 15.33
C ASP D 173 27.25 -51.00 16.33
N GLN D 182 31.25 -43.01 7.92
CA GLN D 182 31.87 -43.49 9.14
C GLN D 182 31.80 -42.42 10.23
N THR D 183 32.28 -41.22 9.92
CA THR D 183 32.15 -40.09 10.82
C THR D 183 30.90 -39.30 10.47
N SER D 184 30.78 -38.08 11.04
CA SER D 184 29.71 -37.12 10.73
C SER D 184 28.32 -37.68 11.02
N LEU D 185 28.06 -37.91 12.32
CA LEU D 185 26.74 -38.37 12.73
C LEU D 185 25.68 -37.29 12.54
N ARG D 186 25.99 -36.06 12.95
CA ARG D 186 25.04 -34.98 12.81
C ARG D 186 24.91 -34.55 11.36
N PHE D 187 23.82 -33.83 11.05
CA PHE D 187 23.58 -33.45 9.67
C PHE D 187 24.49 -32.31 9.25
N VAL D 188 24.55 -31.24 10.04
CA VAL D 188 25.39 -30.09 9.71
C VAL D 188 26.35 -29.86 10.87
N GLU D 189 27.63 -29.68 10.54
CA GLU D 189 28.64 -29.47 11.56
C GLU D 189 28.62 -28.04 12.07
N ALA D 190 29.39 -27.79 13.12
CA ALA D 190 29.49 -26.46 13.70
C ALA D 190 30.92 -26.24 14.19
N TRP D 191 31.20 -25.01 14.58
CA TRP D 191 32.49 -24.70 15.18
C TRP D 191 32.57 -25.29 16.58
N TYR D 192 33.72 -25.87 16.90
CA TYR D 192 33.97 -26.42 18.23
C TYR D 192 35.44 -26.23 18.56
N PRO D 193 35.79 -26.10 19.84
CA PRO D 193 37.21 -26.16 20.19
C PRO D 193 37.77 -27.57 20.14
N PHE D 194 36.94 -28.57 20.42
CA PHE D 194 37.35 -29.96 20.31
C PHE D 194 37.40 -30.37 18.85
N ASP D 195 38.00 -31.54 18.60
CA ASP D 195 38.12 -32.04 17.24
C ASP D 195 36.78 -32.49 16.69
N THR D 196 36.02 -33.26 17.48
CA THR D 196 34.66 -33.74 17.20
C THR D 196 34.54 -34.61 15.95
N THR D 197 35.66 -35.02 15.36
CA THR D 197 35.60 -35.94 14.23
C THR D 197 35.99 -37.35 14.66
N THR D 198 36.78 -37.46 15.72
CA THR D 198 37.21 -38.77 16.20
C THR D 198 36.07 -39.46 16.93
N SER D 199 36.14 -40.79 16.94
CA SER D 199 35.16 -41.59 17.69
C SER D 199 35.11 -41.38 19.20
N PRO D 200 36.16 -40.92 19.91
CA PRO D 200 35.95 -40.53 21.31
C PRO D 200 34.94 -39.42 21.53
N MET D 201 34.87 -38.42 20.64
CA MET D 201 34.15 -37.19 20.97
C MET D 201 32.82 -37.02 20.24
N ASN D 202 32.65 -37.63 19.06
CA ASN D 202 31.52 -37.29 18.20
C ASN D 202 30.19 -37.76 18.77
N GLU D 203 30.21 -38.88 19.50
CA GLU D 203 28.98 -39.40 20.09
C GLU D 203 28.48 -38.50 21.21
N VAL D 204 29.39 -38.05 22.08
CA VAL D 204 28.95 -37.19 23.18
C VAL D 204 28.62 -35.79 22.65
N ILE D 205 29.22 -35.38 21.52
CA ILE D 205 28.79 -34.16 20.87
C ILE D 205 27.37 -34.31 20.34
N ALA D 206 27.04 -35.48 19.80
CA ALA D 206 25.69 -35.74 19.30
C ALA D 206 24.67 -35.72 20.44
N ILE D 207 25.04 -36.26 21.60
CA ILE D 207 24.14 -36.27 22.76
C ILE D 207 23.90 -34.83 23.26
N TYR D 208 24.99 -34.06 23.36
CA TYR D 208 24.90 -32.64 23.74
C TYR D 208 24.02 -31.87 22.76
N GLU D 209 24.16 -32.15 21.47
CA GLU D 209 23.37 -31.46 20.46
C GLU D 209 21.91 -31.87 20.54
N ALA D 210 21.65 -33.12 20.95
CA ALA D 210 20.28 -33.57 21.12
C ALA D 210 19.57 -32.80 22.24
N VAL D 211 20.21 -32.68 23.40
CA VAL D 211 19.53 -32.00 24.51
C VAL D 211 19.42 -30.49 24.26
N ALA D 212 20.47 -29.89 23.68
CA ALA D 212 20.38 -28.48 23.32
C ALA D 212 19.33 -28.24 22.24
N MET D 213 19.14 -29.22 21.35
CA MET D 213 18.12 -29.13 20.32
C MET D 213 16.74 -29.17 20.95
N ILE D 214 16.56 -30.01 21.97
CA ILE D 214 15.29 -30.09 22.69
C ILE D 214 14.92 -28.74 23.28
N PHE D 215 15.85 -28.10 23.99
CA PHE D 215 15.50 -26.83 24.64
C PHE D 215 15.33 -25.69 23.63
N LEU D 216 16.21 -25.62 22.63
CA LEU D 216 16.12 -24.54 21.65
C LEU D 216 14.94 -24.69 20.71
N ILE D 217 14.41 -25.89 20.53
CA ILE D 217 13.15 -26.05 19.83
C ILE D 217 11.97 -25.71 20.74
N THR D 218 12.03 -26.11 22.00
CA THR D 218 10.90 -25.97 22.91
C THR D 218 10.62 -24.52 23.30
N ALA D 219 11.61 -23.63 23.22
CA ALA D 219 11.31 -22.25 23.65
C ALA D 219 10.38 -21.44 22.72
N PRO D 220 10.70 -21.24 21.43
CA PRO D 220 9.83 -20.35 20.64
C PRO D 220 8.48 -20.95 20.33
N MET D 221 8.38 -22.28 20.27
CA MET D 221 7.08 -22.92 20.10
C MET D 221 6.16 -22.61 21.28
N SER D 222 6.70 -22.64 22.49
CA SER D 222 5.90 -22.30 23.66
C SER D 222 5.52 -20.82 23.65
N SER D 223 6.41 -19.96 23.14
CA SER D 223 6.05 -18.54 23.04
C SER D 223 4.92 -18.32 22.04
N ASP D 224 4.96 -19.01 20.90
CA ASP D 224 3.87 -18.86 19.92
C ASP D 224 2.58 -19.46 20.44
N ILE D 225 2.66 -20.51 21.26
CA ILE D 225 1.46 -21.06 21.87
C ILE D 225 0.83 -20.05 22.81
N MET D 226 1.64 -19.36 23.63
CA MET D 226 1.09 -18.35 24.52
C MET D 226 0.50 -17.16 23.76
N PHE D 227 1.14 -16.76 22.66
CA PHE D 227 0.58 -15.66 21.85
C PHE D 227 -0.74 -16.07 21.21
N CYS D 228 -0.85 -17.32 20.76
CA CYS D 228 -2.10 -17.79 20.17
C CYS D 228 -3.22 -17.85 21.20
N VAL D 229 -2.89 -18.26 22.44
CA VAL D 229 -3.87 -18.26 23.51
C VAL D 229 -4.37 -16.85 23.79
N LEU D 230 -3.44 -15.88 23.83
CA LEU D 230 -3.83 -14.50 24.09
C LEU D 230 -4.72 -13.93 22.99
N MET D 231 -4.40 -14.23 21.73
CA MET D 231 -5.22 -13.72 20.64
C MET D 231 -6.61 -14.35 20.63
N ILE D 232 -6.70 -15.64 20.96
CA ILE D 232 -8.00 -16.31 21.03
C ILE D 232 -8.87 -15.68 22.11
N PHE D 233 -8.26 -15.41 23.27
CA PHE D 233 -9.02 -14.83 24.38
C PHE D 233 -9.45 -13.40 24.06
N ILE D 234 -8.62 -12.64 23.35
CA ILE D 234 -9.00 -11.27 23.01
C ILE D 234 -10.13 -11.26 21.98
N VAL D 235 -10.12 -12.23 21.05
CA VAL D 235 -11.22 -12.33 20.08
C VAL D 235 -12.53 -12.65 20.79
N GLU D 236 -12.49 -13.61 21.71
CA GLU D 236 -13.70 -13.96 22.46
C GLU D 236 -14.18 -12.79 23.31
N HIS D 237 -13.25 -12.02 23.88
CA HIS D 237 -13.60 -10.87 24.69
C HIS D 237 -14.26 -9.78 23.86
N LEU D 238 -13.77 -9.54 22.64
CA LEU D 238 -14.36 -8.52 21.79
C LEU D 238 -15.75 -8.92 21.32
N LYS D 239 -15.95 -10.21 21.03
CA LYS D 239 -17.28 -10.66 20.63
C LYS D 239 -18.27 -10.55 21.79
N CYS D 240 -17.81 -10.87 23.00
CA CYS D 240 -18.63 -10.68 24.19
C CYS D 240 -18.97 -9.21 24.42
N LEU D 241 -18.03 -8.32 24.13
CA LEU D 241 -18.29 -6.88 24.29
C LEU D 241 -19.33 -6.39 23.29
N GLY D 242 -19.25 -6.87 22.05
CA GLY D 242 -20.25 -6.48 21.06
C GLY D 242 -21.64 -6.97 21.41
N MET D 243 -21.75 -8.22 21.87
CA MET D 243 -23.05 -8.74 22.32
C MET D 243 -23.55 -7.97 23.53
N ALA D 244 -22.65 -7.54 24.41
CA ALA D 244 -23.07 -6.78 25.59
C ALA D 244 -23.56 -5.40 25.22
N ILE D 245 -22.96 -4.78 24.19
CA ILE D 245 -23.45 -3.49 23.71
C ILE D 245 -24.85 -3.63 23.12
N GLU D 246 -25.06 -4.68 22.32
CA GLU D 246 -26.39 -4.93 21.77
C GLU D 246 -27.42 -5.18 22.87
N CYS D 247 -27.02 -5.91 23.92
CA CYS D 247 -27.94 -6.21 25.01
C CYS D 247 -28.28 -4.96 25.82
N THR D 248 -27.30 -4.11 26.11
CA THR D 248 -27.60 -2.93 26.89
C THR D 248 -28.30 -1.86 26.07
N LEU D 249 -28.23 -1.94 24.74
CA LEU D 249 -29.04 -1.01 23.95
C LEU D 249 -30.45 -1.53 23.70
N LYS D 250 -30.65 -2.85 23.78
CA LYS D 250 -31.99 -3.40 23.61
C LYS D 250 -32.91 -3.01 24.77
N GLY D 251 -32.36 -2.81 25.95
CA GLY D 251 -33.15 -2.42 27.11
C GLY D 251 -33.70 -1.00 27.02
N ASP D 321 -28.49 1.94 33.77
CA ASP D 321 -28.49 3.04 32.82
C ASP D 321 -27.06 3.46 32.44
N ALA D 322 -26.41 4.26 33.29
CA ALA D 322 -25.08 4.75 32.97
C ALA D 322 -24.01 3.70 33.31
N THR D 323 -24.23 2.95 34.39
CA THR D 323 -23.18 2.08 34.93
C THR D 323 -22.84 0.94 33.96
N SER D 324 -23.83 0.49 33.20
CA SER D 324 -23.57 -0.50 32.16
C SER D 324 -22.64 0.06 31.10
N LEU D 325 -22.85 1.33 30.71
CA LEU D 325 -21.99 1.95 29.73
C LEU D 325 -20.58 2.18 30.27
N CYS D 326 -20.47 2.51 31.55
CA CYS D 326 -19.15 2.64 32.17
C CYS D 326 -18.41 1.31 32.17
N ASN D 327 -19.11 0.21 32.48
CA ASN D 327 -18.47 -1.09 32.46
C ASN D 327 -18.07 -1.50 31.05
N ILE D 328 -18.88 -1.14 30.05
CA ILE D 328 -18.55 -1.43 28.66
C ILE D 328 -17.28 -0.68 28.25
N VAL D 329 -17.20 0.61 28.59
CA VAL D 329 -16.04 1.41 28.21
C VAL D 329 -14.80 0.93 28.96
N ASP D 330 -14.96 0.49 30.21
CA ASP D 330 -13.80 -0.01 30.97
C ASP D 330 -13.29 -1.32 30.39
N SER D 331 -14.19 -2.21 29.96
CA SER D 331 -13.71 -3.42 29.30
C SER D 331 -13.05 -3.10 27.97
N HIS D 332 -13.59 -2.12 27.24
CA HIS D 332 -13.02 -1.77 25.95
C HIS D 332 -11.64 -1.13 26.09
N VAL D 333 -11.39 -0.43 27.21
CA VAL D 333 -10.08 0.18 27.37
C VAL D 333 -9.11 -0.82 27.98
N LYS D 334 -9.62 -1.80 28.74
CA LYS D 334 -8.75 -2.84 29.26
C LYS D 334 -8.22 -3.74 28.14
N ILE D 335 -9.06 -4.00 27.14
CA ILE D 335 -8.62 -4.76 25.97
C ILE D 335 -7.52 -4.02 25.22
N TYR D 336 -7.66 -2.70 25.10
CA TYR D 336 -6.64 -1.91 24.40
C TYR D 336 -5.33 -1.86 25.18
N ARG D 337 -5.41 -1.74 26.51
CA ARG D 337 -4.18 -1.78 27.31
C ARG D 337 -3.50 -3.13 27.23
N THR D 338 -4.28 -4.21 27.18
CA THR D 338 -3.70 -5.54 27.06
C THR D 338 -3.01 -5.73 25.72
N MET D 339 -3.63 -5.26 24.63
CA MET D 339 -2.97 -5.36 23.33
C MET D 339 -1.74 -4.47 23.25
N GLU D 340 -1.76 -3.31 23.92
CA GLU D 340 -0.58 -2.46 23.95
C GLU D 340 0.56 -3.11 24.72
N ILE D 341 0.23 -3.88 25.76
CA ILE D 341 1.26 -4.66 26.46
C ILE D 341 1.80 -5.78 25.58
N VAL D 342 0.93 -6.49 24.86
CA VAL D 342 1.34 -7.61 24.00
C VAL D 342 2.20 -7.12 22.84
N GLN D 343 2.06 -5.85 22.44
CA GLN D 343 2.71 -5.32 21.24
C GLN D 343 4.24 -5.41 21.28
N SER D 344 4.86 -5.12 22.43
CA SER D 344 6.30 -4.84 22.45
C SER D 344 7.15 -6.10 22.29
N VAL D 345 6.96 -7.06 23.21
CA VAL D 345 7.77 -8.28 23.23
C VAL D 345 7.61 -9.05 21.91
N TYR D 346 6.38 -9.15 21.44
CA TYR D 346 6.16 -9.85 20.20
C TYR D 346 6.51 -8.99 19.00
N SER D 347 6.69 -7.68 19.17
CA SER D 347 7.20 -6.87 18.07
C SER D 347 8.64 -7.25 17.74
N SER D 348 9.49 -7.26 18.77
CA SER D 348 10.88 -7.66 18.54
C SER D 348 10.97 -9.13 18.07
N TYR D 349 10.22 -10.01 18.74
CA TYR D 349 10.27 -11.43 18.40
C TYR D 349 9.72 -11.69 17.01
N PHE D 350 8.70 -10.94 16.58
CA PHE D 350 8.09 -11.19 15.28
C PHE D 350 8.98 -10.68 14.16
N ALA D 351 9.68 -9.56 14.38
CA ALA D 351 10.63 -9.09 13.38
C ALA D 351 11.71 -10.13 13.11
N THR D 352 12.34 -10.62 14.19
CA THR D 352 13.36 -11.65 14.04
C THR D 352 12.80 -12.92 13.41
N LEU D 353 11.62 -13.35 13.87
CA LEU D 353 10.97 -14.56 13.39
C LEU D 353 10.68 -14.51 11.90
N PHE D 354 10.05 -13.43 11.43
CA PHE D 354 9.63 -13.36 10.04
C PHE D 354 10.83 -13.28 9.10
N PHE D 355 11.86 -12.49 9.47
CA PHE D 355 13.02 -12.38 8.59
C PHE D 355 13.77 -13.70 8.49
N THR D 356 14.09 -14.31 9.63
CA THR D 356 14.86 -15.55 9.59
C THR D 356 14.03 -16.71 9.03
N SER D 357 12.71 -16.63 9.17
CA SER D 357 11.87 -17.68 8.61
C SER D 357 11.83 -17.60 7.08
N CYS D 358 11.81 -16.39 6.54
CA CYS D 358 11.91 -16.24 5.09
C CYS D 358 13.25 -16.77 4.57
N LEU D 359 14.34 -16.48 5.29
CA LEU D 359 15.65 -17.02 4.90
C LEU D 359 15.65 -18.56 4.94
N ALA D 360 15.04 -19.13 5.98
CA ALA D 360 15.05 -20.58 6.14
C ALA D 360 14.22 -21.27 5.08
N VAL D 361 13.07 -20.71 4.71
CA VAL D 361 12.24 -21.38 3.71
C VAL D 361 12.86 -21.25 2.32
N CYS D 362 13.59 -20.15 2.06
CA CYS D 362 14.29 -20.03 0.79
C CYS D 362 15.41 -21.06 0.67
N ALA D 363 16.21 -21.21 1.73
CA ALA D 363 17.30 -22.19 1.70
C ALA D 363 16.77 -23.62 1.63
N LEU D 364 15.65 -23.90 2.30
CA LEU D 364 15.07 -25.24 2.23
C LEU D 364 14.54 -25.55 0.85
N ALA D 365 13.91 -24.58 0.20
CA ALA D 365 13.41 -24.82 -1.15
C ALA D 365 14.56 -25.03 -2.12
N TYR D 366 15.69 -24.36 -1.90
CA TYR D 366 16.86 -24.64 -2.74
C TYR D 366 17.40 -26.04 -2.51
N PHE D 367 17.50 -26.48 -1.25
CA PHE D 367 18.00 -27.83 -0.98
C PHE D 367 17.07 -28.89 -1.55
N LEU D 368 15.76 -28.66 -1.51
CA LEU D 368 14.84 -29.68 -1.99
C LEU D 368 14.75 -29.67 -3.52
N ALA D 369 15.04 -28.53 -4.14
CA ALA D 369 14.88 -28.46 -5.59
C ALA D 369 16.08 -29.04 -6.35
N ALA D 370 17.28 -28.49 -6.14
CA ALA D 370 18.38 -28.72 -7.06
C ALA D 370 19.31 -29.85 -6.63
N THR D 371 19.88 -29.75 -5.43
CA THR D 371 20.96 -30.62 -5.01
C THR D 371 20.46 -32.04 -4.78
N SER D 372 21.21 -33.02 -5.30
CA SER D 372 20.87 -34.43 -5.16
C SER D 372 21.15 -34.85 -3.71
N THR D 373 20.15 -34.64 -2.87
CA THR D 373 20.26 -34.94 -1.45
C THR D 373 20.27 -36.45 -1.21
N SER D 374 20.61 -36.82 0.02
CA SER D 374 20.85 -38.22 0.38
C SER D 374 19.60 -38.97 0.79
N PHE D 375 18.42 -38.35 0.70
CA PHE D 375 17.09 -38.94 0.86
C PHE D 375 16.81 -39.32 2.32
N THR D 376 17.79 -39.25 3.19
CA THR D 376 17.57 -39.42 4.62
C THR D 376 17.23 -38.10 5.28
N ARG D 377 17.35 -36.99 4.55
CA ARG D 377 16.97 -35.70 5.06
C ARG D 377 15.76 -35.11 4.37
N VAL D 378 15.14 -35.86 3.45
CA VAL D 378 13.86 -35.44 2.90
C VAL D 378 12.73 -35.47 3.92
N PRO D 379 12.57 -36.49 4.79
CA PRO D 379 11.54 -36.39 5.83
C PRO D 379 11.79 -35.31 6.88
N GLY D 380 13.01 -34.81 7.01
CA GLY D 380 13.23 -33.69 7.91
C GLY D 380 12.90 -32.38 7.25
N MET D 381 13.35 -32.22 6.01
CA MET D 381 13.16 -30.99 5.27
C MET D 381 11.73 -30.82 4.78
N VAL D 382 10.94 -31.90 4.72
CA VAL D 382 9.54 -31.76 4.34
C VAL D 382 8.65 -31.55 5.57
N LEU D 383 9.16 -31.80 6.78
CA LEU D 383 8.42 -31.44 7.98
C LEU D 383 8.76 -30.06 8.49
N TYR D 384 10.01 -29.61 8.29
CA TYR D 384 10.37 -28.26 8.72
C TYR D 384 9.65 -27.21 7.90
N LEU D 385 9.39 -27.51 6.61
CA LEU D 385 8.63 -26.61 5.75
C LEU D 385 7.18 -26.49 6.24
N MET D 386 6.56 -27.63 6.57
CA MET D 386 5.18 -27.61 7.02
C MET D 386 5.06 -26.93 8.38
N TYR D 387 6.06 -27.12 9.25
CA TYR D 387 6.05 -26.45 10.54
C TYR D 387 6.16 -24.94 10.39
N ILE D 388 7.05 -24.49 9.49
CA ILE D 388 7.24 -23.06 9.28
C ILE D 388 5.97 -22.43 8.70
N PHE D 389 5.38 -23.07 7.69
CA PHE D 389 4.17 -22.54 7.08
C PHE D 389 3.00 -22.55 8.05
N LEU D 390 2.85 -23.61 8.86
CA LEU D 390 1.76 -23.67 9.83
C LEU D 390 1.92 -22.62 10.91
N ARG D 391 3.14 -22.40 11.39
CA ARG D 391 3.37 -21.43 12.45
C ARG D 391 3.11 -20.01 11.95
N ILE D 392 3.62 -19.68 10.76
CA ILE D 392 3.42 -18.34 10.22
C ILE D 392 1.95 -18.10 9.92
N PHE D 393 1.27 -19.11 9.37
CA PHE D 393 -0.14 -18.95 9.03
C PHE D 393 -1.01 -18.80 10.26
N LEU D 394 -0.71 -19.54 11.33
CA LEU D 394 -1.51 -19.41 12.55
C LEU D 394 -1.29 -18.07 13.22
N LEU D 395 -0.04 -17.58 13.24
CA LEU D 395 0.24 -16.26 13.80
C LEU D 395 -0.49 -15.17 13.04
N CYS D 396 -0.44 -15.23 11.70
CA CYS D 396 -1.08 -14.20 10.89
C CYS D 396 -2.60 -14.27 11.01
N LEU D 397 -3.17 -15.48 11.11
CA LEU D 397 -4.61 -15.62 11.22
C LEU D 397 -5.12 -15.06 12.55
N LEU D 398 -4.47 -15.45 13.66
CA LEU D 398 -4.91 -14.95 14.94
C LEU D 398 -4.51 -13.50 15.18
N ALA D 399 -3.65 -12.92 14.34
CA ALA D 399 -3.46 -11.48 14.41
C ALA D 399 -4.47 -10.73 13.56
N THR D 400 -5.03 -11.37 12.52
CA THR D 400 -6.04 -10.71 11.71
C THR D 400 -7.41 -10.74 12.37
N GLU D 401 -7.68 -11.81 13.15
CA GLU D 401 -8.98 -11.97 13.78
C GLU D 401 -9.26 -10.85 14.77
N VAL D 402 -8.23 -10.37 15.47
CA VAL D 402 -8.43 -9.33 16.48
C VAL D 402 -8.81 -8.01 15.83
N ALA D 403 -8.14 -7.65 14.73
CA ALA D 403 -8.48 -6.43 14.02
C ALA D 403 -9.87 -6.51 13.42
N GLU D 404 -10.25 -7.69 12.90
CA GLU D 404 -11.60 -7.82 12.37
C GLU D 404 -12.65 -7.73 13.46
N GLN D 405 -12.37 -8.23 14.65
CA GLN D 405 -13.34 -8.11 15.73
C GLN D 405 -13.42 -6.68 16.25
N GLY D 406 -12.32 -5.93 16.20
CA GLY D 406 -12.40 -4.51 16.55
C GLY D 406 -13.24 -3.71 15.58
N LEU D 407 -13.03 -3.95 14.28
CA LEU D 407 -13.84 -3.25 13.28
C LEU D 407 -15.29 -3.70 13.32
N ASN D 408 -15.54 -4.94 13.75
CA ASN D 408 -16.92 -5.38 13.95
C ASN D 408 -17.53 -4.74 15.18
N LEU D 409 -16.72 -4.46 16.20
CA LEU D 409 -17.17 -3.70 17.35
C LEU D 409 -17.52 -2.26 16.98
N CYS D 410 -16.90 -1.71 15.94
CA CYS D 410 -17.29 -0.39 15.45
C CYS D 410 -18.75 -0.31 15.00
N HIS D 411 -19.31 -1.38 14.41
CA HIS D 411 -20.67 -1.39 13.91
C HIS D 411 -21.69 -1.81 14.96
N ALA D 412 -21.32 -1.84 16.23
CA ALA D 412 -22.20 -2.34 17.27
C ALA D 412 -23.12 -1.23 17.75
N GLY D 413 -24.38 -1.59 18.01
CA GLY D 413 -25.38 -0.66 18.50
C GLY D 413 -26.08 0.13 17.42
N TYR D 414 -25.52 0.18 16.22
CA TYR D 414 -26.08 0.99 15.15
C TYR D 414 -27.38 0.38 14.65
N SER D 415 -28.50 0.95 15.12
CA SER D 415 -29.81 0.41 14.77
C SER D 415 -30.89 1.47 14.96
N SER D 416 -32.16 1.05 14.95
CA SER D 416 -33.26 2.00 15.08
C SER D 416 -33.39 2.53 16.50
N LYS D 417 -32.91 1.77 17.48
CA LYS D 417 -33.07 2.19 18.87
C LYS D 417 -32.14 3.36 19.19
N LEU D 418 -30.99 3.43 18.52
CA LEU D 418 -30.02 4.48 18.76
C LEU D 418 -30.58 5.85 18.38
N VAL D 419 -31.49 5.89 17.42
CA VAL D 419 -32.12 7.13 16.99
C VAL D 419 -33.08 7.60 18.08
N LEU D 420 -33.65 6.65 18.83
CA LEU D 420 -34.65 6.99 19.83
C LEU D 420 -34.07 7.08 21.24
N ALA D 421 -32.76 7.03 21.39
CA ALA D 421 -32.15 7.15 22.70
C ALA D 421 -31.91 8.61 23.05
N SER D 422 -31.41 8.84 24.26
CA SER D 422 -31.16 10.19 24.73
C SER D 422 -29.89 10.75 24.10
N ASP D 423 -29.48 11.92 24.58
CA ASP D 423 -28.23 12.50 24.11
C ASP D 423 -27.03 11.78 24.70
N HIS D 424 -27.20 11.21 25.90
CA HIS D 424 -26.11 10.53 26.59
C HIS D 424 -25.67 9.29 25.84
N VAL D 425 -26.63 8.47 25.41
CA VAL D 425 -26.32 7.25 24.68
C VAL D 425 -25.77 7.58 23.31
N ARG D 426 -26.36 8.56 22.63
CA ARG D 426 -25.89 8.97 21.31
C ARG D 426 -24.53 9.65 21.35
N SER D 427 -24.06 10.10 22.52
CA SER D 427 -22.71 10.57 22.66
C SER D 427 -21.72 9.48 23.02
N THR D 428 -22.08 8.58 23.94
CA THR D 428 -21.14 7.54 24.36
C THR D 428 -20.96 6.49 23.28
N ILE D 429 -22.03 6.16 22.54
CA ILE D 429 -21.88 5.21 21.44
C ILE D 429 -21.02 5.81 20.33
N GLN D 430 -21.15 7.12 20.12
CA GLN D 430 -20.29 7.81 19.16
C GLN D 430 -18.83 7.78 19.60
N ALA D 431 -18.59 7.96 20.89
CA ALA D 431 -17.22 7.90 21.41
C ALA D 431 -16.63 6.49 21.28
N ILE D 432 -17.44 5.47 21.59
CA ILE D 432 -17.00 4.08 21.46
C ILE D 432 -16.68 3.76 20.01
N ALA D 433 -17.48 4.27 19.07
CA ALA D 433 -17.24 3.99 17.66
C ALA D 433 -15.98 4.69 17.15
N THR D 434 -15.78 5.96 17.53
CA THR D 434 -14.63 6.68 17.01
C THR D 434 -13.35 6.23 17.69
N ARG D 435 -13.45 5.55 18.83
CA ARG D 435 -12.26 4.89 19.38
C ARG D 435 -12.06 3.53 18.75
N ALA D 436 -13.14 2.85 18.38
CA ALA D 436 -13.02 1.51 17.83
C ALA D 436 -12.59 1.55 16.37
N GLN D 437 -12.65 2.72 15.73
CA GLN D 437 -12.15 2.84 14.36
C GLN D 437 -10.64 2.63 14.29
N ILE D 438 -9.92 2.88 15.37
CA ILE D 438 -8.48 2.63 15.37
C ILE D 438 -8.24 1.13 15.52
N PRO D 439 -7.53 0.48 14.60
CA PRO D 439 -7.39 -0.98 14.66
C PRO D 439 -6.36 -1.44 15.66
N LEU D 440 -6.66 -2.56 16.31
CA LEU D 440 -5.74 -3.21 17.23
C LEU D 440 -4.84 -4.12 16.41
N SER D 441 -3.62 -3.67 16.14
CA SER D 441 -2.72 -4.38 15.25
C SER D 441 -1.42 -4.68 15.97
N ILE D 442 -0.88 -5.87 15.73
CA ILE D 442 0.43 -6.25 16.25
C ILE D 442 1.45 -6.05 15.15
N THR D 443 2.37 -5.13 15.35
CA THR D 443 3.39 -4.81 14.35
C THR D 443 4.70 -5.46 14.74
N GLY D 444 5.48 -5.86 13.75
CA GLY D 444 6.77 -6.44 14.03
C GLY D 444 7.87 -5.39 14.04
N ALA D 445 8.21 -4.90 15.23
CA ALA D 445 9.17 -3.82 15.46
C ALA D 445 8.87 -2.58 14.62
N ARG D 446 7.59 -2.32 14.37
CA ARG D 446 7.05 -1.22 13.57
C ARG D 446 7.46 -1.27 12.11
N PHE D 447 8.08 -2.35 11.65
CA PHE D 447 8.45 -2.46 10.23
C PHE D 447 7.29 -2.89 9.36
N PHE D 448 6.42 -3.75 9.87
CA PHE D 448 5.29 -4.25 9.10
C PHE D 448 4.16 -4.60 10.06
N THR D 449 2.97 -4.72 9.51
CA THR D 449 1.78 -5.10 10.27
C THR D 449 1.51 -6.58 10.02
N VAL D 450 1.43 -7.35 11.10
CA VAL D 450 1.20 -8.78 10.98
C VAL D 450 -0.26 -9.00 10.59
N ASN D 451 -0.50 -9.20 9.30
CA ASN D 451 -1.82 -9.46 8.77
C ASN D 451 -1.76 -10.71 7.92
N LEU D 452 -2.85 -11.01 7.23
CA LEU D 452 -2.80 -12.09 6.26
C LEU D 452 -2.31 -11.62 4.91
N SER D 453 -2.46 -10.33 4.58
CA SER D 453 -1.90 -9.80 3.36
C SER D 453 -0.38 -9.77 3.40
N PHE D 454 0.18 -9.59 4.60
CA PHE D 454 1.63 -9.65 4.75
C PHE D 454 2.16 -11.04 4.45
N LEU D 455 1.36 -12.08 4.73
CA LEU D 455 1.76 -13.44 4.37
C LEU D 455 1.82 -13.61 2.86
N ALA D 456 0.88 -13.00 2.13
CA ALA D 456 0.91 -13.08 0.68
C ALA D 456 2.10 -12.33 0.09
N SER D 457 2.39 -11.14 0.64
CA SER D 457 3.54 -10.38 0.17
C SER D 457 4.85 -11.10 0.46
N MET D 458 4.95 -11.73 1.64
CA MET D 458 6.16 -12.46 1.98
C MET D 458 6.30 -13.72 1.16
N ALA D 459 5.18 -14.36 0.81
CA ALA D 459 5.25 -15.53 -0.06
C ALA D 459 5.69 -15.15 -1.46
N GLY D 460 5.27 -13.97 -1.94
CA GLY D 460 5.77 -13.49 -3.22
C GLY D 460 7.27 -13.23 -3.20
N VAL D 461 7.76 -12.63 -2.10
CA VAL D 461 9.20 -12.41 -1.96
C VAL D 461 9.95 -13.72 -1.90
N MET D 462 9.39 -14.72 -1.20
CA MET D 462 10.00 -16.04 -1.13
C MET D 462 10.07 -16.71 -2.49
N LEU D 463 9.01 -16.55 -3.30
CA LEU D 463 9.01 -17.15 -4.63
C LEU D 463 10.03 -16.48 -5.54
N THR D 464 10.16 -15.15 -5.46
CA THR D 464 11.15 -14.44 -6.25
C THR D 464 12.57 -14.86 -5.89
N TYR D 465 12.87 -14.93 -4.60
CA TYR D 465 14.24 -15.28 -4.20
C TYR D 465 14.51 -16.76 -4.40
N PHE D 466 13.47 -17.60 -4.39
CA PHE D 466 13.67 -19.01 -4.73
C PHE D 466 13.99 -19.18 -6.21
N ILE D 467 13.33 -18.40 -7.07
CA ILE D 467 13.65 -18.43 -8.50
C ILE D 467 15.08 -17.97 -8.74
N VAL D 468 15.51 -16.91 -8.03
CA VAL D 468 16.88 -16.41 -8.18
C VAL D 468 17.90 -17.44 -7.70
N LEU D 469 17.67 -18.03 -6.52
CA LEU D 469 18.61 -18.98 -5.96
C LEU D 469 18.63 -20.28 -6.76
N LEU D 470 17.53 -20.61 -7.43
CA LEU D 470 17.55 -21.74 -8.34
C LEU D 470 18.35 -21.43 -9.59
N GLN D 471 18.24 -20.19 -10.10
CA GLN D 471 18.96 -19.82 -11.31
C GLN D 471 20.46 -19.71 -11.05
N VAL D 472 20.85 -19.42 -9.81
CA VAL D 472 22.28 -19.27 -9.53
C VAL D 472 22.98 -20.63 -9.48
N ASN D 473 22.22 -21.69 -9.19
CA ASN D 473 22.71 -23.07 -9.02
C ASN D 473 23.84 -23.19 -8.01
CAA DE3 E . -13.76 -23.45 -21.49
CAB DE3 E . -14.71 -22.76 -20.79
CAC DE3 E . -12.94 -22.78 -22.38
CAD DE3 E . -14.86 -21.40 -20.93
CAE DE3 E . -14.04 -20.71 -21.81
CAF DE3 E . -13.09 -21.41 -22.54
CAG DE3 E . -15.92 -20.69 -20.13
CAH DE3 E . -13.63 -24.96 -21.30
CAI DE3 E . -11.81 -27.61 -20.91
CAJ DE3 E . -12.30 -24.70 -19.15
CAK DE3 E . -12.87 -26.97 -20.02
CAL DE3 E . -10.90 -24.32 -19.61
NAM DE3 E . -12.94 -25.53 -20.17
OAN DE3 E . -14.14 -25.66 -22.10
CAA DE3 F . 5.92 15.66 -30.43
CAB DE3 F . 5.09 16.39 -29.62
CAC DE3 F . 7.22 15.40 -30.03
CAD DE3 F . 5.53 16.86 -28.40
CAE DE3 F . 6.82 16.62 -27.98
CAF DE3 F . 7.68 15.89 -28.80
CAG DE3 F . 4.56 17.66 -27.53
CAH DE3 F . 5.41 15.16 -31.76
CAI DE3 F . 5.15 12.80 -33.98
CAJ DE3 F . 4.21 13.19 -30.70
CAK DE3 F . 4.09 13.53 -33.16
CAL DE3 F . 5.31 12.18 -30.39
NAM DE3 F . 4.58 13.97 -31.87
OAN DE3 F . 5.69 15.77 -32.73
CAA DE3 G . 32.89 9.95 4.82
CAB DE3 G . 32.03 10.54 5.71
CAC DE3 G . 33.05 8.58 4.81
CAD DE3 G . 31.30 9.78 6.59
CAE DE3 G . 31.45 8.41 6.61
CAF DE3 G . 32.33 7.80 5.71
CAG DE3 G . 30.36 10.47 7.55
CAH DE3 G . 33.68 10.82 3.84
CAI DE3 G . 34.83 11.41 0.87
CAJ DE3 G . 31.70 11.06 2.26
CAK DE3 G . 33.86 12.20 1.75
CAL DE3 G . 31.66 9.73 1.51
NAM DE3 G . 33.08 11.35 2.63
OAN DE3 G . 34.79 11.10 4.12
CAA DE3 H . 13.10 -29.12 13.68
CAB DE3 H . 12.12 -28.57 14.47
CAC DE3 H . 12.80 -29.58 12.42
CAD DE3 H . 10.84 -28.45 14.00
CAE DE3 H . 10.52 -28.89 12.73
CAF DE3 H . 11.50 -29.46 11.94
CAG DE3 H . 9.78 -27.81 14.89
CAH DE3 H . 14.52 -29.25 14.24
CAI DE3 H . 17.73 -28.98 13.87
CAJ DE3 H . 15.06 -26.83 13.74
CAK DE3 H . 16.76 -28.28 14.83
CAL DE3 H . 15.32 -26.78 12.25
NAM DE3 H . 15.44 -28.12 14.26
OAN DE3 H . 14.85 -30.30 14.68
#